data_4GX1
#
_entry.id   4GX1
#
_cell.length_a   234.323
_cell.length_b   111.442
_cell.length_c   164.743
_cell.angle_alpha   90.00
_cell.angle_beta   134.93
_cell.angle_gamma   90.00
#
_symmetry.space_group_name_H-M   'C 1 2 1'
#
loop_
_entity.id
_entity.type
_entity.pdbx_description
1 polymer 'TrkA domain protein'
2 non-polymer 'POTASSIUM ION'
3 non-polymer 'ZINC ION'
4 non-polymer 'CALCIUM ION'
5 non-polymer "ADENOSINE-5'-DIPHOSPHATE"
6 non-polymer alpha-D-glucopyranose
7 non-polymer 'PHOSPHATE ION'
8 water water
#
_entity_poly.entity_id   1
_entity_poly.type   'polypeptide(L)'
_entity_poly.pdbx_seq_one_letter_code
;MQRGSAYFLRGRARQNLKVLLLYCAFLLVMLLAYASIFRYLMWHLEGRAYSFMAGIYWTITVMTTLGFGDITFESDAGYL
FASIVTVSGVIFLDIILPFGFVSMFLAPWIERRLRYHPTIELPDDTRGHILIFGIDPITRTLIRKLESRNHLFVVVTDNY
DQALHLEEQEGFKVVYGSPTDAHVLAGLRVAAARSIIANLSDPDNANLCLTVRSLCQTPIIAVVKEPVHGELLRLAGANQ
VVPLTRILGRYLGIRATTCGALAHILDSFGNLQIAELPVHGTPFAGKTIGESGIRQRTGLSIIGVWERGSLTTPQRETVL
TEQSLLVLAGTKSQLAALEYLIGEAPEDELIFIIGHGRIGCAAAAFLDRKPVPFILIDRQESPVCNDHVVVYGDATVGQT
LRQAGIDRASGIIVTTNDDSTNIFLTLACRHLHSHIRIVARANGEENVDQLYAAGADFVVSNASVGANILGNLLEHKESA
FLSEGMAVFRRPLPPAMAGKTIAETRLRPLTGCSIVAIEAPDRADILISPPPETILAEGARLILIGTSEQEKTFDQTIAA
RLVPR
;
_entity_poly.pdbx_strand_id   A,B,C,D
#
# COMPACT_ATOMS: atom_id res chain seq x y z
N GLN A 15 -62.23 -32.52 18.92
CA GLN A 15 -63.30 -33.52 18.91
C GLN A 15 -62.89 -34.77 19.69
N ASN A 16 -61.63 -35.15 19.57
CA ASN A 16 -61.11 -36.34 20.22
C ASN A 16 -61.19 -36.27 21.74
N LEU A 17 -60.97 -35.08 22.28
CA LEU A 17 -61.01 -34.88 23.73
C LEU A 17 -62.40 -35.17 24.28
N LYS A 18 -63.41 -34.62 23.62
CA LYS A 18 -64.78 -34.74 24.11
C LYS A 18 -65.26 -36.20 24.23
N VAL A 19 -65.20 -36.94 23.13
CA VAL A 19 -65.59 -38.35 23.13
C VAL A 19 -64.81 -39.15 24.20
N LEU A 20 -63.53 -38.86 24.33
CA LEU A 20 -62.68 -39.54 25.30
C LEU A 20 -63.12 -39.25 26.73
N LEU A 21 -63.34 -37.97 27.04
CA LEU A 21 -63.71 -37.61 28.40
C LEU A 21 -65.21 -37.82 28.66
N LEU A 22 -66.00 -37.87 27.60
CA LEU A 22 -67.40 -38.27 27.71
C LEU A 22 -67.46 -39.75 28.08
N TYR A 23 -66.42 -40.48 27.68
CA TYR A 23 -66.32 -41.89 28.01
C TYR A 23 -65.98 -42.04 29.49
N CYS A 24 -65.04 -41.22 29.95
CA CYS A 24 -64.65 -41.19 31.36
C CYS A 24 -65.84 -40.94 32.26
N ALA A 25 -66.75 -40.07 31.81
CA ALA A 25 -67.95 -39.76 32.55
C ALA A 25 -68.84 -41.00 32.68
N PHE A 26 -69.01 -41.71 31.58
CA PHE A 26 -69.82 -42.93 31.58
C PHE A 26 -69.21 -43.97 32.51
N LEU A 27 -67.88 -44.05 32.50
CA LEU A 27 -67.17 -44.93 33.41
C LEU A 27 -67.48 -44.56 34.85
N LEU A 28 -67.23 -43.31 35.21
CA LEU A 28 -67.47 -42.79 36.55
C LEU A 28 -68.91 -43.06 37.04
N VAL A 29 -69.88 -42.91 36.15
CA VAL A 29 -71.27 -43.21 36.47
C VAL A 29 -71.41 -44.70 36.77
N MET A 30 -70.86 -45.52 35.88
CA MET A 30 -70.90 -46.97 36.01
C MET A 30 -70.28 -47.45 37.32
N LEU A 31 -69.24 -46.74 37.76
CA LEU A 31 -68.59 -47.03 39.03
C LEU A 31 -69.56 -46.81 40.19
N LEU A 32 -70.08 -45.60 40.31
CA LEU A 32 -71.04 -45.25 41.34
C LEU A 32 -72.25 -46.17 41.30
N ALA A 33 -72.70 -46.50 40.09
CA ALA A 33 -73.81 -47.43 39.92
C ALA A 33 -73.49 -48.79 40.52
N TYR A 34 -72.33 -49.33 40.17
CA TYR A 34 -71.94 -50.64 40.68
C TYR A 34 -71.62 -50.64 42.17
N ALA A 35 -71.10 -49.52 42.67
CA ALA A 35 -70.79 -49.39 44.09
C ALA A 35 -72.06 -49.44 44.92
N SER A 36 -73.11 -48.80 44.42
CA SER A 36 -74.37 -48.71 45.13
C SER A 36 -75.13 -50.03 45.11
N ILE A 37 -75.15 -50.65 43.93
CA ILE A 37 -75.79 -51.96 43.78
C ILE A 37 -75.07 -52.96 44.66
N PHE A 38 -73.75 -52.84 44.73
CA PHE A 38 -72.93 -53.69 45.60
C PHE A 38 -73.36 -53.60 47.05
N ARG A 39 -73.55 -52.37 47.54
CA ARG A 39 -73.97 -52.16 48.91
C ARG A 39 -75.39 -52.69 49.11
N TYR A 40 -76.25 -52.40 48.14
CA TYR A 40 -77.63 -52.85 48.18
C TYR A 40 -77.75 -54.37 48.22
N LEU A 41 -77.01 -55.06 47.37
CA LEU A 41 -77.05 -56.52 47.35
C LEU A 41 -76.41 -57.12 48.59
N MET A 42 -75.24 -56.62 48.97
CA MET A 42 -74.58 -57.05 50.20
C MET A 42 -75.54 -56.96 51.38
N TRP A 43 -76.28 -55.86 51.46
CA TRP A 43 -77.26 -55.71 52.52
C TRP A 43 -78.40 -56.70 52.39
N HIS A 44 -79.22 -56.55 51.36
CA HIS A 44 -80.46 -57.33 51.24
C HIS A 44 -80.25 -58.82 51.03
N LEU A 45 -79.14 -59.19 50.41
CA LEU A 45 -78.89 -60.61 50.14
C LEU A 45 -78.14 -61.34 51.24
N GLU A 46 -77.23 -60.65 51.92
CA GLU A 46 -76.33 -61.34 52.81
C GLU A 46 -76.30 -60.74 54.22
N GLY A 47 -77.01 -59.62 54.39
CA GLY A 47 -77.12 -59.00 55.69
C GLY A 47 -75.81 -58.38 56.15
N ARG A 48 -74.97 -58.02 55.18
CA ARG A 48 -73.71 -57.35 55.45
C ARG A 48 -73.83 -55.87 55.11
N ALA A 49 -73.31 -55.01 55.97
CA ALA A 49 -73.37 -53.58 55.70
C ALA A 49 -71.97 -53.08 55.38
N TYR A 50 -71.84 -52.49 54.19
CA TYR A 50 -70.58 -51.90 53.75
C TYR A 50 -70.75 -50.40 53.52
N SER A 51 -69.66 -49.67 53.70
CA SER A 51 -69.66 -48.22 53.51
C SER A 51 -69.62 -47.84 52.04
N PHE A 52 -69.82 -46.55 51.76
CA PHE A 52 -69.73 -46.06 50.40
C PHE A 52 -68.31 -46.25 49.86
N MET A 53 -67.33 -45.94 50.68
CA MET A 53 -65.93 -46.08 50.27
C MET A 53 -65.62 -47.52 49.97
N ALA A 54 -66.32 -48.41 50.66
CA ALA A 54 -66.07 -49.84 50.48
C ALA A 54 -66.60 -50.30 49.14
N GLY A 55 -67.68 -49.66 48.69
CA GLY A 55 -68.30 -50.00 47.42
C GLY A 55 -67.46 -49.55 46.23
N ILE A 56 -66.90 -48.36 46.33
CA ILE A 56 -65.94 -47.85 45.36
C ILE A 56 -64.73 -48.79 45.28
N TYR A 57 -64.09 -48.97 46.43
CA TYR A 57 -62.91 -49.84 46.57
C TYR A 57 -63.16 -51.24 46.00
N TRP A 58 -64.32 -51.80 46.30
CA TRP A 58 -64.67 -53.12 45.77
C TRP A 58 -64.83 -53.09 44.24
N THR A 59 -65.59 -52.12 43.76
CA THR A 59 -65.86 -52.04 42.34
C THR A 59 -64.59 -51.76 41.56
N ILE A 60 -63.76 -50.84 42.07
CA ILE A 60 -62.47 -50.59 41.47
C ILE A 60 -61.67 -51.89 41.46
N THR A 61 -61.66 -52.58 42.60
CA THR A 61 -60.96 -53.85 42.73
C THR A 61 -61.37 -54.93 41.71
N VAL A 62 -62.65 -54.97 41.37
CA VAL A 62 -63.18 -55.97 40.45
C VAL A 62 -63.07 -55.56 38.97
N MET A 63 -63.45 -54.33 38.66
CA MET A 63 -63.42 -53.86 37.26
C MET A 63 -61.99 -53.70 36.77
N THR A 64 -61.07 -53.56 37.72
CA THR A 64 -59.67 -53.36 37.40
C THR A 64 -58.93 -54.71 37.38
N THR A 65 -59.67 -55.78 37.70
CA THR A 65 -59.20 -57.15 37.77
C THR A 65 -58.14 -57.38 38.81
N LEU A 66 -58.00 -56.48 39.76
CA LEU A 66 -57.00 -56.68 40.77
C LEU A 66 -57.41 -57.94 41.44
N GLY A 67 -58.56 -57.89 42.07
CA GLY A 67 -59.12 -59.04 42.75
C GLY A 67 -58.59 -59.43 44.13
N PHE A 68 -58.49 -58.51 45.06
CA PHE A 68 -58.03 -58.81 46.39
C PHE A 68 -58.71 -60.00 47.05
N GLY A 69 -60.00 -60.18 46.84
CA GLY A 69 -60.72 -61.28 47.44
C GLY A 69 -61.11 -61.14 48.87
N ASP A 70 -60.80 -60.00 49.47
CA ASP A 70 -61.12 -59.72 50.86
C ASP A 70 -62.61 -59.44 51.03
N ILE A 71 -63.25 -58.97 49.97
CA ILE A 71 -64.69 -58.77 50.00
C ILE A 71 -65.37 -59.53 48.86
N THR A 72 -65.97 -60.67 49.20
CA THR A 72 -66.63 -61.52 48.22
C THR A 72 -68.01 -61.90 48.72
N PHE A 73 -68.96 -62.03 47.80
CA PHE A 73 -70.29 -62.53 48.12
C PHE A 73 -70.24 -64.03 48.40
N GLU A 74 -71.27 -64.56 49.02
CA GLU A 74 -71.32 -65.99 49.28
C GLU A 74 -72.51 -66.63 48.58
N SER A 75 -73.43 -65.78 48.13
CA SER A 75 -74.67 -66.27 47.51
C SER A 75 -74.57 -66.32 45.98
N ASP A 76 -75.46 -67.09 45.37
CA ASP A 76 -75.48 -67.20 43.92
C ASP A 76 -75.76 -65.86 43.26
N ALA A 77 -76.71 -65.12 43.82
CA ALA A 77 -77.07 -63.82 43.27
C ALA A 77 -75.89 -62.86 43.41
N GLY A 78 -75.12 -63.01 44.46
CA GLY A 78 -73.94 -62.20 44.64
C GLY A 78 -72.84 -62.60 43.67
N TYR A 79 -72.75 -63.91 43.41
CA TYR A 79 -71.83 -64.43 42.40
C TYR A 79 -72.19 -63.89 41.01
N LEU A 80 -73.47 -63.96 40.66
CA LEU A 80 -73.95 -63.49 39.36
C LEU A 80 -73.62 -62.01 39.17
N PHE A 81 -73.90 -61.20 40.18
CA PHE A 81 -73.54 -59.79 40.16
C PHE A 81 -72.03 -59.59 39.95
N ALA A 82 -71.23 -60.28 40.75
CA ALA A 82 -69.79 -60.16 40.65
C ALA A 82 -69.28 -60.52 39.25
N SER A 83 -69.89 -61.51 38.61
CA SER A 83 -69.53 -61.90 37.27
C SER A 83 -69.82 -60.79 36.27
N ILE A 84 -70.96 -60.12 36.47
CA ILE A 84 -71.37 -59.01 35.62
C ILE A 84 -70.40 -57.84 35.70
N VAL A 85 -69.99 -57.51 36.92
CA VAL A 85 -69.07 -56.38 37.12
C VAL A 85 -67.67 -56.74 36.60
N THR A 86 -67.31 -58.01 36.68
CA THR A 86 -66.03 -58.45 36.16
C THR A 86 -65.98 -58.32 34.65
N VAL A 87 -67.03 -58.81 33.99
CA VAL A 87 -67.11 -58.75 32.53
C VAL A 87 -67.20 -57.31 32.06
N SER A 88 -67.84 -56.46 32.86
CA SER A 88 -67.90 -55.03 32.57
C SER A 88 -66.52 -54.38 32.52
N GLY A 89 -65.68 -54.72 33.50
CA GLY A 89 -64.34 -54.19 33.54
C GLY A 89 -63.57 -54.57 32.30
N VAL A 90 -63.77 -55.80 31.84
CA VAL A 90 -63.08 -56.31 30.67
C VAL A 90 -63.59 -55.64 29.39
N ILE A 91 -64.91 -55.61 29.22
CA ILE A 91 -65.49 -54.95 28.07
C ILE A 91 -65.13 -53.47 28.00
N PHE A 92 -65.20 -52.79 29.14
CA PHE A 92 -65.07 -51.33 29.13
C PHE A 92 -63.67 -50.77 29.39
N LEU A 93 -62.73 -51.61 29.80
CA LEU A 93 -61.37 -51.12 30.08
C LEU A 93 -60.29 -51.84 29.30
N ASP A 94 -60.58 -53.06 28.87
CA ASP A 94 -59.58 -53.89 28.20
C ASP A 94 -59.92 -54.15 26.75
N ILE A 95 -61.11 -53.71 26.33
CA ILE A 95 -61.55 -53.89 24.95
C ILE A 95 -61.94 -52.57 24.32
N ILE A 96 -62.98 -51.94 24.85
CA ILE A 96 -63.46 -50.69 24.29
C ILE A 96 -62.45 -49.54 24.41
N LEU A 97 -61.93 -49.29 25.61
CA LEU A 97 -60.95 -48.22 25.78
C LEU A 97 -59.73 -48.31 24.84
N PRO A 98 -59.09 -49.50 24.72
CA PRO A 98 -58.00 -49.58 23.75
C PRO A 98 -58.46 -49.50 22.30
N PHE A 99 -59.55 -50.18 21.95
CA PHE A 99 -60.16 -50.07 20.63
C PHE A 99 -60.57 -48.63 20.37
N GLY A 100 -60.94 -47.93 21.44
CA GLY A 100 -61.24 -46.52 21.38
C GLY A 100 -60.04 -45.73 20.93
N PHE A 101 -58.91 -45.90 21.62
CA PHE A 101 -57.66 -45.25 21.26
C PHE A 101 -57.33 -45.39 19.78
N VAL A 102 -57.29 -46.63 19.30
CA VAL A 102 -56.88 -46.88 17.93
C VAL A 102 -57.87 -46.32 16.91
N SER A 103 -59.14 -46.64 17.07
CA SER A 103 -60.17 -46.19 16.14
C SER A 103 -60.38 -44.68 16.19
N MET A 104 -60.27 -44.09 17.38
CA MET A 104 -60.52 -42.67 17.54
C MET A 104 -59.34 -41.80 17.13
N PHE A 105 -58.12 -42.15 17.56
CA PHE A 105 -56.98 -41.31 17.19
C PHE A 105 -55.67 -41.98 16.76
N LEU A 106 -55.72 -43.27 16.41
CA LEU A 106 -54.60 -43.86 15.67
C LEU A 106 -54.94 -43.85 14.18
N ALA A 107 -56.23 -43.83 13.88
CA ALA A 107 -56.71 -43.76 12.50
C ALA A 107 -56.53 -42.38 11.85
N PRO A 108 -56.83 -41.29 12.58
CA PRO A 108 -56.50 -39.97 12.01
C PRO A 108 -55.02 -39.82 11.69
N TRP A 109 -54.19 -40.55 12.41
CA TRP A 109 -52.75 -40.47 12.22
C TRP A 109 -52.32 -41.08 10.88
N ILE A 110 -53.07 -42.08 10.39
CA ILE A 110 -52.73 -42.69 9.11
C ILE A 110 -53.24 -41.85 7.93
N GLU A 111 -54.45 -41.32 8.04
CA GLU A 111 -55.04 -40.57 6.94
C GLU A 111 -54.50 -39.15 6.86
N ARG A 112 -53.59 -38.80 7.76
CA ARG A 112 -53.02 -37.47 7.77
C ARG A 112 -51.50 -37.45 7.82
N ARG A 113 -50.88 -38.62 7.96
CA ARG A 113 -49.42 -38.67 8.07
C ARG A 113 -48.74 -39.74 7.22
N LEU A 114 -49.49 -40.74 6.77
CA LEU A 114 -48.92 -41.81 5.96
C LEU A 114 -49.38 -41.67 4.51
N ARG A 115 -50.52 -41.01 4.34
CA ARG A 115 -51.08 -40.75 3.01
C ARG A 115 -51.56 -39.31 2.97
N TYR A 116 -50.90 -38.47 2.17
CA TYR A 116 -51.17 -37.04 2.16
C TYR A 116 -52.60 -36.69 1.81
N HIS A 117 -53.25 -35.97 2.72
CA HIS A 117 -54.62 -35.51 2.52
C HIS A 117 -54.64 -34.00 2.35
N PRO A 118 -54.83 -33.53 1.11
CA PRO A 118 -54.87 -32.08 0.85
C PRO A 118 -56.17 -31.44 1.31
N THR A 119 -56.06 -30.19 1.73
CA THR A 119 -57.21 -29.42 2.21
C THR A 119 -58.04 -28.96 1.02
N ILE A 120 -59.31 -29.34 0.97
CA ILE A 120 -60.14 -28.99 -0.17
C ILE A 120 -61.17 -27.94 0.15
N GLU A 121 -61.13 -27.44 1.38
CA GLU A 121 -62.14 -26.53 1.89
C GLU A 121 -61.62 -25.80 3.11
N LEU A 122 -62.02 -24.55 3.28
CA LEU A 122 -61.70 -23.83 4.51
C LEU A 122 -62.85 -23.90 5.52
N PRO A 123 -62.53 -23.87 6.83
CA PRO A 123 -63.52 -23.77 7.91
C PRO A 123 -64.56 -22.71 7.61
N ASP A 124 -65.83 -23.01 7.91
CA ASP A 124 -66.96 -22.13 7.63
C ASP A 124 -66.72 -20.70 8.07
N ASP A 125 -66.15 -20.54 9.26
CA ASP A 125 -65.99 -19.23 9.88
C ASP A 125 -64.71 -18.50 9.49
N THR A 126 -64.03 -18.96 8.44
CA THR A 126 -62.82 -18.29 7.99
C THR A 126 -63.12 -16.89 7.46
N ARG A 127 -62.46 -15.89 8.03
CA ARG A 127 -62.68 -14.50 7.64
C ARG A 127 -61.39 -13.67 7.62
N GLY A 128 -61.29 -12.78 6.64
CA GLY A 128 -60.19 -11.83 6.57
C GLY A 128 -58.95 -12.37 5.89
N HIS A 129 -59.10 -13.49 5.19
CA HIS A 129 -57.95 -14.15 4.54
C HIS A 129 -57.71 -13.65 3.13
N ILE A 130 -56.45 -13.67 2.72
CA ILE A 130 -56.09 -13.28 1.36
C ILE A 130 -55.82 -14.53 0.52
N LEU A 131 -56.69 -14.78 -0.47
CA LEU A 131 -56.50 -15.89 -1.40
C LEU A 131 -55.40 -15.62 -2.43
N ILE A 132 -54.50 -16.58 -2.61
CA ILE A 132 -53.50 -16.50 -3.67
C ILE A 132 -53.75 -17.52 -4.78
N PHE A 133 -53.96 -17.05 -6.00
CA PHE A 133 -54.11 -17.93 -7.15
C PHE A 133 -52.92 -17.77 -8.08
N GLY A 134 -52.04 -18.76 -8.10
CA GLY A 134 -50.85 -18.68 -8.92
C GLY A 134 -49.61 -18.39 -8.09
N ILE A 135 -49.09 -19.42 -7.45
CA ILE A 135 -47.92 -19.23 -6.62
C ILE A 135 -46.64 -19.18 -7.47
N ASP A 136 -45.81 -18.19 -7.22
CA ASP A 136 -44.57 -18.01 -7.96
C ASP A 136 -43.58 -17.22 -7.08
N PRO A 137 -42.34 -16.97 -7.56
CA PRO A 137 -41.38 -16.19 -6.74
C PRO A 137 -41.93 -14.88 -6.21
N ILE A 138 -42.65 -14.15 -7.05
CA ILE A 138 -43.27 -12.90 -6.63
C ILE A 138 -44.25 -13.07 -5.47
N THR A 139 -45.22 -13.96 -5.64
CA THR A 139 -46.23 -14.17 -4.60
C THR A 139 -45.65 -14.88 -3.38
N ARG A 140 -44.63 -15.70 -3.58
CA ARG A 140 -43.97 -16.37 -2.47
C ARG A 140 -43.21 -15.34 -1.65
N THR A 141 -42.64 -14.37 -2.33
CA THR A 141 -41.94 -13.26 -1.69
C THR A 141 -42.93 -12.32 -1.00
N LEU A 142 -44.13 -12.22 -1.56
CA LEU A 142 -45.18 -11.39 -0.99
C LEU A 142 -45.67 -11.93 0.38
N ILE A 143 -45.95 -13.23 0.42
CA ILE A 143 -46.34 -13.90 1.65
C ILE A 143 -45.26 -13.75 2.72
N ARG A 144 -44.02 -14.06 2.36
CA ARG A 144 -42.92 -14.01 3.34
C ARG A 144 -42.54 -12.58 3.70
N LYS A 145 -43.18 -11.61 3.06
CA LYS A 145 -42.89 -10.20 3.30
C LYS A 145 -43.90 -9.58 4.25
N LEU A 146 -45.15 -10.02 4.16
CA LEU A 146 -46.21 -9.46 4.99
C LEU A 146 -46.57 -10.34 6.18
N GLU A 147 -45.61 -11.14 6.63
CA GLU A 147 -45.85 -12.05 7.76
C GLU A 147 -45.94 -11.30 9.08
N SER A 148 -45.37 -10.10 9.12
CA SER A 148 -45.35 -9.31 10.34
C SER A 148 -46.68 -8.63 10.60
N ARG A 149 -47.53 -8.59 9.58
CA ARG A 149 -48.89 -8.11 9.73
C ARG A 149 -49.77 -9.29 10.12
N ASN A 150 -49.20 -10.49 9.95
CA ASN A 150 -49.88 -11.75 10.27
C ASN A 150 -51.25 -11.93 9.61
N HIS A 151 -51.26 -11.97 8.29
CA HIS A 151 -52.46 -12.29 7.53
C HIS A 151 -52.54 -13.79 7.36
N LEU A 152 -53.74 -14.31 7.12
CA LEU A 152 -53.88 -15.70 6.73
C LEU A 152 -53.88 -15.82 5.21
N PHE A 153 -52.70 -16.07 4.65
CA PHE A 153 -52.56 -16.30 3.22
C PHE A 153 -52.96 -17.72 2.89
N VAL A 154 -53.88 -17.87 1.95
CA VAL A 154 -54.19 -19.18 1.43
C VAL A 154 -53.83 -19.25 -0.05
N VAL A 155 -52.92 -20.15 -0.42
CA VAL A 155 -52.61 -20.33 -1.83
C VAL A 155 -53.42 -21.50 -2.37
N VAL A 156 -53.89 -21.36 -3.60
CA VAL A 156 -54.75 -22.36 -4.21
C VAL A 156 -54.10 -22.91 -5.46
N THR A 157 -53.95 -24.22 -5.52
CA THR A 157 -53.47 -24.86 -6.75
C THR A 157 -54.38 -25.98 -7.17
N ASP A 158 -54.40 -26.25 -8.47
CA ASP A 158 -55.15 -27.41 -8.99
C ASP A 158 -54.16 -28.53 -9.32
N ASN A 159 -52.91 -28.33 -8.92
CA ASN A 159 -51.88 -29.32 -9.14
C ASN A 159 -51.54 -30.05 -7.84
N TYR A 160 -51.83 -31.35 -7.81
CA TYR A 160 -51.66 -32.16 -6.60
C TYR A 160 -50.23 -32.12 -6.05
N ASP A 161 -49.27 -32.34 -6.93
CA ASP A 161 -47.87 -32.40 -6.53
C ASP A 161 -47.41 -31.06 -5.98
N GLN A 162 -47.98 -29.99 -6.51
CA GLN A 162 -47.61 -28.66 -6.05
C GLN A 162 -48.28 -28.37 -4.70
N ALA A 163 -49.46 -28.93 -4.51
CA ALA A 163 -50.16 -28.81 -3.24
C ALA A 163 -49.34 -29.52 -2.18
N LEU A 164 -48.77 -30.66 -2.56
CA LEU A 164 -47.97 -31.47 -1.66
C LEU A 164 -46.70 -30.75 -1.21
N HIS A 165 -45.98 -30.18 -2.16
CA HIS A 165 -44.72 -29.50 -1.85
C HIS A 165 -44.95 -28.23 -1.04
N LEU A 166 -46.10 -27.62 -1.23
CA LEU A 166 -46.39 -26.37 -0.55
C LEU A 166 -46.95 -26.63 0.84
N GLU A 167 -47.13 -27.91 1.17
CA GLU A 167 -47.67 -28.29 2.47
C GLU A 167 -46.60 -28.20 3.56
N GLU A 168 -45.35 -28.44 3.19
CA GLU A 168 -44.25 -28.36 4.15
C GLU A 168 -43.61 -26.98 4.21
N GLN A 169 -43.21 -26.44 3.06
CA GLN A 169 -42.69 -25.08 2.98
C GLN A 169 -43.81 -24.14 3.34
N GLU A 170 -43.94 -23.77 4.60
CA GLU A 170 -45.12 -23.00 4.99
C GLU A 170 -44.94 -21.78 5.89
N GLY A 171 -45.58 -20.70 5.45
CA GLY A 171 -45.93 -19.55 6.26
C GLY A 171 -47.33 -19.17 5.76
N PHE A 172 -47.97 -20.17 5.15
CA PHE A 172 -49.25 -20.02 4.46
C PHE A 172 -49.96 -21.37 4.35
N LYS A 173 -51.27 -21.34 4.15
CA LYS A 173 -52.08 -22.54 4.05
C LYS A 173 -52.31 -22.88 2.57
N VAL A 174 -52.47 -24.17 2.28
CA VAL A 174 -52.66 -24.63 0.90
C VAL A 174 -53.99 -25.34 0.68
N VAL A 175 -54.77 -24.84 -0.27
CA VAL A 175 -56.00 -25.52 -0.67
C VAL A 175 -55.79 -26.12 -2.06
N TYR A 176 -56.46 -27.22 -2.32
CA TYR A 176 -56.26 -27.95 -3.56
C TYR A 176 -57.60 -28.18 -4.24
N GLY A 177 -57.77 -27.53 -5.39
CA GLY A 177 -58.98 -27.61 -6.18
C GLY A 177 -58.91 -26.66 -7.35
N SER A 178 -59.85 -26.78 -8.27
CA SER A 178 -59.89 -25.94 -9.46
C SER A 178 -60.23 -24.50 -9.11
N PRO A 179 -59.32 -23.56 -9.44
CA PRO A 179 -59.49 -22.17 -9.05
C PRO A 179 -60.75 -21.58 -9.67
N THR A 180 -61.15 -22.16 -10.80
CA THR A 180 -62.27 -21.61 -11.54
C THR A 180 -63.56 -22.37 -11.25
N ASP A 181 -63.61 -23.12 -10.17
CA ASP A 181 -64.85 -23.81 -9.83
C ASP A 181 -65.57 -23.03 -8.74
N ALA A 182 -66.86 -22.75 -8.96
CA ALA A 182 -67.61 -21.95 -8.01
C ALA A 182 -67.79 -22.69 -6.69
N HIS A 183 -67.98 -24.00 -6.77
CA HIS A 183 -68.11 -24.82 -5.57
C HIS A 183 -66.81 -24.81 -4.79
N VAL A 184 -65.69 -24.67 -5.48
CA VAL A 184 -64.39 -24.62 -4.83
C VAL A 184 -64.14 -23.26 -4.17
N LEU A 185 -64.55 -22.19 -4.85
CA LEU A 185 -64.36 -20.86 -4.30
C LEU A 185 -65.26 -20.61 -3.08
N ALA A 186 -66.38 -21.30 -3.02
CA ALA A 186 -67.31 -21.18 -1.89
C ALA A 186 -66.74 -21.85 -0.64
N GLY A 187 -66.16 -23.03 -0.81
CA GLY A 187 -65.49 -23.71 0.28
C GLY A 187 -64.21 -22.98 0.66
N LEU A 188 -63.83 -22.00 -0.17
CA LEU A 188 -62.70 -21.14 0.09
C LEU A 188 -63.15 -19.88 0.81
N ARG A 189 -64.46 -19.74 0.96
CA ARG A 189 -65.07 -18.62 1.65
C ARG A 189 -64.65 -17.28 1.06
N VAL A 190 -64.74 -17.15 -0.26
CA VAL A 190 -64.32 -15.92 -0.94
C VAL A 190 -65.10 -14.71 -0.45
N ALA A 191 -66.39 -14.91 -0.23
CA ALA A 191 -67.28 -13.83 0.19
C ALA A 191 -66.76 -13.14 1.45
N ALA A 192 -66.11 -13.91 2.31
CA ALA A 192 -65.64 -13.37 3.58
C ALA A 192 -64.15 -13.09 3.57
N ALA A 193 -63.54 -13.18 2.40
CA ALA A 193 -62.10 -12.96 2.28
C ALA A 193 -61.78 -11.47 2.23
N ARG A 194 -60.56 -11.11 2.59
CA ARG A 194 -60.15 -9.71 2.57
C ARG A 194 -59.83 -9.28 1.15
N SER A 195 -59.02 -10.06 0.47
CA SER A 195 -58.63 -9.74 -0.90
C SER A 195 -58.17 -10.98 -1.67
N ILE A 196 -58.23 -10.90 -3.00
CA ILE A 196 -57.79 -11.98 -3.87
C ILE A 196 -56.66 -11.49 -4.78
N ILE A 197 -55.56 -12.25 -4.82
CA ILE A 197 -54.49 -11.98 -5.78
C ILE A 197 -54.54 -12.97 -6.94
N ALA A 198 -54.97 -12.48 -8.11
CA ALA A 198 -55.14 -13.32 -9.29
C ALA A 198 -53.89 -13.28 -10.19
N ASN A 199 -53.12 -14.35 -10.12
CA ASN A 199 -51.83 -14.44 -10.77
C ASN A 199 -51.74 -15.71 -11.64
N LEU A 200 -52.85 -16.02 -12.31
CA LEU A 200 -52.86 -17.10 -13.31
C LEU A 200 -52.61 -16.49 -14.68
N SER A 201 -52.82 -17.26 -15.72
CA SER A 201 -52.71 -16.73 -17.09
C SER A 201 -53.84 -15.75 -17.33
N ASP A 202 -53.73 -14.96 -18.40
CA ASP A 202 -54.78 -13.98 -18.72
C ASP A 202 -56.18 -14.60 -18.92
N PRO A 203 -56.28 -15.66 -19.75
CA PRO A 203 -57.56 -16.38 -19.85
C PRO A 203 -58.03 -17.01 -18.54
N ASP A 204 -57.12 -17.55 -17.73
CA ASP A 204 -57.51 -18.12 -16.46
C ASP A 204 -57.98 -17.03 -15.51
N ASN A 205 -57.22 -15.95 -15.41
CA ASN A 205 -57.60 -14.82 -14.58
C ASN A 205 -59.00 -14.31 -14.90
N ALA A 206 -59.31 -14.28 -16.20
CA ALA A 206 -60.60 -13.80 -16.66
C ALA A 206 -61.69 -14.73 -16.16
N ASN A 207 -61.43 -16.04 -16.25
CA ASN A 207 -62.36 -17.02 -15.77
C ASN A 207 -62.57 -16.85 -14.28
N LEU A 208 -61.46 -16.69 -13.55
CA LEU A 208 -61.49 -16.55 -12.11
C LEU A 208 -62.29 -15.33 -11.69
N CYS A 209 -62.06 -14.20 -12.36
CA CYS A 209 -62.72 -12.95 -11.97
C CYS A 209 -64.22 -13.07 -12.12
N LEU A 210 -64.65 -13.52 -13.29
CA LEU A 210 -66.07 -13.68 -13.58
C LEU A 210 -66.75 -14.65 -12.60
N THR A 211 -66.04 -15.72 -12.27
CA THR A 211 -66.53 -16.70 -11.30
C THR A 211 -66.66 -16.11 -9.89
N VAL A 212 -65.60 -15.46 -9.42
CA VAL A 212 -65.64 -14.79 -8.12
C VAL A 212 -66.75 -13.74 -8.09
N ARG A 213 -66.90 -13.01 -9.19
CA ARG A 213 -67.87 -11.92 -9.24
C ARG A 213 -69.32 -12.42 -9.27
N SER A 214 -69.50 -13.73 -9.47
CA SER A 214 -70.84 -14.31 -9.44
C SER A 214 -71.22 -14.67 -8.01
N LEU A 215 -70.23 -14.72 -7.13
CA LEU A 215 -70.46 -15.03 -5.74
C LEU A 215 -70.42 -13.77 -4.88
N CYS A 216 -69.42 -12.92 -5.13
CA CYS A 216 -69.17 -11.82 -4.21
C CYS A 216 -68.46 -10.63 -4.84
N GLN A 217 -68.25 -9.60 -4.04
CA GLN A 217 -67.64 -8.36 -4.51
C GLN A 217 -66.28 -8.18 -3.85
N THR A 218 -65.69 -9.30 -3.43
CA THR A 218 -64.35 -9.32 -2.88
C THR A 218 -63.41 -8.64 -3.86
N PRO A 219 -62.58 -7.71 -3.36
CA PRO A 219 -61.59 -7.04 -4.21
C PRO A 219 -60.57 -8.01 -4.80
N ILE A 220 -60.31 -7.87 -6.11
CA ILE A 220 -59.36 -8.71 -6.82
C ILE A 220 -58.23 -7.88 -7.40
N ILE A 221 -57.00 -8.31 -7.14
CA ILE A 221 -55.81 -7.75 -7.78
C ILE A 221 -55.27 -8.76 -8.79
N ALA A 222 -55.48 -8.46 -10.07
CA ALA A 222 -55.03 -9.34 -11.14
C ALA A 222 -53.67 -8.89 -11.68
N VAL A 223 -52.76 -9.83 -11.81
CA VAL A 223 -51.47 -9.58 -12.46
C VAL A 223 -51.61 -9.99 -13.92
N VAL A 224 -51.44 -9.03 -14.83
CA VAL A 224 -51.70 -9.27 -16.24
C VAL A 224 -50.40 -9.36 -17.05
N LYS A 225 -50.38 -10.28 -18.01
CA LYS A 225 -49.19 -10.55 -18.81
C LYS A 225 -49.08 -9.61 -20.00
N GLU A 226 -50.20 -9.41 -20.68
CA GLU A 226 -50.22 -8.52 -21.84
C GLU A 226 -51.07 -7.30 -21.53
N PRO A 227 -50.42 -6.17 -21.22
CA PRO A 227 -51.02 -4.87 -20.89
C PRO A 227 -52.26 -4.52 -21.71
N VAL A 228 -52.38 -5.06 -22.93
CA VAL A 228 -53.59 -4.87 -23.72
C VAL A 228 -54.79 -5.57 -23.08
N HIS A 229 -54.50 -6.60 -22.29
CA HIS A 229 -55.52 -7.39 -21.63
C HIS A 229 -55.95 -6.78 -20.31
N GLY A 230 -55.32 -5.67 -19.95
CA GLY A 230 -55.66 -4.96 -18.73
C GLY A 230 -57.14 -4.61 -18.71
N GLU A 231 -57.61 -4.00 -19.80
CA GLU A 231 -59.00 -3.59 -19.93
C GLU A 231 -59.96 -4.76 -19.79
N LEU A 232 -59.61 -5.90 -20.37
CA LEU A 232 -60.45 -7.08 -20.30
C LEU A 232 -60.59 -7.60 -18.87
N LEU A 233 -59.50 -7.54 -18.13
CA LEU A 233 -59.50 -8.04 -16.76
C LEU A 233 -60.34 -7.16 -15.83
N ARG A 234 -60.29 -5.85 -16.03
CA ARG A 234 -61.15 -4.95 -15.28
C ARG A 234 -62.59 -5.25 -15.63
N LEU A 235 -62.81 -5.63 -16.88
CA LEU A 235 -64.14 -5.90 -17.41
C LEU A 235 -64.71 -7.17 -16.81
N ALA A 236 -63.82 -8.13 -16.57
CA ALA A 236 -64.20 -9.40 -15.98
C ALA A 236 -64.51 -9.21 -14.50
N GLY A 237 -63.93 -8.17 -13.91
CA GLY A 237 -64.26 -7.79 -12.55
C GLY A 237 -63.10 -7.54 -11.61
N ALA A 238 -61.89 -7.43 -12.14
CA ALA A 238 -60.72 -7.15 -11.30
C ALA A 238 -60.71 -5.69 -10.87
N ASN A 239 -60.36 -5.46 -9.61
CA ASN A 239 -60.38 -4.12 -9.03
C ASN A 239 -59.15 -3.35 -9.41
N GLN A 240 -58.02 -4.05 -9.40
CA GLN A 240 -56.78 -3.48 -9.88
C GLN A 240 -56.12 -4.41 -10.87
N VAL A 241 -55.40 -3.82 -11.82
CA VAL A 241 -54.65 -4.59 -12.79
C VAL A 241 -53.18 -4.19 -12.73
N VAL A 242 -52.29 -5.16 -12.55
CA VAL A 242 -50.86 -4.85 -12.48
C VAL A 242 -50.07 -5.50 -13.62
N PRO A 243 -49.56 -4.66 -14.54
CA PRO A 243 -48.74 -5.11 -15.67
C PRO A 243 -47.28 -5.27 -15.25
N LEU A 244 -46.98 -6.35 -14.54
CA LEU A 244 -45.63 -6.52 -13.98
C LEU A 244 -44.53 -6.60 -15.04
N THR A 245 -44.75 -7.41 -16.06
CA THR A 245 -43.72 -7.60 -17.08
C THR A 245 -43.41 -6.30 -17.82
N ARG A 246 -44.41 -5.45 -18.03
CA ARG A 246 -44.15 -4.16 -18.62
C ARG A 246 -43.34 -3.30 -17.66
N ILE A 247 -43.75 -3.29 -16.39
CA ILE A 247 -43.06 -2.54 -15.35
C ILE A 247 -41.61 -3.00 -15.20
N LEU A 248 -41.40 -4.30 -15.06
CA LEU A 248 -40.05 -4.86 -14.96
C LEU A 248 -39.16 -4.52 -16.14
N GLY A 249 -39.71 -4.62 -17.35
CA GLY A 249 -38.96 -4.29 -18.56
C GLY A 249 -38.60 -2.83 -18.64
N ARG A 250 -39.54 -1.98 -18.24
CA ARG A 250 -39.29 -0.54 -18.20
C ARG A 250 -38.21 -0.23 -17.19
N TYR A 251 -38.16 -1.02 -16.11
CA TYR A 251 -37.17 -0.83 -15.07
C TYR A 251 -35.77 -1.12 -15.62
N LEU A 252 -35.66 -2.19 -16.39
CA LEU A 252 -34.38 -2.58 -16.99
C LEU A 252 -33.88 -1.55 -17.98
N GLY A 253 -34.79 -1.04 -18.81
CA GLY A 253 -34.44 -0.09 -19.85
C GLY A 253 -34.03 1.24 -19.28
N ILE A 254 -34.64 1.61 -18.16
CA ILE A 254 -34.27 2.81 -17.44
C ILE A 254 -32.83 2.72 -16.95
N ARG A 255 -32.45 1.55 -16.46
CA ARG A 255 -31.11 1.34 -15.90
C ARG A 255 -30.04 1.15 -16.96
N ALA A 256 -30.44 0.78 -18.17
CA ALA A 256 -29.48 0.55 -19.25
C ALA A 256 -28.93 1.87 -19.77
N THR A 257 -29.70 2.93 -19.60
CA THR A 257 -29.29 4.28 -20.02
C THR A 257 -28.99 5.19 -18.83
N THR A 258 -30.04 5.70 -18.18
CA THR A 258 -29.88 6.54 -16.99
C THR A 258 -30.62 5.96 -15.79
N GLU A 347 -23.24 9.87 -31.02
CA GLU A 347 -24.09 8.87 -30.39
C GLU A 347 -23.33 7.57 -30.12
N ASP A 348 -23.45 6.63 -31.05
CA ASP A 348 -22.82 5.31 -30.95
C ASP A 348 -23.22 4.50 -29.73
N GLU A 349 -24.43 4.74 -29.23
CA GLU A 349 -24.97 3.95 -28.13
C GLU A 349 -25.74 2.75 -28.68
N LEU A 350 -25.43 1.56 -28.18
CA LEU A 350 -26.02 0.31 -28.68
C LEU A 350 -26.22 -0.64 -27.51
N ILE A 351 -27.48 -0.98 -27.22
CA ILE A 351 -27.75 -1.83 -26.06
C ILE A 351 -28.16 -3.25 -26.41
N PHE A 352 -27.38 -4.22 -25.93
CA PHE A 352 -27.65 -5.63 -26.15
C PHE A 352 -28.63 -6.19 -25.14
N ILE A 353 -29.81 -6.58 -25.61
CA ILE A 353 -30.82 -7.18 -24.74
C ILE A 353 -30.89 -8.70 -24.94
N ILE A 354 -30.26 -9.45 -24.05
CA ILE A 354 -30.31 -10.90 -24.10
C ILE A 354 -31.60 -11.45 -23.50
N GLY A 355 -32.38 -12.15 -24.31
CA GLY A 355 -33.68 -12.61 -23.87
C GLY A 355 -34.79 -11.74 -24.44
N HIS A 356 -35.62 -12.34 -25.29
CA HIS A 356 -36.75 -11.63 -25.89
C HIS A 356 -38.07 -12.26 -25.48
N GLY A 357 -38.23 -12.49 -24.18
CA GLY A 357 -39.52 -12.89 -23.65
C GLY A 357 -40.35 -11.64 -23.43
N ARG A 358 -41.35 -11.73 -22.57
CA ARG A 358 -42.26 -10.61 -22.38
C ARG A 358 -41.59 -9.38 -21.76
N ILE A 359 -40.67 -9.60 -20.84
CA ILE A 359 -40.00 -8.50 -20.14
C ILE A 359 -38.94 -7.82 -21.02
N GLY A 360 -38.08 -8.64 -21.63
CA GLY A 360 -37.05 -8.15 -22.53
C GLY A 360 -37.70 -7.38 -23.66
N CYS A 361 -38.85 -7.88 -24.09
CA CYS A 361 -39.67 -7.17 -25.05
C CYS A 361 -40.08 -5.79 -24.53
N ALA A 362 -40.54 -5.75 -23.28
CA ALA A 362 -40.97 -4.51 -22.64
C ALA A 362 -39.80 -3.50 -22.56
N ALA A 363 -38.60 -4.03 -22.26
CA ALA A 363 -37.38 -3.24 -22.25
C ALA A 363 -37.11 -2.61 -23.63
N ALA A 364 -37.21 -3.42 -24.68
CA ALA A 364 -36.98 -2.94 -26.04
C ALA A 364 -38.11 -2.00 -26.48
N ALA A 365 -39.32 -2.27 -26.00
CA ALA A 365 -40.44 -1.40 -26.29
C ALA A 365 -40.19 -0.03 -25.65
N PHE A 366 -39.49 -0.04 -24.52
CA PHE A 366 -39.11 1.18 -23.82
C PHE A 366 -38.01 1.94 -24.56
N LEU A 367 -36.97 1.23 -24.96
CA LEU A 367 -35.85 1.85 -25.66
C LEU A 367 -36.26 2.38 -27.03
N ASP A 368 -37.38 1.92 -27.54
CA ASP A 368 -37.92 2.41 -28.81
C ASP A 368 -38.35 3.87 -28.66
N ARG A 369 -38.92 4.21 -27.51
CA ARG A 369 -39.47 5.54 -27.29
C ARG A 369 -38.41 6.62 -27.13
N LYS A 370 -37.22 6.25 -26.67
CA LYS A 370 -36.19 7.24 -26.33
C LYS A 370 -35.75 8.14 -27.49
N PRO A 371 -35.25 7.57 -28.60
CA PRO A 371 -34.92 6.17 -28.92
C PRO A 371 -33.44 5.86 -28.69
N VAL A 372 -33.16 4.62 -28.31
CA VAL A 372 -31.79 4.11 -28.25
C VAL A 372 -31.77 2.80 -29.01
N PRO A 373 -30.87 2.66 -29.99
CA PRO A 373 -30.85 1.42 -30.78
C PRO A 373 -30.37 0.24 -29.96
N PHE A 374 -31.01 -0.92 -30.16
CA PHE A 374 -30.72 -2.10 -29.37
C PHE A 374 -30.64 -3.33 -30.24
N ILE A 375 -30.21 -4.44 -29.65
CA ILE A 375 -30.21 -5.74 -30.32
C ILE A 375 -30.82 -6.81 -29.42
N LEU A 376 -31.85 -7.48 -29.92
CA LEU A 376 -32.48 -8.57 -29.19
C LEU A 376 -31.91 -9.93 -29.59
N ILE A 377 -31.53 -10.72 -28.60
CA ILE A 377 -31.15 -12.12 -28.85
C ILE A 377 -32.03 -13.04 -28.04
N ASP A 378 -32.44 -14.14 -28.67
CA ASP A 378 -33.29 -15.10 -28.02
C ASP A 378 -33.03 -16.43 -28.71
N ARG A 379 -33.39 -17.52 -28.07
CA ARG A 379 -33.15 -18.81 -28.67
C ARG A 379 -34.37 -19.25 -29.45
N GLN A 380 -35.44 -18.47 -29.35
CA GLN A 380 -36.71 -18.79 -29.96
C GLN A 380 -37.41 -17.59 -30.60
N GLU A 381 -38.23 -17.86 -31.61
CA GLU A 381 -39.14 -16.86 -32.17
C GLU A 381 -40.26 -16.61 -31.15
N SER A 382 -40.56 -15.34 -30.90
CA SER A 382 -41.64 -15.00 -29.98
C SER A 382 -43.01 -15.41 -30.53
N PRO A 383 -43.84 -16.02 -29.67
CA PRO A 383 -45.18 -16.45 -30.09
C PRO A 383 -46.20 -15.32 -30.02
N VAL A 384 -45.89 -14.26 -29.29
CA VAL A 384 -46.83 -13.17 -29.07
C VAL A 384 -46.43 -11.87 -29.74
N CYS A 385 -45.16 -11.78 -30.16
CA CYS A 385 -44.66 -10.54 -30.74
C CYS A 385 -44.14 -10.65 -32.17
N ASN A 386 -44.27 -9.54 -32.91
CA ASN A 386 -43.73 -9.44 -34.26
C ASN A 386 -43.52 -7.99 -34.69
N ASP A 387 -43.18 -7.13 -33.73
CA ASP A 387 -42.88 -5.73 -34.00
C ASP A 387 -41.38 -5.51 -33.91
N HIS A 388 -40.69 -6.44 -33.26
CA HIS A 388 -39.25 -6.33 -33.03
C HIS A 388 -38.46 -7.32 -33.88
N VAL A 389 -37.27 -6.92 -34.31
CA VAL A 389 -36.37 -7.82 -35.02
C VAL A 389 -35.45 -8.51 -34.02
N VAL A 390 -35.39 -9.84 -34.12
CA VAL A 390 -34.62 -10.65 -33.16
C VAL A 390 -33.54 -11.47 -33.85
N VAL A 391 -32.35 -11.50 -33.25
CA VAL A 391 -31.30 -12.43 -33.64
C VAL A 391 -31.48 -13.74 -32.87
N TYR A 392 -31.65 -14.84 -33.59
CA TYR A 392 -31.89 -16.13 -32.97
C TYR A 392 -30.60 -16.90 -32.66
N GLY A 393 -30.57 -17.52 -31.47
CA GLY A 393 -29.40 -18.26 -31.02
C GLY A 393 -29.41 -18.41 -29.50
N ASP A 394 -28.61 -19.35 -29.00
CA ASP A 394 -28.47 -19.54 -27.56
C ASP A 394 -27.31 -18.71 -27.05
N ALA A 395 -27.62 -17.69 -26.24
CA ALA A 395 -26.63 -16.75 -25.73
C ALA A 395 -25.46 -17.43 -25.02
N THR A 396 -25.69 -18.65 -24.57
CA THR A 396 -24.72 -19.43 -23.81
C THR A 396 -23.70 -20.17 -24.68
N VAL A 397 -24.15 -20.73 -25.80
CA VAL A 397 -23.35 -21.69 -26.57
C VAL A 397 -21.91 -21.29 -26.97
N GLY A 398 -21.74 -20.21 -27.73
CA GLY A 398 -20.41 -19.84 -28.18
C GLY A 398 -20.25 -18.45 -28.76
N GLN A 399 -19.88 -18.39 -30.04
CA GLN A 399 -19.62 -17.11 -30.70
C GLN A 399 -20.90 -16.31 -30.94
N THR A 400 -22.02 -16.88 -30.53
CA THR A 400 -23.35 -16.28 -30.65
C THR A 400 -23.41 -14.78 -30.32
N LEU A 401 -22.86 -14.39 -29.17
CA LEU A 401 -22.82 -12.97 -28.81
C LEU A 401 -21.87 -12.14 -29.69
N ARG A 402 -20.73 -12.71 -30.05
CA ARG A 402 -19.77 -12.03 -30.91
C ARG A 402 -20.31 -11.85 -32.32
N GLN A 403 -20.91 -12.91 -32.84
CA GLN A 403 -21.52 -12.90 -34.18
C GLN A 403 -22.85 -12.14 -34.21
N ALA A 404 -23.17 -11.48 -33.10
CA ALA A 404 -24.34 -10.61 -33.03
C ALA A 404 -23.83 -9.18 -32.91
N GLY A 405 -22.52 -9.07 -32.69
CA GLY A 405 -21.85 -7.78 -32.58
C GLY A 405 -21.94 -7.17 -31.20
N ILE A 406 -21.59 -7.93 -30.18
CA ILE A 406 -21.72 -7.45 -28.81
C ILE A 406 -20.51 -6.62 -28.40
N ASP A 407 -19.59 -6.41 -29.33
CA ASP A 407 -18.38 -5.65 -29.06
C ASP A 407 -18.64 -4.16 -29.06
N ARG A 408 -19.38 -3.70 -30.06
CA ARG A 408 -19.68 -2.27 -30.17
C ARG A 408 -20.95 -1.90 -29.42
N ALA A 409 -21.38 -2.79 -28.53
CA ALA A 409 -22.49 -2.49 -27.64
C ALA A 409 -21.97 -1.58 -26.55
N SER A 410 -22.82 -0.66 -26.08
CA SER A 410 -22.45 0.23 -24.99
C SER A 410 -23.16 -0.18 -23.68
N GLY A 411 -24.17 -1.03 -23.80
CA GLY A 411 -24.89 -1.55 -22.65
C GLY A 411 -25.41 -2.96 -22.88
N ILE A 412 -25.56 -3.73 -21.80
CA ILE A 412 -26.11 -5.07 -21.87
C ILE A 412 -27.20 -5.30 -20.84
N ILE A 413 -28.36 -5.76 -21.29
CA ILE A 413 -29.43 -6.18 -20.39
C ILE A 413 -29.58 -7.70 -20.43
N VAL A 414 -29.39 -8.36 -19.29
CA VAL A 414 -29.59 -9.80 -19.21
C VAL A 414 -31.01 -10.09 -18.73
N THR A 415 -31.83 -10.71 -19.56
CA THR A 415 -33.23 -10.95 -19.20
C THR A 415 -33.71 -12.32 -19.63
N THR A 416 -33.17 -13.33 -18.97
CA THR A 416 -33.60 -14.69 -19.19
C THR A 416 -34.50 -15.07 -18.02
N ASN A 417 -35.43 -15.99 -18.25
CA ASN A 417 -36.30 -16.51 -17.20
C ASN A 417 -35.54 -17.38 -16.20
N ASP A 418 -34.28 -17.67 -16.50
CA ASP A 418 -33.44 -18.49 -15.63
C ASP A 418 -32.31 -17.69 -14.98
N ASP A 419 -32.25 -17.69 -13.65
CA ASP A 419 -31.29 -16.87 -12.91
C ASP A 419 -29.83 -17.31 -13.04
N SER A 420 -29.60 -18.63 -13.11
CA SER A 420 -28.25 -19.13 -13.30
C SER A 420 -27.71 -18.74 -14.66
N THR A 421 -28.58 -18.74 -15.67
CA THR A 421 -28.21 -18.29 -17.00
C THR A 421 -27.83 -16.82 -16.93
N ASN A 422 -28.66 -16.04 -16.25
CA ASN A 422 -28.39 -14.63 -16.04
C ASN A 422 -27.06 -14.38 -15.36
N ILE A 423 -26.78 -15.14 -14.31
CA ILE A 423 -25.52 -15.00 -13.59
C ILE A 423 -24.36 -15.33 -14.51
N PHE A 424 -24.48 -16.45 -15.21
CA PHE A 424 -23.42 -16.92 -16.08
C PHE A 424 -23.09 -15.91 -17.17
N LEU A 425 -24.13 -15.33 -17.78
CA LEU A 425 -23.95 -14.34 -18.84
C LEU A 425 -23.27 -13.11 -18.28
N THR A 426 -23.75 -12.64 -17.14
CA THR A 426 -23.16 -11.48 -16.49
C THR A 426 -21.68 -11.68 -16.24
N LEU A 427 -21.33 -12.85 -15.70
CA LEU A 427 -19.94 -13.22 -15.46
C LEU A 427 -19.12 -13.15 -16.75
N ALA A 428 -19.65 -13.78 -17.79
CA ALA A 428 -18.98 -13.84 -19.09
C ALA A 428 -18.84 -12.46 -19.72
N CYS A 429 -19.88 -11.64 -19.61
CA CYS A 429 -19.82 -10.31 -20.19
C CYS A 429 -18.84 -9.42 -19.45
N ARG A 430 -18.89 -9.45 -18.11
CA ARG A 430 -17.96 -8.66 -17.30
C ARG A 430 -16.53 -9.11 -17.54
N HIS A 431 -16.37 -10.40 -17.82
CA HIS A 431 -15.07 -10.94 -18.13
C HIS A 431 -14.52 -10.37 -19.45
N LEU A 432 -15.35 -10.33 -20.48
CA LEU A 432 -14.93 -9.83 -21.79
C LEU A 432 -14.71 -8.32 -21.77
N HIS A 433 -15.65 -7.59 -21.20
CA HIS A 433 -15.56 -6.13 -21.15
C HIS A 433 -15.65 -5.63 -19.71
N SER A 434 -14.55 -5.12 -19.21
CA SER A 434 -14.41 -4.78 -17.80
C SER A 434 -15.28 -3.63 -17.34
N HIS A 435 -15.75 -2.81 -18.27
CA HIS A 435 -16.46 -1.58 -17.87
C HIS A 435 -17.86 -1.38 -18.46
N ILE A 436 -18.24 -2.19 -19.44
CA ILE A 436 -19.54 -2.02 -20.09
C ILE A 436 -20.71 -2.17 -19.12
N ARG A 437 -21.64 -1.21 -19.17
CA ARG A 437 -22.79 -1.21 -18.27
C ARG A 437 -23.63 -2.47 -18.46
N ILE A 438 -23.76 -3.26 -17.39
CA ILE A 438 -24.59 -4.45 -17.40
C ILE A 438 -25.76 -4.34 -16.44
N VAL A 439 -26.98 -4.38 -16.96
CA VAL A 439 -28.17 -4.47 -16.12
C VAL A 439 -28.71 -5.91 -16.15
N ALA A 440 -28.94 -6.50 -14.99
CA ALA A 440 -29.32 -7.91 -14.92
C ALA A 440 -30.67 -8.16 -14.24
N ARG A 441 -31.37 -9.18 -14.74
CA ARG A 441 -32.66 -9.57 -14.17
C ARG A 441 -32.51 -10.70 -13.15
N ALA A 442 -33.02 -10.47 -11.93
CA ALA A 442 -33.11 -11.51 -10.92
C ALA A 442 -34.56 -11.99 -10.81
N ASN A 443 -34.79 -13.25 -11.16
CA ASN A 443 -36.12 -13.82 -11.08
C ASN A 443 -36.54 -14.09 -9.64
N GLY A 444 -35.62 -14.61 -8.85
CA GLY A 444 -35.85 -14.76 -7.42
C GLY A 444 -34.80 -13.99 -6.64
N GLU A 445 -35.20 -13.45 -5.49
CA GLU A 445 -34.32 -12.60 -4.70
C GLU A 445 -33.12 -13.35 -4.10
N GLU A 446 -33.14 -14.68 -4.16
CA GLU A 446 -32.00 -15.47 -3.71
C GLU A 446 -30.78 -15.26 -4.59
N ASN A 447 -30.99 -14.82 -5.83
CA ASN A 447 -29.90 -14.65 -6.77
C ASN A 447 -29.36 -13.23 -6.92
N VAL A 448 -30.05 -12.25 -6.32
CA VAL A 448 -29.70 -10.83 -6.47
C VAL A 448 -28.24 -10.52 -6.19
N ASP A 449 -27.68 -11.13 -5.15
CA ASP A 449 -26.32 -10.83 -4.70
C ASP A 449 -25.23 -11.44 -5.59
N GLN A 450 -25.52 -12.59 -6.19
CA GLN A 450 -24.56 -13.25 -7.07
C GLN A 450 -24.48 -12.56 -8.43
N LEU A 451 -25.60 -11.98 -8.87
CA LEU A 451 -25.63 -11.14 -10.05
C LEU A 451 -24.69 -9.95 -9.87
N TYR A 452 -24.74 -9.34 -8.68
CA TYR A 452 -23.85 -8.24 -8.34
C TYR A 452 -22.39 -8.70 -8.25
N ALA A 453 -22.20 -9.89 -7.68
CA ALA A 453 -20.87 -10.47 -7.56
C ALA A 453 -20.36 -10.90 -8.92
N ALA A 454 -21.28 -11.13 -9.85
CA ALA A 454 -20.92 -11.57 -11.19
C ALA A 454 -20.37 -10.41 -12.01
N GLY A 455 -20.77 -9.20 -11.66
CA GLY A 455 -20.25 -8.01 -12.31
C GLY A 455 -21.31 -7.01 -12.70
N ALA A 456 -22.57 -7.30 -12.38
CA ALA A 456 -23.67 -6.40 -12.72
C ALA A 456 -23.50 -5.01 -12.08
N ASP A 457 -24.01 -4.00 -12.77
CA ASP A 457 -23.98 -2.63 -12.28
C ASP A 457 -25.28 -2.30 -11.56
N PHE A 458 -26.38 -2.79 -12.12
CA PHE A 458 -27.66 -2.71 -11.42
C PHE A 458 -28.43 -4.00 -11.62
N VAL A 459 -29.19 -4.39 -10.59
CA VAL A 459 -29.96 -5.62 -10.63
C VAL A 459 -31.42 -5.34 -10.34
N VAL A 460 -32.29 -5.66 -11.29
CA VAL A 460 -33.72 -5.55 -11.06
C VAL A 460 -34.23 -6.88 -10.50
N SER A 461 -34.82 -6.81 -9.30
CA SER A 461 -35.29 -8.00 -8.59
C SER A 461 -36.80 -8.20 -8.72
N ASN A 462 -37.19 -9.05 -9.69
CA ASN A 462 -38.60 -9.28 -9.99
C ASN A 462 -39.46 -9.58 -8.77
N ALA A 463 -38.98 -10.48 -7.92
CA ALA A 463 -39.72 -10.88 -6.74
C ALA A 463 -39.92 -9.71 -5.80
N SER A 464 -38.86 -8.95 -5.58
CA SER A 464 -38.91 -7.81 -4.66
C SER A 464 -39.76 -6.68 -5.21
N VAL A 465 -39.66 -6.45 -6.52
CA VAL A 465 -40.44 -5.39 -7.15
C VAL A 465 -41.92 -5.77 -7.23
N GLY A 466 -42.19 -7.01 -7.62
CA GLY A 466 -43.56 -7.50 -7.69
C GLY A 466 -44.24 -7.43 -6.33
N ALA A 467 -43.57 -7.97 -5.32
CA ALA A 467 -44.11 -8.04 -3.96
C ALA A 467 -44.42 -6.66 -3.37
N ASN A 468 -43.53 -5.70 -3.61
CA ASN A 468 -43.73 -4.35 -3.11
C ASN A 468 -44.96 -3.69 -3.69
N ILE A 469 -45.13 -3.80 -5.00
CA ILE A 469 -46.30 -3.26 -5.68
C ILE A 469 -47.56 -3.93 -5.13
N LEU A 470 -47.53 -5.26 -5.10
CA LEU A 470 -48.65 -6.05 -4.62
C LEU A 470 -48.92 -5.82 -3.13
N GLY A 471 -47.84 -5.66 -2.37
CA GLY A 471 -47.95 -5.35 -0.96
C GLY A 471 -48.57 -3.99 -0.76
N ASN A 472 -48.03 -2.98 -1.44
CA ASN A 472 -48.57 -1.63 -1.33
C ASN A 472 -49.96 -1.50 -1.92
N LEU A 473 -50.39 -2.52 -2.65
CA LEU A 473 -51.75 -2.55 -3.17
C LEU A 473 -52.69 -3.24 -2.16
N LEU A 474 -52.16 -4.20 -1.42
CA LEU A 474 -52.93 -4.91 -0.40
C LEU A 474 -53.17 -4.05 0.83
N GLU A 475 -52.20 -3.20 1.15
CA GLU A 475 -52.28 -2.36 2.34
C GLU A 475 -53.09 -1.09 2.09
N HIS A 476 -52.78 -0.39 1.00
CA HIS A 476 -53.38 0.91 0.70
C HIS A 476 -54.83 0.83 0.21
N LYS A 477 -55.17 -0.26 -0.47
CA LYS A 477 -56.54 -0.46 -0.95
C LYS A 477 -57.40 -1.02 0.18
N GLU A 478 -56.80 -1.80 1.07
CA GLU A 478 -57.49 -2.30 2.27
C GLU A 478 -56.91 -1.70 3.56
N GLN B 15 -32.72 -39.52 21.97
CA GLN B 15 -33.77 -38.70 22.57
C GLN B 15 -34.83 -39.55 23.26
N ASN B 16 -35.18 -40.67 22.63
CA ASN B 16 -36.29 -41.48 23.09
C ASN B 16 -35.97 -42.46 24.23
N LEU B 17 -34.72 -42.94 24.27
CA LEU B 17 -34.30 -43.83 25.35
C LEU B 17 -34.25 -43.06 26.67
N LYS B 18 -33.92 -41.77 26.59
CA LYS B 18 -33.94 -40.92 27.76
C LYS B 18 -35.36 -40.78 28.29
N VAL B 19 -36.29 -40.43 27.41
CA VAL B 19 -37.70 -40.34 27.75
C VAL B 19 -38.20 -41.69 28.27
N LEU B 20 -37.66 -42.77 27.70
CA LEU B 20 -38.04 -44.11 28.11
C LEU B 20 -37.63 -44.40 29.56
N LEU B 21 -36.36 -44.18 29.88
CA LEU B 21 -35.86 -44.55 31.20
C LEU B 21 -36.06 -43.45 32.25
N LEU B 22 -36.33 -42.22 31.80
CA LEU B 22 -36.76 -41.18 32.72
C LEU B 22 -38.14 -41.53 33.26
N TYR B 23 -38.90 -42.26 32.46
CA TYR B 23 -40.20 -42.77 32.88
C TYR B 23 -40.01 -43.88 33.91
N CYS B 24 -38.99 -44.71 33.70
CA CYS B 24 -38.65 -45.77 34.64
C CYS B 24 -38.19 -45.20 35.97
N ALA B 25 -37.61 -44.00 35.95
CA ALA B 25 -37.21 -43.32 37.17
C ALA B 25 -38.45 -42.90 37.95
N PHE B 26 -39.39 -42.26 37.25
CA PHE B 26 -40.64 -41.83 37.84
C PHE B 26 -41.45 -43.00 38.40
N LEU B 27 -41.49 -44.10 37.67
CA LEU B 27 -42.15 -45.31 38.13
C LEU B 27 -41.54 -45.79 39.44
N LEU B 28 -40.22 -45.88 39.47
CA LEU B 28 -39.50 -46.32 40.65
C LEU B 28 -39.75 -45.41 41.84
N VAL B 29 -39.74 -44.10 41.60
CA VAL B 29 -39.95 -43.15 42.68
C VAL B 29 -41.37 -43.31 43.19
N MET B 30 -42.30 -43.52 42.27
CA MET B 30 -43.68 -43.76 42.64
C MET B 30 -43.81 -45.00 43.54
N LEU B 31 -43.08 -46.06 43.18
CA LEU B 31 -43.05 -47.29 43.96
C LEU B 31 -42.62 -47.04 45.41
N LEU B 32 -41.47 -46.41 45.57
CA LEU B 32 -40.97 -46.06 46.90
C LEU B 32 -41.97 -45.21 47.67
N ALA B 33 -42.48 -44.16 47.04
CA ALA B 33 -43.42 -43.26 47.68
C ALA B 33 -44.64 -44.01 48.21
N TYR B 34 -45.26 -44.81 47.34
CA TYR B 34 -46.43 -45.58 47.72
C TYR B 34 -46.09 -46.60 48.80
N ALA B 35 -44.92 -47.21 48.70
CA ALA B 35 -44.48 -48.18 49.69
C ALA B 35 -44.34 -47.51 51.06
N SER B 36 -43.71 -46.34 51.06
CA SER B 36 -43.53 -45.57 52.29
C SER B 36 -44.85 -45.14 52.90
N ILE B 37 -45.74 -44.60 52.07
CA ILE B 37 -47.06 -44.19 52.54
C ILE B 37 -47.87 -45.40 53.01
N PHE B 38 -47.69 -46.54 52.35
CA PHE B 38 -48.42 -47.76 52.74
C PHE B 38 -48.10 -48.15 54.18
N ARG B 39 -46.82 -48.12 54.53
CA ARG B 39 -46.38 -48.41 55.88
C ARG B 39 -46.89 -47.37 56.85
N TYR B 40 -46.83 -46.10 56.44
CA TYR B 40 -47.30 -45.02 57.29
C TYR B 40 -48.77 -45.17 57.64
N LEU B 41 -49.59 -45.54 56.67
CA LEU B 41 -51.04 -45.66 56.87
C LEU B 41 -51.40 -46.93 57.63
N MET B 42 -50.74 -48.04 57.33
CA MET B 42 -50.98 -49.28 58.07
C MET B 42 -50.74 -49.04 59.55
N TRP B 43 -49.71 -48.25 59.84
CA TRP B 43 -49.43 -47.91 61.22
C TRP B 43 -50.50 -47.02 61.84
N HIS B 44 -50.66 -45.82 61.30
CA HIS B 44 -51.49 -44.82 61.94
C HIS B 44 -53.00 -45.08 61.83
N LEU B 45 -53.40 -45.85 60.83
CA LEU B 45 -54.82 -46.10 60.61
C LEU B 45 -55.31 -47.42 61.19
N GLU B 46 -54.41 -48.39 61.34
CA GLU B 46 -54.81 -49.75 61.74
C GLU B 46 -53.92 -50.34 62.82
N GLY B 47 -52.83 -49.66 63.16
CA GLY B 47 -51.94 -50.14 64.19
C GLY B 47 -51.23 -51.41 63.78
N ARG B 48 -50.91 -51.52 62.50
CA ARG B 48 -50.14 -52.64 61.99
C ARG B 48 -48.77 -52.18 61.52
N ALA B 49 -47.74 -52.94 61.84
CA ALA B 49 -46.39 -52.58 61.43
C ALA B 49 -45.92 -53.51 60.33
N TYR B 50 -45.49 -52.93 59.21
CA TYR B 50 -44.96 -53.71 58.12
C TYR B 50 -43.56 -53.24 57.78
N SER B 51 -42.74 -54.13 57.26
CA SER B 51 -41.38 -53.79 56.86
C SER B 51 -41.33 -53.10 55.49
N PHE B 52 -40.15 -52.61 55.14
CA PHE B 52 -39.92 -51.97 53.85
C PHE B 52 -40.23 -52.97 52.72
N MET B 53 -39.74 -54.19 52.89
CA MET B 53 -39.91 -55.21 51.87
C MET B 53 -41.40 -55.52 51.67
N ALA B 54 -42.13 -55.56 52.79
CA ALA B 54 -43.56 -55.78 52.73
C ALA B 54 -44.23 -54.63 51.98
N GLY B 55 -43.69 -53.43 52.14
CA GLY B 55 -44.21 -52.25 51.47
C GLY B 55 -43.99 -52.30 49.98
N ILE B 56 -42.80 -52.71 49.57
CA ILE B 56 -42.51 -52.88 48.16
C ILE B 56 -43.41 -53.98 47.62
N TYR B 57 -43.46 -55.09 48.35
CA TYR B 57 -44.23 -56.26 47.96
C TYR B 57 -45.70 -55.96 47.76
N TRP B 58 -46.26 -55.12 48.63
CA TRP B 58 -47.68 -54.79 48.54
C TRP B 58 -47.95 -53.86 47.35
N THR B 59 -47.10 -52.85 47.22
CA THR B 59 -47.25 -51.83 46.19
C THR B 59 -47.09 -52.41 44.80
N ILE B 60 -46.16 -53.35 44.65
CA ILE B 60 -45.97 -54.04 43.39
C ILE B 60 -47.19 -54.89 43.10
N THR B 61 -47.59 -55.71 44.06
CA THR B 61 -48.80 -56.54 43.99
C THR B 61 -50.07 -55.79 43.52
N VAL B 62 -50.19 -54.52 43.89
CA VAL B 62 -51.37 -53.73 43.54
C VAL B 62 -51.25 -52.99 42.19
N MET B 63 -50.12 -52.30 41.99
CA MET B 63 -49.89 -51.59 40.73
C MET B 63 -49.86 -52.56 39.57
N THR B 64 -49.37 -53.76 39.86
CA THR B 64 -49.22 -54.81 38.87
C THR B 64 -50.51 -55.61 38.71
N THR B 65 -51.51 -55.31 39.56
CA THR B 65 -52.81 -55.96 39.57
C THR B 65 -52.82 -57.44 39.89
N LEU B 66 -51.84 -57.93 40.64
CA LEU B 66 -51.80 -59.33 40.98
C LEU B 66 -52.87 -59.47 42.02
N GLY B 67 -52.72 -58.74 43.08
CA GLY B 67 -53.70 -58.70 44.17
C GLY B 67 -53.91 -59.98 44.97
N PHE B 68 -52.87 -60.44 45.62
CA PHE B 68 -52.94 -61.61 46.44
C PHE B 68 -54.04 -61.51 47.48
N GLY B 69 -54.12 -60.40 48.17
CA GLY B 69 -55.14 -60.23 49.16
C GLY B 69 -54.73 -60.64 50.55
N ASP B 70 -53.47 -61.04 50.69
CA ASP B 70 -52.88 -61.43 51.96
C ASP B 70 -52.51 -60.23 52.81
N ILE B 71 -52.55 -59.05 52.22
CA ILE B 71 -52.37 -57.81 52.94
C ILE B 71 -53.35 -56.78 52.39
N THR B 72 -54.38 -56.46 53.17
CA THR B 72 -55.39 -55.48 52.78
C THR B 72 -55.71 -54.54 53.93
N PHE B 73 -56.32 -53.41 53.62
CA PHE B 73 -56.74 -52.48 54.65
C PHE B 73 -58.14 -52.87 55.14
N GLU B 74 -58.57 -52.28 56.26
CA GLU B 74 -59.91 -52.51 56.77
C GLU B 74 -60.63 -51.18 56.93
N SER B 75 -59.87 -50.10 57.03
CA SER B 75 -60.42 -48.76 57.17
C SER B 75 -60.84 -48.21 55.82
N ASP B 76 -61.72 -47.21 55.84
CA ASP B 76 -62.14 -46.55 54.61
C ASP B 76 -61.00 -45.75 53.98
N ALA B 77 -60.20 -45.10 54.83
CA ALA B 77 -59.06 -44.32 54.35
C ALA B 77 -58.03 -45.24 53.74
N GLY B 78 -57.98 -46.46 54.25
CA GLY B 78 -57.12 -47.47 53.67
C GLY B 78 -57.67 -47.94 52.35
N TYR B 79 -58.99 -47.97 52.24
CA TYR B 79 -59.64 -48.34 50.99
C TYR B 79 -59.39 -47.29 49.91
N LEU B 80 -59.55 -46.02 50.29
CA LEU B 80 -59.30 -44.90 49.39
C LEU B 80 -57.87 -44.95 48.87
N PHE B 81 -56.93 -45.27 49.75
CA PHE B 81 -55.53 -45.36 49.36
C PHE B 81 -55.26 -46.55 48.45
N ALA B 82 -55.82 -47.71 48.79
CA ALA B 82 -55.61 -48.91 47.98
C ALA B 82 -56.13 -48.62 46.58
N SER B 83 -57.27 -47.95 46.51
CA SER B 83 -57.88 -47.60 45.25
C SER B 83 -56.99 -46.68 44.43
N ILE B 84 -56.46 -45.63 45.07
CA ILE B 84 -55.59 -44.68 44.40
C ILE B 84 -54.38 -45.39 43.80
N VAL B 85 -53.74 -46.24 44.59
CA VAL B 85 -52.59 -46.99 44.11
C VAL B 85 -52.99 -47.91 42.96
N THR B 86 -54.20 -48.45 43.05
CA THR B 86 -54.66 -49.39 42.03
C THR B 86 -54.85 -48.72 40.69
N VAL B 87 -55.51 -47.55 40.71
CA VAL B 87 -55.75 -46.79 39.48
C VAL B 87 -54.42 -46.32 38.88
N SER B 88 -53.48 -45.98 39.75
CA SER B 88 -52.16 -45.55 39.32
C SER B 88 -51.45 -46.60 38.49
N GLY B 89 -51.58 -47.85 38.88
CA GLY B 89 -50.96 -48.94 38.12
C GLY B 89 -51.60 -49.07 36.75
N VAL B 90 -52.93 -49.06 36.71
CA VAL B 90 -53.67 -49.14 35.47
C VAL B 90 -53.31 -48.00 34.53
N ILE B 91 -53.16 -46.81 35.09
CA ILE B 91 -52.79 -45.66 34.29
C ILE B 91 -51.32 -45.70 33.85
N PHE B 92 -50.42 -46.09 34.73
CA PHE B 92 -49.00 -45.97 34.42
C PHE B 92 -48.32 -47.25 33.93
N LEU B 93 -49.09 -48.32 33.80
CA LEU B 93 -48.54 -49.58 33.30
C LEU B 93 -49.39 -50.15 32.17
N ASP B 94 -50.65 -49.72 32.11
CA ASP B 94 -51.59 -50.27 31.15
C ASP B 94 -52.07 -49.23 30.15
N ILE B 95 -51.84 -47.96 30.44
CA ILE B 95 -52.25 -46.91 29.53
C ILE B 95 -51.04 -46.13 28.99
N ILE B 96 -50.41 -45.35 29.87
CA ILE B 96 -49.25 -44.55 29.50
C ILE B 96 -48.17 -45.37 28.81
N LEU B 97 -47.72 -46.42 29.48
CA LEU B 97 -46.60 -47.23 28.98
C LEU B 97 -46.78 -47.81 27.56
N PRO B 98 -47.91 -48.47 27.27
CA PRO B 98 -48.06 -48.90 25.87
C PRO B 98 -48.27 -47.73 24.92
N PHE B 99 -49.04 -46.73 25.34
CA PHE B 99 -49.24 -45.54 24.51
C PHE B 99 -47.92 -44.81 24.24
N GLY B 100 -47.13 -44.66 25.29
CA GLY B 100 -45.81 -44.04 25.16
C GLY B 100 -44.96 -44.80 24.16
N PHE B 101 -45.08 -46.12 24.18
CA PHE B 101 -44.36 -46.98 23.25
C PHE B 101 -44.84 -46.80 21.82
N VAL B 102 -46.15 -46.81 21.63
CA VAL B 102 -46.73 -46.72 20.29
C VAL B 102 -46.55 -45.33 19.69
N SER B 103 -46.08 -44.39 20.51
CA SER B 103 -45.93 -43.00 20.07
C SER B 103 -44.48 -42.56 19.96
N MET B 104 -43.58 -43.21 20.69
CA MET B 104 -42.17 -42.84 20.65
C MET B 104 -41.35 -43.82 19.82
N PHE B 105 -41.91 -45.00 19.56
CA PHE B 105 -41.19 -46.03 18.84
C PHE B 105 -41.87 -46.38 17.53
N LEU B 106 -43.16 -46.72 17.62
CA LEU B 106 -43.88 -47.25 16.48
C LEU B 106 -44.25 -46.19 15.45
N ALA B 107 -44.89 -45.11 15.90
CA ALA B 107 -45.25 -44.02 14.99
C ALA B 107 -44.07 -43.39 14.23
N PRO B 108 -42.96 -43.09 14.92
CA PRO B 108 -41.81 -42.55 14.16
C PRO B 108 -41.28 -43.52 13.12
N TRP B 109 -41.18 -44.79 13.46
CA TRP B 109 -40.66 -45.77 12.52
C TRP B 109 -41.58 -45.95 11.32
N ILE B 110 -42.88 -46.12 11.60
CA ILE B 110 -43.87 -46.31 10.54
C ILE B 110 -43.91 -45.12 9.57
N GLU B 111 -43.77 -43.91 10.11
CA GLU B 111 -43.70 -42.71 9.27
C GLU B 111 -42.49 -42.73 8.35
N ARG B 112 -41.30 -42.93 8.92
CA ARG B 112 -40.08 -42.94 8.14
C ARG B 112 -40.03 -44.08 7.14
N ARG B 113 -40.85 -45.10 7.37
CA ARG B 113 -40.81 -46.30 6.53
C ARG B 113 -41.96 -46.39 5.52
N LEU B 114 -42.95 -45.51 5.68
CA LEU B 114 -44.07 -45.47 4.75
C LEU B 114 -44.11 -44.19 3.95
N ARG B 115 -43.45 -43.17 4.47
CA ARG B 115 -43.50 -41.84 3.90
C ARG B 115 -42.12 -41.21 3.95
N TYR B 116 -41.60 -40.79 2.81
CA TYR B 116 -40.29 -40.15 2.79
C TYR B 116 -40.34 -38.75 3.40
N HIS B 117 -39.57 -38.55 4.46
CA HIS B 117 -39.40 -37.23 5.07
C HIS B 117 -38.05 -36.66 4.68
N PRO B 118 -38.05 -35.64 3.80
CA PRO B 118 -36.82 -35.09 3.25
C PRO B 118 -35.96 -34.40 4.31
N THR B 119 -34.66 -34.65 4.27
CA THR B 119 -33.73 -33.97 5.15
C THR B 119 -33.43 -32.59 4.58
N ILE B 120 -34.00 -31.56 5.19
CA ILE B 120 -33.89 -30.21 4.68
C ILE B 120 -32.56 -29.56 5.10
N GLU B 121 -31.99 -30.07 6.19
CA GLU B 121 -30.89 -29.38 6.88
C GLU B 121 -29.89 -30.35 7.51
N LEU B 122 -28.64 -29.91 7.62
CA LEU B 122 -27.60 -30.67 8.29
C LEU B 122 -27.44 -30.18 9.73
N PRO B 123 -27.22 -31.09 10.68
CA PRO B 123 -27.07 -30.68 12.09
C PRO B 123 -25.89 -29.73 12.26
N ASP B 124 -26.00 -28.81 13.21
CA ASP B 124 -25.01 -27.74 13.40
C ASP B 124 -23.58 -28.27 13.53
N ASP B 125 -23.44 -29.36 14.28
CA ASP B 125 -22.13 -29.91 14.65
C ASP B 125 -21.36 -30.53 13.48
N THR B 126 -22.01 -30.70 12.33
CA THR B 126 -21.36 -31.31 11.17
C THR B 126 -20.11 -30.53 10.74
N ARG B 127 -18.98 -31.23 10.68
CA ARG B 127 -17.71 -30.65 10.25
C ARG B 127 -17.02 -31.60 9.27
N GLY B 128 -16.20 -31.03 8.39
CA GLY B 128 -15.35 -31.82 7.51
C GLY B 128 -16.05 -32.82 6.60
N HIS B 129 -17.22 -32.44 6.09
CA HIS B 129 -17.97 -33.29 5.19
C HIS B 129 -17.79 -32.88 3.74
N ILE B 130 -18.04 -33.81 2.82
CA ILE B 130 -17.91 -33.53 1.41
C ILE B 130 -19.28 -33.32 0.76
N LEU B 131 -19.55 -32.07 0.38
CA LEU B 131 -20.81 -31.72 -0.27
C LEU B 131 -20.80 -32.09 -1.76
N ILE B 132 -21.79 -32.87 -2.19
CA ILE B 132 -21.90 -33.26 -3.59
C ILE B 132 -23.12 -32.64 -4.25
N PHE B 133 -22.90 -31.76 -5.23
CA PHE B 133 -23.98 -31.11 -5.94
C PHE B 133 -24.02 -31.61 -7.37
N GLY B 134 -24.99 -32.46 -7.69
CA GLY B 134 -25.12 -32.98 -9.03
C GLY B 134 -24.74 -34.44 -9.12
N ILE B 135 -25.73 -35.31 -9.01
CA ILE B 135 -25.48 -36.74 -9.01
C ILE B 135 -25.52 -37.31 -10.43
N ASP B 136 -24.63 -38.26 -10.70
CA ASP B 136 -24.54 -38.91 -12.01
C ASP B 136 -23.60 -40.11 -11.83
N PRO B 137 -23.38 -40.92 -12.88
CA PRO B 137 -22.44 -42.03 -12.76
C PRO B 137 -21.09 -41.67 -12.11
N ILE B 138 -20.43 -40.61 -12.58
CA ILE B 138 -19.15 -40.18 -12.01
C ILE B 138 -19.23 -40.04 -10.48
N THR B 139 -20.13 -39.19 -10.02
CA THR B 139 -20.28 -38.92 -8.59
C THR B 139 -20.84 -40.12 -7.82
N ARG B 140 -21.64 -40.94 -8.48
CA ARG B 140 -22.14 -42.16 -7.84
C ARG B 140 -21.00 -43.14 -7.60
N THR B 141 -20.07 -43.19 -8.57
CA THR B 141 -18.91 -44.06 -8.45
C THR B 141 -17.95 -43.50 -7.41
N LEU B 142 -17.79 -42.17 -7.42
CA LEU B 142 -16.99 -41.47 -6.42
C LEU B 142 -17.47 -41.80 -5.01
N ILE B 143 -18.77 -41.70 -4.79
CA ILE B 143 -19.33 -41.94 -3.48
C ILE B 143 -19.07 -43.36 -3.00
N ARG B 144 -19.27 -44.33 -3.89
CA ARG B 144 -19.02 -45.72 -3.54
C ARG B 144 -17.53 -45.96 -3.28
N LYS B 145 -16.68 -45.25 -4.03
CA LYS B 145 -15.25 -45.46 -3.90
C LYS B 145 -14.69 -44.88 -2.61
N LEU B 146 -15.28 -43.80 -2.13
CA LEU B 146 -14.81 -43.17 -0.90
C LEU B 146 -15.70 -43.48 0.30
N GLU B 147 -16.74 -44.29 0.10
CA GLU B 147 -17.47 -44.88 1.20
C GLU B 147 -16.66 -46.06 1.74
N SER B 148 -15.77 -46.55 0.90
CA SER B 148 -14.82 -47.58 1.29
C SER B 148 -13.76 -46.97 2.20
N ARG B 149 -13.81 -45.65 2.35
CA ARG B 149 -12.94 -44.93 3.26
C ARG B 149 -13.79 -44.36 4.40
N ASN B 150 -15.10 -44.54 4.28
CA ASN B 150 -16.04 -44.03 5.27
C ASN B 150 -15.88 -42.53 5.48
N HIS B 151 -15.84 -41.78 4.39
CA HIS B 151 -15.87 -40.32 4.43
C HIS B 151 -17.32 -39.88 4.47
N LEU B 152 -17.58 -38.74 5.10
CA LEU B 152 -18.96 -38.27 5.26
C LEU B 152 -19.46 -37.52 4.02
N PHE B 153 -20.26 -38.22 3.21
CA PHE B 153 -20.77 -37.66 1.97
C PHE B 153 -22.20 -37.20 2.08
N VAL B 154 -22.45 -35.95 1.71
CA VAL B 154 -23.82 -35.46 1.61
C VAL B 154 -24.08 -35.03 0.17
N VAL B 155 -25.01 -35.71 -0.49
CA VAL B 155 -25.42 -35.27 -1.82
C VAL B 155 -26.61 -34.33 -1.67
N VAL B 156 -26.66 -33.32 -2.51
CA VAL B 156 -27.73 -32.34 -2.44
C VAL B 156 -28.47 -32.33 -3.76
N THR B 157 -29.80 -32.36 -3.69
CA THR B 157 -30.60 -32.33 -4.90
C THR B 157 -31.86 -31.48 -4.71
N ASP B 158 -32.34 -30.91 -5.81
CA ASP B 158 -33.61 -30.17 -5.79
C ASP B 158 -34.70 -30.99 -6.46
N ASN B 159 -34.41 -32.27 -6.67
CA ASN B 159 -35.39 -33.18 -7.26
C ASN B 159 -35.95 -34.17 -6.22
N TYR B 160 -37.22 -33.96 -5.87
CA TYR B 160 -37.92 -34.74 -4.86
C TYR B 160 -37.92 -36.24 -5.17
N ASP B 161 -38.30 -36.59 -6.39
CA ASP B 161 -38.38 -37.99 -6.80
C ASP B 161 -37.00 -38.64 -6.76
N GLN B 162 -35.97 -37.81 -6.85
CA GLN B 162 -34.60 -38.31 -6.81
C GLN B 162 -34.12 -38.50 -5.38
N ALA B 163 -34.42 -37.52 -4.53
CA ALA B 163 -34.04 -37.59 -3.13
C ALA B 163 -34.60 -38.84 -2.47
N LEU B 164 -35.83 -39.20 -2.83
CA LEU B 164 -36.43 -40.45 -2.39
C LEU B 164 -35.55 -41.63 -2.79
N HIS B 165 -35.32 -41.77 -4.09
CA HIS B 165 -34.58 -42.89 -4.65
C HIS B 165 -33.21 -43.04 -4.02
N LEU B 166 -32.62 -41.93 -3.62
CA LEU B 166 -31.26 -41.95 -3.08
C LEU B 166 -31.21 -42.29 -1.59
N GLU B 167 -32.33 -42.12 -0.90
CA GLU B 167 -32.39 -42.40 0.54
C GLU B 167 -32.67 -43.86 0.83
N GLU B 168 -33.22 -44.57 -0.15
CA GLU B 168 -33.51 -46.00 0.04
C GLU B 168 -32.24 -46.84 -0.07
N GLN B 169 -31.41 -46.54 -1.07
CA GLN B 169 -30.09 -47.16 -1.15
C GLN B 169 -29.01 -46.17 -0.68
N GLU B 170 -29.27 -45.54 0.45
CA GLU B 170 -28.39 -44.51 0.99
C GLU B 170 -27.02 -45.05 1.45
N GLY B 171 -26.03 -44.94 0.57
CA GLY B 171 -24.65 -45.08 0.99
C GLY B 171 -24.18 -43.69 1.39
N PHE B 172 -25.16 -42.80 1.56
CA PHE B 172 -24.93 -41.38 1.75
C PHE B 172 -26.19 -40.70 2.24
N LYS B 173 -26.03 -39.67 3.05
CA LYS B 173 -27.16 -38.83 3.45
C LYS B 173 -27.58 -37.94 2.29
N VAL B 174 -28.88 -37.71 2.18
CA VAL B 174 -29.40 -36.84 1.14
C VAL B 174 -30.08 -35.60 1.73
N VAL B 175 -29.71 -34.43 1.23
CA VAL B 175 -30.42 -33.22 1.58
C VAL B 175 -31.18 -32.70 0.37
N TYR B 176 -32.48 -32.50 0.54
CA TYR B 176 -33.35 -31.99 -0.50
C TYR B 176 -33.46 -30.48 -0.37
N GLY B 177 -32.93 -29.77 -1.37
CA GLY B 177 -32.97 -28.32 -1.38
C GLY B 177 -32.38 -27.70 -2.62
N SER B 178 -32.75 -26.46 -2.90
CA SER B 178 -32.15 -25.72 -4.00
C SER B 178 -30.68 -25.53 -3.69
N PRO B 179 -29.80 -25.99 -4.61
CA PRO B 179 -28.36 -25.93 -4.37
C PRO B 179 -27.83 -24.50 -4.46
N THR B 180 -28.64 -23.57 -4.91
CA THR B 180 -28.17 -22.20 -5.09
C THR B 180 -28.73 -21.23 -4.05
N ASP B 181 -29.52 -21.72 -3.11
CA ASP B 181 -29.98 -20.86 -2.01
C ASP B 181 -28.93 -20.83 -0.90
N ALA B 182 -28.56 -19.63 -0.45
CA ALA B 182 -27.55 -19.48 0.59
C ALA B 182 -28.11 -19.94 1.94
N HIS B 183 -29.43 -19.85 2.10
CA HIS B 183 -30.07 -20.37 3.28
C HIS B 183 -29.88 -21.89 3.31
N VAL B 184 -30.07 -22.54 2.17
CA VAL B 184 -29.82 -23.97 2.07
C VAL B 184 -28.36 -24.29 2.35
N LEU B 185 -27.46 -23.53 1.72
CA LEU B 185 -26.03 -23.74 1.89
C LEU B 185 -25.61 -23.55 3.34
N ALA B 186 -26.25 -22.61 4.01
CA ALA B 186 -26.01 -22.37 5.44
C ALA B 186 -26.46 -23.57 6.26
N GLY B 187 -27.64 -24.10 5.94
CA GLY B 187 -28.14 -25.30 6.59
C GLY B 187 -27.25 -26.50 6.33
N LEU B 188 -26.57 -26.50 5.18
CA LEU B 188 -25.65 -27.57 4.83
C LEU B 188 -24.31 -27.40 5.54
N ARG B 189 -24.16 -26.27 6.21
CA ARG B 189 -22.93 -25.94 6.94
C ARG B 189 -21.71 -25.93 6.02
N VAL B 190 -21.81 -25.23 4.90
CA VAL B 190 -20.73 -25.19 3.90
C VAL B 190 -19.41 -24.69 4.47
N ALA B 191 -19.48 -23.78 5.44
CA ALA B 191 -18.29 -23.21 6.06
C ALA B 191 -17.51 -24.28 6.81
N ALA B 192 -18.24 -25.22 7.39
CA ALA B 192 -17.64 -26.29 8.17
C ALA B 192 -17.24 -27.49 7.30
N ALA B 193 -17.61 -27.45 6.03
CA ALA B 193 -17.37 -28.56 5.12
C ALA B 193 -15.90 -28.71 4.76
N ARG B 194 -15.51 -29.91 4.37
CA ARG B 194 -14.13 -30.16 3.94
C ARG B 194 -13.94 -29.68 2.51
N SER B 195 -14.76 -30.20 1.61
CA SER B 195 -14.67 -29.85 0.21
C SER B 195 -16.06 -29.85 -0.41
N ILE B 196 -16.16 -29.36 -1.65
CA ILE B 196 -17.43 -29.31 -2.36
C ILE B 196 -17.22 -29.70 -3.81
N ILE B 197 -17.94 -30.72 -4.27
CA ILE B 197 -17.92 -31.06 -5.69
C ILE B 197 -19.11 -30.40 -6.39
N ALA B 198 -18.80 -29.51 -7.32
CA ALA B 198 -19.82 -28.83 -8.10
C ALA B 198 -19.98 -29.53 -9.47
N ASN B 199 -20.98 -30.39 -9.55
CA ASN B 199 -21.24 -31.14 -10.78
C ASN B 199 -22.62 -30.82 -11.39
N LEU B 200 -23.00 -29.55 -11.31
CA LEU B 200 -24.20 -29.09 -11.98
C LEU B 200 -23.86 -28.61 -13.39
N SER B 201 -24.83 -28.04 -14.10
CA SER B 201 -24.53 -27.40 -15.37
C SER B 201 -23.57 -26.24 -15.13
N ASP B 202 -22.89 -25.79 -16.18
CA ASP B 202 -21.98 -24.67 -16.04
C ASP B 202 -22.62 -23.41 -15.44
N PRO B 203 -23.84 -23.03 -15.90
CA PRO B 203 -24.50 -21.89 -15.24
C PRO B 203 -24.86 -22.12 -13.78
N ASP B 204 -25.34 -23.30 -13.42
CA ASP B 204 -25.67 -23.58 -12.02
C ASP B 204 -24.42 -23.61 -11.16
N ASN B 205 -23.36 -24.23 -11.67
CA ASN B 205 -22.07 -24.25 -11.00
C ASN B 205 -21.59 -22.85 -10.70
N ALA B 206 -21.73 -21.97 -11.68
CA ALA B 206 -21.30 -20.59 -11.55
C ALA B 206 -22.08 -19.93 -10.42
N ASN B 207 -23.39 -20.18 -10.43
CA ASN B 207 -24.29 -19.70 -9.39
C ASN B 207 -23.88 -20.22 -8.03
N LEU B 208 -23.51 -21.50 -7.98
CA LEU B 208 -23.17 -22.16 -6.72
C LEU B 208 -21.90 -21.58 -6.12
N CYS B 209 -20.86 -21.44 -6.94
CA CYS B 209 -19.57 -20.93 -6.47
C CYS B 209 -19.68 -19.55 -5.90
N LEU B 210 -20.28 -18.64 -6.67
CA LEU B 210 -20.50 -17.28 -6.22
C LEU B 210 -21.25 -17.29 -4.89
N THR B 211 -22.27 -18.14 -4.79
CA THR B 211 -23.10 -18.21 -3.59
C THR B 211 -22.34 -18.77 -2.38
N VAL B 212 -21.65 -19.89 -2.59
CA VAL B 212 -20.84 -20.46 -1.53
C VAL B 212 -19.77 -19.46 -1.08
N ARG B 213 -19.15 -18.80 -2.06
CA ARG B 213 -18.08 -17.83 -1.75
C ARG B 213 -18.58 -16.64 -0.92
N SER B 214 -19.89 -16.39 -0.97
CA SER B 214 -20.46 -15.32 -0.17
C SER B 214 -20.58 -15.73 1.30
N LEU B 215 -20.42 -17.03 1.58
CA LEU B 215 -20.51 -17.56 2.93
C LEU B 215 -19.15 -17.99 3.49
N CYS B 216 -18.35 -18.64 2.66
CA CYS B 216 -17.12 -19.26 3.14
C CYS B 216 -16.03 -19.33 2.08
N GLN B 217 -14.88 -19.88 2.48
CA GLN B 217 -13.75 -20.06 1.58
C GLN B 217 -13.48 -21.53 1.33
N THR B 218 -14.47 -22.36 1.67
CA THR B 218 -14.40 -23.80 1.44
C THR B 218 -14.00 -24.12 0.00
N PRO B 219 -13.01 -25.00 -0.18
CA PRO B 219 -12.53 -25.36 -1.51
C PRO B 219 -13.60 -26.02 -2.36
N ILE B 220 -13.76 -25.53 -3.58
CA ILE B 220 -14.75 -26.06 -4.50
C ILE B 220 -14.04 -26.70 -5.70
N ILE B 221 -14.47 -27.90 -6.04
CA ILE B 221 -14.05 -28.52 -7.30
C ILE B 221 -15.23 -28.51 -8.28
N ALA B 222 -15.06 -27.82 -9.40
CA ALA B 222 -16.11 -27.76 -10.40
C ALA B 222 -15.81 -28.69 -11.56
N VAL B 223 -16.81 -29.48 -11.96
CA VAL B 223 -16.72 -30.25 -13.18
C VAL B 223 -17.36 -29.46 -14.30
N VAL B 224 -16.53 -28.89 -15.17
CA VAL B 224 -17.01 -28.04 -16.26
C VAL B 224 -17.44 -28.87 -17.47
N LYS B 225 -18.55 -28.47 -18.10
CA LYS B 225 -19.08 -29.22 -19.23
C LYS B 225 -18.52 -28.74 -20.57
N GLU B 226 -18.12 -27.47 -20.63
CA GLU B 226 -17.49 -26.92 -21.83
C GLU B 226 -16.19 -26.22 -21.46
N PRO B 227 -15.06 -26.81 -21.84
CA PRO B 227 -13.69 -26.38 -21.50
C PRO B 227 -13.44 -24.87 -21.56
N VAL B 228 -14.20 -24.14 -22.38
CA VAL B 228 -14.04 -22.70 -22.48
C VAL B 228 -14.61 -21.96 -21.27
N HIS B 229 -15.44 -22.66 -20.50
CA HIS B 229 -16.08 -22.08 -19.33
C HIS B 229 -15.24 -22.23 -18.07
N GLY B 230 -14.09 -22.89 -18.21
CA GLY B 230 -13.19 -23.10 -17.09
C GLY B 230 -12.72 -21.82 -16.41
N GLU B 231 -12.28 -20.84 -17.19
CA GLU B 231 -11.84 -19.57 -16.64
C GLU B 231 -13.01 -18.88 -15.93
N LEU B 232 -14.19 -19.02 -16.50
CA LEU B 232 -15.39 -18.41 -15.97
C LEU B 232 -15.73 -18.97 -14.58
N LEU B 233 -15.50 -20.26 -14.40
CA LEU B 233 -15.84 -20.93 -13.16
C LEU B 233 -14.79 -20.68 -12.06
N ARG B 234 -13.55 -20.45 -12.45
CA ARG B 234 -12.52 -20.04 -11.49
C ARG B 234 -12.86 -18.63 -10.98
N LEU B 235 -13.30 -17.79 -11.91
CA LEU B 235 -13.75 -16.45 -11.59
C LEU B 235 -14.87 -16.47 -10.54
N ALA B 236 -15.81 -17.39 -10.69
CA ALA B 236 -16.91 -17.52 -9.74
C ALA B 236 -16.43 -18.03 -8.38
N GLY B 237 -15.29 -18.71 -8.35
CA GLY B 237 -14.69 -19.10 -7.08
C GLY B 237 -14.26 -20.55 -6.93
N ALA B 238 -14.45 -21.36 -7.98
CA ALA B 238 -14.00 -22.74 -7.95
C ALA B 238 -12.49 -22.79 -7.80
N ASN B 239 -12.02 -23.59 -6.82
CA ASN B 239 -10.60 -23.74 -6.57
C ASN B 239 -9.95 -24.66 -7.60
N GLN B 240 -10.76 -25.52 -8.20
CA GLN B 240 -10.27 -26.46 -9.18
C GLN B 240 -11.36 -26.67 -10.22
N VAL B 241 -10.97 -26.79 -11.48
CA VAL B 241 -11.92 -27.04 -12.55
C VAL B 241 -11.53 -28.29 -13.32
N VAL B 242 -12.46 -29.21 -13.49
CA VAL B 242 -12.16 -30.45 -14.20
C VAL B 242 -12.99 -30.58 -15.46
N PRO B 243 -12.33 -30.47 -16.62
CA PRO B 243 -13.00 -30.64 -17.92
C PRO B 243 -13.13 -32.13 -18.28
N LEU B 244 -14.07 -32.82 -17.65
CA LEU B 244 -14.25 -34.25 -17.87
C LEU B 244 -14.40 -34.68 -19.33
N THR B 245 -15.38 -34.12 -20.04
CA THR B 245 -15.65 -34.55 -21.41
C THR B 245 -14.44 -34.37 -22.31
N ARG B 246 -13.65 -33.33 -22.04
CA ARG B 246 -12.44 -33.07 -22.81
C ARG B 246 -11.39 -34.13 -22.49
N ILE B 247 -11.13 -34.33 -21.21
CA ILE B 247 -10.25 -35.38 -20.73
C ILE B 247 -10.66 -36.75 -21.26
N LEU B 248 -11.95 -37.07 -21.15
CA LEU B 248 -12.47 -38.35 -21.63
C LEU B 248 -12.28 -38.51 -23.14
N GLY B 249 -12.51 -37.44 -23.89
CA GLY B 249 -12.30 -37.48 -25.33
C GLY B 249 -10.84 -37.69 -25.66
N ARG B 250 -9.99 -37.02 -24.87
CA ARG B 250 -8.55 -37.11 -25.05
C ARG B 250 -8.09 -38.55 -24.88
N TYR B 251 -8.73 -39.26 -23.95
CA TYR B 251 -8.36 -40.64 -23.66
C TYR B 251 -8.84 -41.63 -24.73
N LEU B 252 -10.02 -41.40 -25.28
CA LEU B 252 -10.46 -42.17 -26.43
C LEU B 252 -9.57 -41.87 -27.62
N GLY B 253 -9.01 -40.65 -27.63
CA GLY B 253 -8.14 -40.22 -28.70
C GLY B 253 -6.75 -40.83 -28.72
N ILE B 254 -6.04 -40.81 -27.59
CA ILE B 254 -4.65 -41.31 -27.59
C ILE B 254 -4.61 -42.80 -27.85
N ARG B 255 -5.76 -43.44 -27.80
CA ARG B 255 -5.83 -44.88 -27.89
C ARG B 255 -6.20 -45.31 -29.30
N ALA B 256 -6.81 -44.41 -30.06
CA ALA B 256 -7.34 -44.71 -31.38
C ALA B 256 -6.28 -44.79 -32.50
N THR B 257 -5.19 -44.05 -32.34
CA THR B 257 -4.10 -44.12 -33.32
C THR B 257 -3.54 -45.55 -33.41
N THR B 258 -2.99 -45.89 -34.56
CA THR B 258 -2.43 -47.22 -34.77
C THR B 258 -1.19 -47.43 -33.91
N CYS B 259 -0.37 -46.39 -33.79
CA CYS B 259 0.78 -46.42 -32.89
C CYS B 259 0.62 -45.37 -31.79
N GLY B 260 1.12 -45.68 -30.59
CA GLY B 260 1.07 -44.74 -29.49
C GLY B 260 1.84 -43.47 -29.79
N ALA B 261 1.48 -42.40 -29.07
CA ALA B 261 2.11 -41.10 -29.28
C ALA B 261 2.03 -40.25 -28.02
N LEU B 262 3.07 -39.46 -27.77
CA LEU B 262 3.12 -38.58 -26.60
C LEU B 262 1.89 -37.71 -26.47
N ALA B 263 1.40 -37.57 -25.25
CA ALA B 263 0.34 -36.63 -24.96
C ALA B 263 0.78 -35.79 -23.79
N HIS B 264 1.04 -34.52 -24.06
CA HIS B 264 1.50 -33.58 -23.04
C HIS B 264 0.40 -33.32 -22.00
N ILE B 265 0.74 -33.45 -20.72
CA ILE B 265 -0.22 -33.20 -19.64
C ILE B 265 -0.02 -31.83 -18.99
N LEU B 266 1.12 -31.65 -18.35
CA LEU B 266 1.41 -30.42 -17.61
C LEU B 266 2.72 -29.79 -18.06
N ASP B 267 2.68 -28.48 -18.25
CA ASP B 267 3.90 -27.71 -18.49
C ASP B 267 4.22 -26.90 -17.24
N SER B 268 5.13 -27.43 -16.42
CA SER B 268 5.49 -26.78 -15.17
C SER B 268 6.53 -25.67 -15.39
N PHE B 269 6.08 -24.58 -16.01
CA PHE B 269 6.88 -23.38 -16.30
C PHE B 269 7.88 -23.51 -17.45
N GLY B 270 7.89 -24.66 -18.12
CA GLY B 270 8.88 -24.91 -19.15
C GLY B 270 10.10 -25.64 -18.60
N ASN B 271 10.19 -25.71 -17.27
CA ASN B 271 11.27 -26.44 -16.60
C ASN B 271 11.09 -27.96 -16.61
N LEU B 272 9.86 -28.41 -16.42
CA LEU B 272 9.57 -29.83 -16.38
C LEU B 272 8.21 -30.11 -17.00
N GLN B 273 8.16 -31.07 -17.91
CA GLN B 273 6.92 -31.44 -18.57
C GLN B 273 6.46 -32.82 -18.10
N ILE B 274 5.16 -33.03 -18.04
CA ILE B 274 4.61 -34.34 -17.74
C ILE B 274 3.80 -34.79 -18.96
N ALA B 275 4.10 -35.98 -19.47
CA ALA B 275 3.44 -36.48 -20.66
C ALA B 275 3.10 -37.95 -20.48
N GLU B 276 2.02 -38.39 -21.10
CA GLU B 276 1.66 -39.80 -21.10
C GLU B 276 1.79 -40.42 -22.50
N LEU B 277 2.10 -41.71 -22.53
CA LEU B 277 2.34 -42.42 -23.77
C LEU B 277 1.76 -43.83 -23.72
N PRO B 278 0.71 -44.08 -24.49
CA PRO B 278 0.21 -45.44 -24.68
C PRO B 278 1.24 -46.22 -25.50
N VAL B 279 1.42 -47.48 -25.18
CA VAL B 279 2.54 -48.26 -25.68
C VAL B 279 2.16 -49.10 -26.91
N HIS B 280 0.87 -49.10 -27.26
CA HIS B 280 0.44 -49.88 -28.41
C HIS B 280 1.04 -49.39 -29.72
N GLY B 281 1.52 -50.32 -30.53
CA GLY B 281 2.10 -49.99 -31.83
C GLY B 281 3.50 -49.42 -31.76
N THR B 282 3.96 -49.13 -30.55
CA THR B 282 5.30 -48.58 -30.35
C THR B 282 6.28 -49.74 -30.25
N PRO B 283 7.58 -49.45 -30.41
CA PRO B 283 8.60 -50.50 -30.22
C PRO B 283 8.62 -51.05 -28.79
N PHE B 284 8.17 -50.25 -27.84
CA PHE B 284 8.22 -50.65 -26.43
C PHE B 284 7.23 -51.75 -26.06
N ALA B 285 6.29 -52.05 -26.96
CA ALA B 285 5.28 -53.07 -26.69
C ALA B 285 5.87 -54.48 -26.78
N GLY B 286 5.73 -55.23 -25.68
CA GLY B 286 6.26 -56.58 -25.60
C GLY B 286 7.52 -56.59 -24.77
N LYS B 287 8.21 -55.46 -24.75
CA LYS B 287 9.49 -55.32 -24.05
C LYS B 287 9.28 -55.05 -22.56
N THR B 288 10.31 -55.34 -21.76
CA THR B 288 10.30 -54.94 -20.36
C THR B 288 10.85 -53.52 -20.27
N ILE B 289 10.60 -52.85 -19.15
CA ILE B 289 10.99 -51.45 -19.01
C ILE B 289 12.48 -51.18 -19.19
N GLY B 290 13.31 -51.86 -18.42
CA GLY B 290 14.76 -51.70 -18.51
C GLY B 290 15.32 -52.15 -19.84
N GLU B 291 14.56 -52.99 -20.54
CA GLU B 291 14.94 -53.49 -21.85
C GLU B 291 14.72 -52.42 -22.90
N SER B 292 13.64 -51.65 -22.74
CA SER B 292 13.30 -50.58 -23.65
C SER B 292 14.24 -49.39 -23.49
N GLY B 293 14.87 -49.30 -22.31
CA GLY B 293 15.89 -48.30 -22.02
C GLY B 293 15.48 -46.88 -22.31
N ILE B 294 14.26 -46.51 -21.91
CA ILE B 294 13.75 -45.17 -22.17
C ILE B 294 14.49 -44.07 -21.41
N ARG B 295 14.72 -44.27 -20.12
CA ARG B 295 15.40 -43.26 -19.31
C ARG B 295 16.82 -42.99 -19.82
N GLN B 296 17.49 -44.04 -20.26
CA GLN B 296 18.87 -43.94 -20.73
C GLN B 296 18.95 -43.20 -22.06
N ARG B 297 17.98 -43.45 -22.95
CA ARG B 297 17.97 -42.87 -24.28
C ARG B 297 17.27 -41.51 -24.36
N THR B 298 16.48 -41.17 -23.34
CA THR B 298 15.73 -39.93 -23.37
C THR B 298 16.13 -38.93 -22.29
N GLY B 299 16.62 -39.44 -21.16
CA GLY B 299 16.92 -38.59 -20.03
C GLY B 299 15.64 -38.32 -19.26
N LEU B 300 14.55 -38.95 -19.70
CA LEU B 300 13.26 -38.80 -19.06
C LEU B 300 13.17 -39.59 -17.77
N SER B 301 12.20 -39.23 -16.94
CA SER B 301 11.83 -40.02 -15.80
C SER B 301 10.52 -40.73 -16.12
N ILE B 302 10.45 -42.03 -15.80
CA ILE B 302 9.19 -42.76 -15.88
C ILE B 302 8.56 -42.76 -14.48
N ILE B 303 7.55 -41.92 -14.28
CA ILE B 303 6.99 -41.77 -12.95
C ILE B 303 5.86 -42.74 -12.67
N GLY B 304 5.59 -43.64 -13.60
CA GLY B 304 4.57 -44.65 -13.38
C GLY B 304 4.08 -45.38 -14.61
N VAL B 305 3.62 -46.61 -14.41
CA VAL B 305 3.00 -47.39 -15.47
C VAL B 305 1.52 -47.66 -15.15
N TRP B 306 0.64 -46.92 -15.81
CA TRP B 306 -0.79 -47.14 -15.67
C TRP B 306 -1.25 -48.28 -16.57
N GLU B 307 -1.76 -49.33 -15.95
CA GLU B 307 -2.25 -50.51 -16.67
C GLU B 307 -3.28 -51.21 -15.82
N ARG B 308 -4.38 -51.64 -16.45
CA ARG B 308 -5.44 -52.37 -15.76
C ARG B 308 -6.00 -51.59 -14.56
N GLY B 309 -6.07 -50.27 -14.71
CA GLY B 309 -6.66 -49.42 -13.69
C GLY B 309 -5.79 -49.17 -12.48
N SER B 310 -4.49 -49.42 -12.61
CA SER B 310 -3.59 -49.29 -11.48
C SER B 310 -2.29 -48.56 -11.85
N LEU B 311 -2.09 -47.38 -11.27
CA LEU B 311 -0.85 -46.63 -11.43
C LEU B 311 0.25 -47.26 -10.57
N THR B 312 1.03 -48.14 -11.18
CA THR B 312 2.11 -48.83 -10.45
C THR B 312 3.44 -48.14 -10.69
N THR B 313 4.41 -48.45 -9.84
CA THR B 313 5.75 -47.88 -9.98
C THR B 313 6.57 -48.73 -10.94
N PRO B 314 7.46 -48.10 -11.72
CA PRO B 314 8.23 -48.81 -12.75
C PRO B 314 9.41 -49.63 -12.21
N GLN B 315 9.45 -50.90 -12.58
CA GLN B 315 10.58 -51.76 -12.29
C GLN B 315 11.30 -52.05 -13.59
N ARG B 316 12.54 -52.49 -13.51
CA ARG B 316 13.33 -52.85 -14.68
C ARG B 316 12.72 -54.06 -15.42
N GLU B 317 12.14 -54.98 -14.66
CA GLU B 317 11.62 -56.22 -15.23
C GLU B 317 10.14 -56.13 -15.59
N THR B 318 9.51 -55.01 -15.24
CA THR B 318 8.11 -54.78 -15.57
C THR B 318 7.87 -54.85 -17.07
N VAL B 319 6.96 -55.74 -17.49
CA VAL B 319 6.65 -55.89 -18.91
C VAL B 319 5.58 -54.91 -19.40
N LEU B 320 5.90 -54.21 -20.48
CA LEU B 320 4.93 -53.31 -21.10
C LEU B 320 4.10 -54.10 -22.12
N THR B 321 2.79 -54.00 -21.98
CA THR B 321 1.88 -54.67 -22.91
C THR B 321 1.28 -53.65 -23.86
N GLU B 322 0.51 -54.12 -24.83
CA GLU B 322 -0.10 -53.23 -25.80
C GLU B 322 -1.09 -52.25 -25.14
N GLN B 323 -1.59 -52.61 -23.98
CA GLN B 323 -2.57 -51.78 -23.29
C GLN B 323 -1.97 -50.89 -22.21
N SER B 324 -0.64 -50.91 -22.08
CA SER B 324 0.02 -50.13 -21.04
C SER B 324 0.10 -48.66 -21.41
N LEU B 325 0.32 -47.81 -20.42
CA LEU B 325 0.49 -46.37 -20.65
C LEU B 325 1.56 -45.79 -19.72
N LEU B 326 2.65 -45.29 -20.30
CA LEU B 326 3.71 -44.70 -19.50
C LEU B 326 3.39 -43.27 -19.10
N VAL B 327 3.71 -42.90 -17.85
CA VAL B 327 3.61 -41.52 -17.40
C VAL B 327 5.04 -40.97 -17.26
N LEU B 328 5.32 -39.89 -17.99
CA LEU B 328 6.70 -39.44 -18.15
C LEU B 328 6.93 -38.00 -17.72
N ALA B 329 8.16 -37.72 -17.28
CA ALA B 329 8.51 -36.39 -16.81
C ALA B 329 9.93 -36.01 -17.25
N GLY B 330 10.07 -34.79 -17.76
CA GLY B 330 11.36 -34.31 -18.20
C GLY B 330 11.30 -32.98 -18.93
N THR B 331 12.42 -32.59 -19.51
CA THR B 331 12.51 -31.33 -20.23
C THR B 331 11.93 -31.46 -21.63
N LYS B 332 11.66 -30.31 -22.25
CA LYS B 332 11.05 -30.24 -23.58
C LYS B 332 11.85 -31.01 -24.61
N SER B 333 13.17 -30.99 -24.48
CA SER B 333 14.06 -31.69 -25.40
C SER B 333 14.08 -33.19 -25.17
N GLN B 334 13.90 -33.60 -23.91
CA GLN B 334 13.87 -35.02 -23.56
C GLN B 334 12.63 -35.72 -24.09
N LEU B 335 11.54 -34.97 -24.21
CA LEU B 335 10.31 -35.50 -24.79
C LEU B 335 10.42 -35.58 -26.31
N ALA B 336 11.20 -34.66 -26.89
CA ALA B 336 11.42 -34.66 -28.32
C ALA B 336 12.27 -35.85 -28.73
N ALA B 337 13.19 -36.24 -27.85
CA ALA B 337 14.02 -37.40 -28.08
C ALA B 337 13.18 -38.67 -28.13
N LEU B 338 12.18 -38.76 -27.26
CA LEU B 338 11.31 -39.92 -27.19
C LEU B 338 10.49 -40.05 -28.46
N GLU B 339 9.95 -38.93 -28.94
CA GLU B 339 9.13 -38.93 -30.15
C GLU B 339 9.92 -39.37 -31.38
N TYR B 340 11.22 -39.11 -31.37
CA TYR B 340 12.12 -39.55 -32.43
C TYR B 340 12.35 -41.06 -32.34
N LEU B 341 12.39 -41.58 -31.12
CA LEU B 341 12.61 -43.00 -30.89
C LEU B 341 11.43 -43.87 -31.34
N ILE B 342 10.24 -43.25 -31.43
CA ILE B 342 8.99 -43.98 -31.69
C ILE B 342 8.81 -44.64 -33.08
N GLY B 343 8.98 -43.92 -34.20
CA GLY B 343 9.27 -42.49 -34.25
C GLY B 343 8.30 -41.77 -35.15
N GLU B 344 8.10 -42.31 -36.35
CA GLU B 344 7.24 -41.67 -37.35
C GLU B 344 5.93 -42.43 -37.55
N ALA B 345 4.81 -41.71 -37.51
CA ALA B 345 3.48 -42.29 -37.61
C ALA B 345 3.23 -42.88 -39.00
N PRO B 346 2.42 -43.96 -39.06
CA PRO B 346 2.06 -44.56 -40.35
C PRO B 346 1.15 -43.63 -41.15
N GLU B 347 1.18 -43.75 -42.47
CA GLU B 347 0.39 -42.88 -43.31
C GLU B 347 -1.04 -43.41 -43.49
N ASP B 348 -1.88 -42.62 -44.15
CA ASP B 348 -3.32 -42.90 -44.31
C ASP B 348 -4.03 -43.41 -43.05
N GLU B 349 -3.87 -42.68 -41.97
CA GLU B 349 -4.62 -42.92 -40.77
C GLU B 349 -6.03 -42.36 -40.98
N LEU B 350 -7.05 -43.15 -40.68
CA LEU B 350 -8.42 -42.68 -40.82
C LEU B 350 -9.26 -43.19 -39.66
N ILE B 351 -9.70 -42.27 -38.81
CA ILE B 351 -10.39 -42.65 -37.58
C ILE B 351 -11.89 -42.32 -37.60
N PHE B 352 -12.71 -43.35 -37.55
CA PHE B 352 -14.16 -43.17 -37.47
C PHE B 352 -14.61 -42.97 -36.03
N ILE B 353 -15.23 -41.82 -35.77
CA ILE B 353 -15.73 -41.51 -34.44
C ILE B 353 -17.24 -41.59 -34.42
N ILE B 354 -17.77 -42.69 -33.92
CA ILE B 354 -19.22 -42.84 -33.85
C ILE B 354 -19.78 -42.17 -32.60
N GLY B 355 -20.59 -41.13 -32.80
CA GLY B 355 -21.08 -40.31 -31.71
C GLY B 355 -20.42 -38.94 -31.66
N HIS B 356 -21.22 -37.90 -31.85
CA HIS B 356 -20.68 -36.55 -31.88
C HIS B 356 -21.31 -35.66 -30.81
N GLY B 357 -21.38 -36.19 -29.59
CA GLY B 357 -21.71 -35.38 -28.43
C GLY B 357 -20.45 -34.72 -27.88
N ARG B 358 -20.50 -34.26 -26.63
CA ARG B 358 -19.38 -33.56 -26.02
C ARG B 358 -18.08 -34.36 -26.04
N ILE B 359 -18.16 -35.65 -25.72
CA ILE B 359 -16.96 -36.49 -25.67
C ILE B 359 -16.48 -36.83 -27.07
N GLY B 360 -17.39 -37.30 -27.91
CA GLY B 360 -17.07 -37.53 -29.31
C GLY B 360 -16.43 -36.30 -29.93
N CYS B 361 -17.01 -35.13 -29.67
CA CYS B 361 -16.47 -33.86 -30.12
C CYS B 361 -15.06 -33.66 -29.57
N ALA B 362 -14.90 -33.94 -28.28
CA ALA B 362 -13.61 -33.80 -27.61
C ALA B 362 -12.54 -34.70 -28.23
N ALA B 363 -12.94 -35.92 -28.58
CA ALA B 363 -12.01 -36.87 -29.20
C ALA B 363 -11.54 -36.36 -30.54
N ALA B 364 -12.49 -35.89 -31.35
CA ALA B 364 -12.19 -35.34 -32.66
C ALA B 364 -11.30 -34.11 -32.51
N ALA B 365 -11.58 -33.30 -31.49
CA ALA B 365 -10.83 -32.08 -31.25
C ALA B 365 -9.40 -32.37 -30.84
N PHE B 366 -9.21 -33.46 -30.10
CA PHE B 366 -7.88 -33.90 -29.73
C PHE B 366 -7.11 -34.41 -30.95
N LEU B 367 -7.80 -35.19 -31.77
CA LEU B 367 -7.17 -35.79 -32.95
C LEU B 367 -6.80 -34.72 -33.96
N ASP B 368 -7.47 -33.58 -33.88
CA ASP B 368 -7.20 -32.46 -34.77
C ASP B 368 -5.99 -31.66 -34.30
N ARG B 369 -5.60 -31.87 -33.04
CA ARG B 369 -4.45 -31.18 -32.48
C ARG B 369 -3.16 -31.68 -33.12
N LYS B 370 -3.20 -32.87 -33.70
CA LYS B 370 -1.99 -33.52 -34.19
C LYS B 370 -1.52 -33.08 -35.60
N PRO B 371 -2.40 -33.17 -36.62
CA PRO B 371 -3.75 -33.72 -36.70
C PRO B 371 -3.80 -35.11 -37.35
N VAL B 372 -4.85 -35.85 -37.00
CA VAL B 372 -5.13 -37.15 -37.60
C VAL B 372 -6.48 -37.07 -38.29
N PRO B 373 -6.52 -37.47 -39.57
CA PRO B 373 -7.77 -37.53 -40.34
C PRO B 373 -8.85 -38.36 -39.65
N PHE B 374 -10.01 -37.75 -39.41
CA PHE B 374 -11.11 -38.45 -38.76
C PHE B 374 -12.47 -38.25 -39.45
N ILE B 375 -13.41 -39.15 -39.17
CA ILE B 375 -14.79 -38.96 -39.60
C ILE B 375 -15.78 -39.07 -38.43
N LEU B 376 -16.58 -38.04 -38.24
CA LEU B 376 -17.61 -38.04 -37.20
C LEU B 376 -18.96 -38.49 -37.75
N ILE B 377 -19.60 -39.39 -37.03
CA ILE B 377 -20.95 -39.83 -37.37
C ILE B 377 -21.90 -39.64 -36.19
N ASP B 378 -23.08 -39.12 -36.46
CA ASP B 378 -24.09 -38.95 -35.42
C ASP B 378 -25.46 -38.88 -36.06
N ARG B 379 -26.48 -39.26 -35.32
CA ARG B 379 -27.83 -39.28 -35.88
C ARG B 379 -28.46 -37.90 -35.86
N GLN B 380 -27.98 -37.02 -34.98
CA GLN B 380 -28.48 -35.64 -34.90
C GLN B 380 -27.35 -34.62 -35.04
N GLU B 381 -27.74 -33.38 -35.29
CA GLU B 381 -26.79 -32.28 -35.41
C GLU B 381 -26.50 -31.71 -34.03
N SER B 382 -25.21 -31.50 -33.74
CA SER B 382 -24.77 -30.94 -32.46
C SER B 382 -25.35 -29.55 -32.21
N PRO B 383 -25.85 -29.32 -31.00
CA PRO B 383 -26.43 -28.03 -30.60
C PRO B 383 -25.35 -27.07 -30.11
N VAL B 384 -24.16 -27.59 -29.85
CA VAL B 384 -23.12 -26.81 -29.19
C VAL B 384 -21.92 -26.56 -30.11
N CYS B 385 -21.72 -27.43 -31.09
CA CYS B 385 -20.56 -27.31 -31.96
C CYS B 385 -20.90 -26.87 -33.38
N ASN B 386 -20.13 -25.91 -33.89
CA ASN B 386 -20.27 -25.44 -35.26
C ASN B 386 -18.99 -25.64 -36.07
N ASP B 387 -17.99 -26.25 -35.44
CA ASP B 387 -16.65 -26.35 -36.03
C ASP B 387 -16.36 -27.67 -36.74
N HIS B 388 -17.20 -28.67 -36.53
CA HIS B 388 -16.91 -30.01 -37.06
C HIS B 388 -17.92 -30.46 -38.09
N VAL B 389 -17.43 -30.90 -39.25
CA VAL B 389 -18.28 -31.45 -40.28
C VAL B 389 -18.63 -32.88 -39.91
N VAL B 390 -19.93 -33.19 -39.89
CA VAL B 390 -20.41 -34.47 -39.37
C VAL B 390 -21.19 -35.22 -40.42
N VAL B 391 -21.00 -36.54 -40.49
CA VAL B 391 -21.81 -37.37 -41.36
C VAL B 391 -23.03 -37.88 -40.61
N TYR B 392 -24.19 -37.33 -40.95
CA TYR B 392 -25.42 -37.65 -40.25
C TYR B 392 -25.96 -39.03 -40.63
N GLY B 393 -26.27 -39.83 -39.61
CA GLY B 393 -26.83 -41.15 -39.82
C GLY B 393 -26.89 -41.94 -38.54
N ASP B 394 -27.70 -42.99 -38.52
CA ASP B 394 -27.72 -43.91 -37.39
C ASP B 394 -26.73 -45.04 -37.67
N ALA B 395 -25.66 -45.07 -36.88
CA ALA B 395 -24.57 -46.04 -37.08
C ALA B 395 -25.03 -47.49 -36.90
N THR B 396 -26.29 -47.66 -36.53
CA THR B 396 -26.84 -48.97 -36.22
C THR B 396 -27.58 -49.53 -37.41
N VAL B 397 -28.32 -48.66 -38.10
CA VAL B 397 -29.07 -49.07 -39.28
C VAL B 397 -28.10 -49.42 -40.41
N GLY B 398 -28.34 -50.54 -41.08
CA GLY B 398 -27.42 -51.08 -42.06
C GLY B 398 -26.88 -50.13 -43.11
N GLN B 399 -25.67 -50.41 -43.58
CA GLN B 399 -25.02 -49.67 -44.67
C GLN B 399 -24.53 -48.25 -44.33
N THR B 400 -25.10 -47.63 -43.30
CA THR B 400 -24.70 -46.29 -42.86
C THR B 400 -23.19 -46.13 -42.66
N LEU B 401 -22.55 -47.10 -42.00
CA LEU B 401 -21.11 -47.05 -41.81
C LEU B 401 -20.36 -47.35 -43.11
N ARG B 402 -20.77 -48.43 -43.79
CA ARG B 402 -20.23 -48.79 -45.10
C ARG B 402 -20.21 -47.60 -46.05
N GLN B 403 -21.38 -46.98 -46.24
CA GLN B 403 -21.52 -45.80 -47.08
C GLN B 403 -20.66 -44.63 -46.64
N ALA B 404 -20.22 -44.64 -45.38
CA ALA B 404 -19.38 -43.57 -44.86
C ALA B 404 -17.91 -43.83 -45.15
N GLY B 405 -17.62 -45.03 -45.64
CA GLY B 405 -16.26 -45.43 -45.95
C GLY B 405 -15.55 -46.06 -44.77
N ILE B 406 -16.30 -46.79 -43.95
CA ILE B 406 -15.77 -47.47 -42.76
C ILE B 406 -14.62 -48.42 -43.11
N ASP B 407 -14.52 -48.77 -44.39
CA ASP B 407 -13.58 -49.79 -44.87
C ASP B 407 -12.14 -49.32 -44.90
N ARG B 408 -11.91 -48.07 -45.29
CA ARG B 408 -10.56 -47.52 -45.34
C ARG B 408 -10.19 -46.88 -44.00
N ALA B 409 -10.94 -47.22 -42.96
CA ALA B 409 -10.65 -46.72 -41.63
C ALA B 409 -9.54 -47.54 -40.97
N SER B 410 -8.68 -46.88 -40.22
CA SER B 410 -7.63 -47.57 -39.48
C SER B 410 -8.02 -47.67 -38.01
N GLY B 411 -9.01 -46.89 -37.62
CA GLY B 411 -9.48 -46.89 -36.24
C GLY B 411 -10.91 -46.43 -36.05
N ILE B 412 -11.60 -47.08 -35.11
CA ILE B 412 -12.94 -46.66 -34.73
C ILE B 412 -13.01 -46.34 -33.24
N ILE B 413 -13.33 -45.10 -32.93
CA ILE B 413 -13.75 -44.76 -31.58
C ILE B 413 -15.27 -44.89 -31.53
N VAL B 414 -15.78 -45.76 -30.67
CA VAL B 414 -17.23 -45.85 -30.50
C VAL B 414 -17.67 -45.18 -29.20
N THR B 415 -18.32 -44.02 -29.37
CA THR B 415 -18.58 -43.09 -28.28
C THR B 415 -20.04 -42.66 -28.31
N THR B 416 -20.91 -43.59 -27.97
CA THR B 416 -22.33 -43.30 -27.88
C THR B 416 -22.72 -43.19 -26.40
N ASN B 417 -23.79 -42.48 -26.11
CA ASN B 417 -24.28 -42.34 -24.74
C ASN B 417 -24.90 -43.63 -24.18
N ASP B 418 -24.84 -44.70 -24.96
CA ASP B 418 -25.52 -45.95 -24.62
C ASP B 418 -24.59 -47.15 -24.75
N ASP B 419 -24.31 -47.80 -23.62
CA ASP B 419 -23.36 -48.92 -23.57
C ASP B 419 -23.73 -50.13 -24.42
N SER B 420 -25.00 -50.52 -24.43
CA SER B 420 -25.47 -51.63 -25.26
C SER B 420 -25.21 -51.39 -26.74
N THR B 421 -25.43 -50.15 -27.17
CA THR B 421 -25.19 -49.76 -28.56
C THR B 421 -23.69 -49.79 -28.84
N ASN B 422 -22.89 -49.38 -27.86
CA ASN B 422 -21.44 -49.43 -27.99
C ASN B 422 -20.90 -50.84 -28.07
N ILE B 423 -21.45 -51.71 -27.24
CA ILE B 423 -21.12 -53.12 -27.28
C ILE B 423 -21.50 -53.70 -28.64
N PHE B 424 -22.71 -53.39 -29.09
CA PHE B 424 -23.23 -53.92 -30.34
C PHE B 424 -22.42 -53.43 -31.55
N LEU B 425 -22.02 -52.15 -31.52
CA LEU B 425 -21.19 -51.61 -32.58
C LEU B 425 -19.80 -52.23 -32.55
N THR B 426 -19.22 -52.30 -31.36
CA THR B 426 -17.92 -52.94 -31.19
C THR B 426 -18.00 -54.38 -31.67
N LEU B 427 -19.08 -55.06 -31.31
CA LEU B 427 -19.31 -56.44 -31.74
C LEU B 427 -19.25 -56.58 -33.24
N ALA B 428 -20.02 -55.72 -33.92
CA ALA B 428 -20.13 -55.77 -35.38
C ALA B 428 -18.85 -55.36 -36.11
N CYS B 429 -18.22 -54.28 -35.65
CA CYS B 429 -17.04 -53.75 -36.34
C CYS B 429 -15.88 -54.74 -36.31
N ARG B 430 -15.57 -55.26 -35.14
CA ARG B 430 -14.49 -56.24 -34.99
C ARG B 430 -14.76 -57.50 -35.82
N HIS B 431 -16.02 -57.78 -36.12
CA HIS B 431 -16.38 -58.98 -36.88
C HIS B 431 -16.24 -58.74 -38.37
N LEU B 432 -16.39 -57.48 -38.77
CA LEU B 432 -16.33 -57.13 -40.18
C LEU B 432 -14.95 -56.59 -40.53
N HIS B 433 -14.21 -56.15 -39.51
CA HIS B 433 -12.88 -55.59 -39.70
C HIS B 433 -11.97 -56.02 -38.56
N SER B 434 -11.55 -57.28 -38.59
CA SER B 434 -10.77 -57.85 -37.50
C SER B 434 -9.40 -57.19 -37.33
N HIS B 435 -9.06 -56.31 -38.25
CA HIS B 435 -7.74 -55.69 -38.28
C HIS B 435 -7.65 -54.36 -37.53
N ILE B 436 -8.66 -53.51 -37.69
CA ILE B 436 -8.56 -52.13 -37.21
C ILE B 436 -8.65 -51.94 -35.70
N ARG B 437 -8.04 -50.85 -35.25
CA ARG B 437 -8.05 -50.43 -33.86
C ARG B 437 -9.46 -50.00 -33.39
N ILE B 438 -9.94 -50.62 -32.31
CA ILE B 438 -11.25 -50.25 -31.77
C ILE B 438 -11.16 -49.73 -30.34
N VAL B 439 -11.52 -48.46 -30.16
CA VAL B 439 -11.54 -47.85 -28.84
C VAL B 439 -12.97 -47.54 -28.46
N ALA B 440 -13.43 -48.09 -27.34
CA ALA B 440 -14.84 -47.96 -26.97
C ALA B 440 -15.06 -47.17 -25.68
N ARG B 441 -16.20 -46.47 -25.61
CA ARG B 441 -16.57 -45.74 -24.41
C ARG B 441 -17.54 -46.53 -23.54
N ALA B 442 -17.20 -46.64 -22.24
CA ALA B 442 -18.06 -47.30 -21.27
C ALA B 442 -18.67 -46.26 -20.36
N ASN B 443 -19.98 -46.09 -20.44
CA ASN B 443 -20.69 -45.12 -19.63
C ASN B 443 -20.81 -45.56 -18.19
N GLY B 444 -21.00 -46.86 -17.99
CA GLY B 444 -21.00 -47.43 -16.66
C GLY B 444 -19.97 -48.54 -16.60
N GLU B 445 -19.42 -48.77 -15.42
CA GLU B 445 -18.36 -49.76 -15.27
C GLU B 445 -18.90 -51.19 -15.37
N GLU B 446 -20.22 -51.32 -15.27
CA GLU B 446 -20.85 -52.63 -15.37
C GLU B 446 -20.80 -53.16 -16.80
N ASN B 447 -20.34 -52.33 -17.74
CA ASN B 447 -20.25 -52.72 -19.15
C ASN B 447 -18.84 -52.82 -19.71
N VAL B 448 -17.86 -52.34 -18.96
CA VAL B 448 -16.46 -52.34 -19.40
C VAL B 448 -15.96 -53.70 -19.87
N ASP B 449 -16.21 -54.76 -19.10
CA ASP B 449 -15.76 -56.10 -19.47
C ASP B 449 -16.37 -56.62 -20.78
N GLN B 450 -17.64 -56.30 -21.02
CA GLN B 450 -18.33 -56.81 -22.20
C GLN B 450 -17.83 -56.09 -23.44
N LEU B 451 -17.45 -54.83 -23.27
CA LEU B 451 -16.85 -54.06 -24.34
C LEU B 451 -15.55 -54.71 -24.79
N TYR B 452 -14.73 -55.12 -23.82
CA TYR B 452 -13.52 -55.88 -24.14
C TYR B 452 -13.85 -57.21 -24.80
N ALA B 453 -14.81 -57.93 -24.24
CA ALA B 453 -15.25 -59.20 -24.82
C ALA B 453 -15.81 -59.05 -26.23
N ALA B 454 -16.34 -57.87 -26.54
CA ALA B 454 -16.90 -57.62 -27.87
C ALA B 454 -15.81 -57.43 -28.93
N GLY B 455 -14.60 -57.14 -28.48
CA GLY B 455 -13.47 -57.01 -29.38
C GLY B 455 -12.82 -55.64 -29.37
N ALA B 456 -13.08 -54.86 -28.33
CA ALA B 456 -12.45 -53.55 -28.21
C ALA B 456 -11.02 -53.66 -27.73
N ASP B 457 -10.12 -52.93 -28.39
CA ASP B 457 -8.70 -52.95 -28.02
C ASP B 457 -8.45 -52.28 -26.67
N PHE B 458 -9.06 -51.12 -26.46
CA PHE B 458 -9.02 -50.47 -25.17
C PHE B 458 -10.41 -49.92 -24.86
N VAL B 459 -10.75 -49.85 -23.58
CA VAL B 459 -12.01 -49.27 -23.16
C VAL B 459 -11.78 -48.11 -22.21
N VAL B 460 -12.38 -46.96 -22.51
CA VAL B 460 -12.35 -45.82 -21.60
C VAL B 460 -13.61 -45.83 -20.76
N SER B 461 -13.43 -45.92 -19.45
CA SER B 461 -14.56 -45.98 -18.53
C SER B 461 -14.77 -44.63 -17.87
N ASN B 462 -15.79 -43.90 -18.33
CA ASN B 462 -16.10 -42.57 -17.81
C ASN B 462 -16.22 -42.54 -16.29
N ALA B 463 -17.07 -43.41 -15.75
CA ALA B 463 -17.33 -43.47 -14.32
C ALA B 463 -16.07 -43.54 -13.47
N SER B 464 -15.20 -44.51 -13.74
CA SER B 464 -14.00 -44.67 -12.93
C SER B 464 -12.98 -43.57 -13.16
N VAL B 465 -12.78 -43.19 -14.42
CA VAL B 465 -11.86 -42.11 -14.75
C VAL B 465 -12.24 -40.82 -14.04
N GLY B 466 -13.53 -40.47 -14.14
CA GLY B 466 -14.06 -39.30 -13.46
C GLY B 466 -13.82 -39.36 -11.96
N ALA B 467 -14.14 -40.51 -11.37
CA ALA B 467 -14.00 -40.69 -9.94
C ALA B 467 -12.53 -40.67 -9.52
N ASN B 468 -11.66 -41.29 -10.32
CA ASN B 468 -10.24 -41.31 -10.03
C ASN B 468 -9.66 -39.91 -9.95
N ILE B 469 -10.10 -39.04 -10.84
CA ILE B 469 -9.63 -37.66 -10.84
C ILE B 469 -10.18 -36.93 -9.62
N LEU B 470 -11.50 -36.85 -9.52
CA LEU B 470 -12.15 -36.15 -8.40
C LEU B 470 -11.66 -36.67 -7.05
N GLY B 471 -11.50 -37.98 -6.95
CA GLY B 471 -11.04 -38.59 -5.72
C GLY B 471 -9.65 -38.12 -5.34
N ASN B 472 -8.77 -38.06 -6.33
CA ASN B 472 -7.40 -37.65 -6.08
C ASN B 472 -7.27 -36.17 -5.75
N LEU B 473 -8.10 -35.35 -6.38
CA LEU B 473 -8.16 -33.95 -6.00
C LEU B 473 -8.65 -33.80 -4.57
N LEU B 474 -9.44 -34.77 -4.12
CA LEU B 474 -10.00 -34.75 -2.77
C LEU B 474 -9.01 -35.26 -1.73
N GLU B 475 -8.37 -36.38 -2.00
CA GLU B 475 -7.43 -36.97 -1.05
C GLU B 475 -6.14 -36.16 -0.97
N HIS B 476 -5.79 -35.53 -2.07
CA HIS B 476 -4.58 -34.69 -2.11
C HIS B 476 -4.95 -33.22 -1.94
N LYS B 477 -6.12 -32.97 -1.36
CA LYS B 477 -6.59 -31.61 -1.12
C LYS B 477 -5.60 -30.80 -0.28
N GLU B 478 -5.05 -31.42 0.75
CA GLU B 478 -4.11 -30.75 1.64
C GLU B 478 -2.85 -30.28 0.90
N SER B 479 -2.66 -30.80 -0.31
CA SER B 479 -1.61 -30.31 -1.19
C SER B 479 -2.13 -30.18 -2.62
N ALA B 480 -3.42 -29.83 -2.75
CA ALA B 480 -4.01 -29.59 -4.07
C ALA B 480 -4.00 -28.11 -4.41
N PHE B 481 -4.58 -27.30 -3.52
CA PHE B 481 -4.51 -25.84 -3.67
C PHE B 481 -3.12 -25.34 -3.33
N LEU B 482 -2.32 -26.21 -2.71
CA LEU B 482 -0.90 -25.96 -2.54
C LEU B 482 -0.19 -26.18 -3.88
N SER B 483 -0.40 -27.34 -4.48
CA SER B 483 0.18 -27.65 -5.79
C SER B 483 -0.48 -26.87 -6.93
N GLU B 484 -1.50 -26.09 -6.58
CA GLU B 484 -2.14 -25.16 -7.52
C GLU B 484 -1.47 -23.79 -7.45
N GLY B 485 -0.77 -23.43 -8.51
CA GLY B 485 0.02 -22.21 -8.52
C GLY B 485 1.48 -22.51 -8.27
N MET B 486 1.76 -23.76 -7.86
CA MET B 486 3.12 -24.22 -7.61
C MET B 486 3.64 -25.05 -8.78
N ALA B 487 4.97 -25.24 -8.79
CA ALA B 487 5.62 -25.93 -9.89
C ALA B 487 6.37 -27.18 -9.42
N VAL B 488 6.35 -28.23 -10.23
CA VAL B 488 7.11 -29.44 -9.97
C VAL B 488 8.42 -29.44 -10.74
N PHE B 489 9.54 -29.66 -10.04
CA PHE B 489 10.85 -29.59 -10.68
C PHE B 489 11.75 -30.78 -10.33
N ARG B 490 12.80 -30.96 -11.13
CA ARG B 490 13.72 -32.08 -10.97
C ARG B 490 15.17 -31.58 -10.80
N ARG B 491 15.89 -32.16 -9.85
CA ARG B 491 17.25 -31.75 -9.57
C ARG B 491 18.19 -32.95 -9.41
N PRO B 492 19.38 -32.87 -10.01
CA PRO B 492 20.43 -33.86 -9.76
C PRO B 492 20.93 -33.73 -8.33
N LEU B 493 20.89 -34.82 -7.58
CA LEU B 493 21.36 -34.82 -6.19
C LEU B 493 22.83 -34.43 -6.11
N PRO B 494 23.10 -33.27 -5.50
CA PRO B 494 24.48 -32.76 -5.37
C PRO B 494 25.35 -33.72 -4.56
N PRO B 495 26.58 -34.00 -5.06
CA PRO B 495 27.54 -34.92 -4.43
C PRO B 495 27.79 -34.64 -2.96
N ALA B 496 27.45 -33.44 -2.49
CA ALA B 496 27.62 -33.08 -1.09
C ALA B 496 26.78 -33.94 -0.16
N MET B 497 25.63 -34.38 -0.65
CA MET B 497 24.72 -35.20 0.15
C MET B 497 24.76 -36.67 -0.28
N ALA B 498 25.91 -37.12 -0.77
CA ALA B 498 26.08 -38.51 -1.18
C ALA B 498 26.33 -39.42 0.02
N GLY B 499 25.26 -39.74 0.74
CA GLY B 499 25.34 -40.62 1.89
C GLY B 499 24.40 -40.21 3.02
N LYS B 500 23.87 -38.99 2.93
CA LYS B 500 23.03 -38.45 3.99
C LYS B 500 21.57 -38.83 3.80
N THR B 501 20.80 -38.78 4.89
CA THR B 501 19.39 -39.14 4.87
C THR B 501 18.51 -37.90 4.72
N ILE B 502 17.31 -38.06 4.14
CA ILE B 502 16.37 -36.96 3.94
C ILE B 502 16.12 -36.13 5.20
N ALA B 503 15.83 -36.81 6.31
CA ALA B 503 15.57 -36.12 7.57
C ALA B 503 16.82 -35.43 8.12
N GLU B 504 17.98 -35.87 7.66
CA GLU B 504 19.26 -35.29 8.10
C GLU B 504 19.66 -34.08 7.27
N THR B 505 19.32 -34.09 5.98
CA THR B 505 19.61 -32.98 5.09
C THR B 505 18.81 -31.75 5.49
N ARG B 506 17.57 -31.98 5.92
CA ARG B 506 16.63 -30.90 6.25
C ARG B 506 16.47 -29.94 5.07
N LEU B 507 15.90 -30.45 3.98
CA LEU B 507 15.74 -29.67 2.76
C LEU B 507 14.51 -28.75 2.83
N ARG B 508 13.46 -29.22 3.50
CA ARG B 508 12.23 -28.45 3.63
C ARG B 508 12.32 -27.20 4.52
N PRO B 509 12.92 -27.32 5.72
CA PRO B 509 13.00 -26.11 6.56
C PRO B 509 14.00 -25.06 6.06
N LEU B 510 14.77 -25.41 5.04
CA LEU B 510 15.73 -24.48 4.46
C LEU B 510 15.21 -23.88 3.16
N THR B 511 14.75 -24.75 2.26
CA THR B 511 14.27 -24.33 0.95
C THR B 511 12.76 -24.11 0.91
N GLY B 512 12.01 -25.11 1.38
CA GLY B 512 10.56 -25.02 1.38
C GLY B 512 9.91 -25.98 0.41
N CYS B 513 10.74 -26.71 -0.33
CA CYS B 513 10.25 -27.68 -1.30
C CYS B 513 10.16 -29.07 -0.67
N SER B 514 9.53 -30.00 -1.40
CA SER B 514 9.35 -31.35 -0.89
C SER B 514 9.90 -32.38 -1.87
N ILE B 515 10.30 -33.53 -1.34
CA ILE B 515 10.81 -34.63 -2.16
C ILE B 515 9.70 -35.63 -2.45
N VAL B 516 9.28 -35.68 -3.71
CA VAL B 516 8.19 -36.56 -4.11
C VAL B 516 8.69 -37.76 -4.92
N ALA B 517 10.00 -37.78 -5.20
CA ALA B 517 10.59 -38.87 -5.95
C ALA B 517 12.12 -38.92 -5.85
N ILE B 518 12.66 -40.13 -5.73
CA ILE B 518 14.08 -40.37 -5.87
C ILE B 518 14.29 -41.52 -6.85
N GLU B 519 15.22 -41.36 -7.79
CA GLU B 519 15.52 -42.43 -8.73
C GLU B 519 17.02 -42.70 -8.79
N ALA B 520 17.37 -43.97 -9.00
CA ALA B 520 18.77 -44.39 -9.05
C ALA B 520 19.45 -43.92 -10.34
N PRO B 521 20.76 -43.67 -10.27
CA PRO B 521 21.54 -43.16 -11.41
C PRO B 521 21.53 -44.07 -12.63
N ASP B 522 21.62 -45.38 -12.42
CA ASP B 522 21.64 -46.34 -13.52
C ASP B 522 20.53 -47.37 -13.37
N ARG B 523 19.30 -46.89 -13.26
CA ARG B 523 18.13 -47.75 -13.12
C ARG B 523 16.89 -47.04 -13.61
N ALA B 524 15.90 -47.80 -14.05
CA ALA B 524 14.60 -47.26 -14.38
C ALA B 524 13.72 -47.35 -13.13
N ASP B 525 14.37 -47.61 -11.99
CA ASP B 525 13.69 -47.73 -10.71
C ASP B 525 13.67 -46.41 -9.97
N ILE B 526 12.47 -45.98 -9.58
CA ILE B 526 12.28 -44.72 -8.89
C ILE B 526 11.46 -44.92 -7.62
N LEU B 527 11.84 -44.22 -6.54
CA LEU B 527 11.08 -44.27 -5.29
C LEU B 527 10.14 -43.08 -5.19
N ILE B 528 8.84 -43.37 -5.15
CA ILE B 528 7.81 -42.32 -5.09
C ILE B 528 7.48 -41.95 -3.64
N SER B 529 7.46 -40.64 -3.37
CA SER B 529 7.20 -40.09 -2.04
C SER B 529 8.02 -40.77 -0.94
N PRO B 530 9.34 -40.54 -0.96
CA PRO B 530 10.30 -41.23 -0.09
C PRO B 530 10.07 -40.92 1.39
N PRO B 531 10.28 -41.92 2.25
CA PRO B 531 10.23 -41.71 3.70
C PRO B 531 11.43 -40.87 4.15
N PRO B 532 11.29 -40.13 5.25
CA PRO B 532 12.36 -39.25 5.74
C PRO B 532 13.62 -40.00 6.20
N GLU B 533 13.52 -41.31 6.35
CA GLU B 533 14.67 -42.12 6.77
C GLU B 533 15.47 -42.65 5.58
N THR B 534 15.04 -42.30 4.37
CA THR B 534 15.71 -42.73 3.15
C THR B 534 17.14 -42.22 3.08
N ILE B 535 18.10 -43.12 2.91
CA ILE B 535 19.49 -42.73 2.69
C ILE B 535 19.73 -42.41 1.22
N LEU B 536 20.21 -41.19 0.96
CA LEU B 536 20.41 -40.71 -0.40
C LEU B 536 21.71 -41.22 -1.02
N ALA B 537 21.61 -41.77 -2.23
CA ALA B 537 22.76 -42.35 -2.91
C ALA B 537 23.48 -41.33 -3.78
N GLU B 538 24.64 -41.74 -4.31
CA GLU B 538 25.47 -40.85 -5.11
C GLU B 538 25.07 -40.85 -6.59
N GLY B 539 24.85 -39.66 -7.12
CA GLY B 539 24.50 -39.51 -8.53
C GLY B 539 23.00 -39.56 -8.79
N ALA B 540 22.24 -39.78 -7.73
CA ALA B 540 20.78 -39.93 -7.83
C ALA B 540 20.10 -38.68 -8.37
N ARG B 541 18.87 -38.83 -8.84
CA ARG B 541 18.13 -37.72 -9.41
C ARG B 541 16.86 -37.45 -8.62
N LEU B 542 16.76 -36.25 -8.06
CA LEU B 542 15.62 -35.88 -7.23
C LEU B 542 14.55 -35.16 -8.04
N ILE B 543 13.29 -35.50 -7.77
CA ILE B 543 12.18 -34.74 -8.34
C ILE B 543 11.43 -34.07 -7.20
N LEU B 544 11.27 -32.75 -7.29
CA LEU B 544 10.68 -31.99 -6.20
C LEU B 544 9.48 -31.14 -6.62
N ILE B 545 8.75 -30.66 -5.63
CA ILE B 545 7.59 -29.80 -5.85
C ILE B 545 7.61 -28.64 -4.85
N GLY B 546 7.38 -27.43 -5.34
CA GLY B 546 7.38 -26.25 -4.50
C GLY B 546 7.01 -25.00 -5.25
N THR B 547 6.93 -23.88 -4.53
CA THR B 547 6.55 -22.60 -5.12
C THR B 547 7.58 -22.14 -6.16
N SER B 548 7.14 -21.28 -7.08
CA SER B 548 8.03 -20.70 -8.08
C SER B 548 8.95 -19.64 -7.46
N GLU B 549 8.95 -19.58 -6.13
CA GLU B 549 9.83 -18.69 -5.40
C GLU B 549 10.76 -19.54 -4.56
N GLN B 550 10.44 -20.83 -4.47
CA GLN B 550 11.25 -21.78 -3.71
C GLN B 550 12.08 -22.63 -4.66
N GLU B 551 11.72 -22.60 -5.94
CA GLU B 551 12.44 -23.33 -6.98
C GLU B 551 13.69 -22.55 -7.39
N LYS B 552 13.65 -21.24 -7.18
CA LYS B 552 14.78 -20.37 -7.46
C LYS B 552 15.60 -20.17 -6.19
N THR B 553 14.93 -20.30 -5.04
CA THR B 553 15.60 -20.22 -3.75
C THR B 553 15.97 -21.62 -3.29
N PHE B 554 16.15 -22.52 -4.25
CA PHE B 554 16.63 -23.87 -3.96
C PHE B 554 18.14 -23.90 -4.09
N ASP B 555 18.62 -23.77 -5.33
CA ASP B 555 20.05 -23.79 -5.61
C ASP B 555 20.78 -22.67 -4.87
N GLN B 556 20.02 -21.64 -4.47
CA GLN B 556 20.55 -20.55 -3.66
C GLN B 556 20.69 -20.96 -2.19
N THR B 557 19.60 -21.44 -1.61
CA THR B 557 19.61 -21.80 -0.19
C THR B 557 20.41 -23.07 0.06
N ILE B 558 20.46 -23.94 -0.94
CA ILE B 558 21.17 -25.21 -0.80
C ILE B 558 22.69 -25.00 -0.96
N ALA B 559 23.06 -23.87 -1.53
CA ALA B 559 24.47 -23.51 -1.67
C ALA B 559 24.98 -22.81 -0.42
N ALA B 560 24.11 -22.02 0.20
CA ALA B 560 24.46 -21.29 1.41
C ALA B 560 24.59 -22.21 2.62
N ARG B 561 23.73 -23.22 2.67
CA ARG B 561 23.76 -24.18 3.77
C ARG B 561 23.19 -25.53 3.34
N ASN C 16 4.18 21.17 23.94
CA ASN C 16 4.65 19.90 24.48
C ASN C 16 5.12 19.98 25.93
N LEU C 17 5.83 21.06 26.25
CA LEU C 17 6.34 21.27 27.61
C LEU C 17 5.22 21.26 28.64
N LYS C 18 4.02 21.67 28.22
CA LYS C 18 2.85 21.63 29.08
C LYS C 18 2.27 20.22 29.17
N VAL C 19 2.27 19.50 28.04
CA VAL C 19 1.77 18.13 28.00
C VAL C 19 2.54 17.26 28.99
N LEU C 20 3.79 17.64 29.25
CA LEU C 20 4.60 16.94 30.25
C LEU C 20 4.06 17.18 31.65
N LEU C 21 4.00 18.44 32.08
CA LEU C 21 3.57 18.74 33.44
C LEU C 21 2.06 18.55 33.64
N LEU C 22 1.31 18.56 32.54
CA LEU C 22 -0.09 18.17 32.58
C LEU C 22 -0.20 16.68 32.84
N TYR C 23 0.87 15.95 32.53
CA TYR C 23 0.93 14.52 32.80
C TYR C 23 1.49 14.25 34.19
N CYS C 24 2.28 15.18 34.72
CA CYS C 24 2.74 15.10 36.10
C CYS C 24 1.60 15.32 37.07
N ALA C 25 0.66 16.20 36.69
CA ALA C 25 -0.49 16.51 37.52
C ALA C 25 -1.49 15.35 37.55
N PHE C 26 -1.54 14.58 36.46
CA PHE C 26 -2.35 13.37 36.42
C PHE C 26 -1.84 12.36 37.45
N LEU C 27 -0.55 12.07 37.38
CA LEU C 27 0.13 11.19 38.34
C LEU C 27 -0.12 11.64 39.78
N LEU C 28 0.12 12.93 40.03
CA LEU C 28 -0.05 13.49 41.37
C LEU C 28 -1.50 13.36 41.86
N VAL C 29 -2.45 13.44 40.93
CA VAL C 29 -3.85 13.22 41.29
C VAL C 29 -4.08 11.74 41.55
N MET C 30 -3.41 10.91 40.75
CA MET C 30 -3.50 9.47 40.90
C MET C 30 -2.95 9.01 42.26
N LEU C 31 -1.83 9.58 42.67
CA LEU C 31 -1.23 9.30 43.97
C LEU C 31 -2.18 9.67 45.10
N LEU C 32 -2.65 10.91 45.09
CA LEU C 32 -3.58 11.36 46.12
C LEU C 32 -4.85 10.52 46.15
N ALA C 33 -5.35 10.15 44.97
CA ALA C 33 -6.52 9.28 44.88
C ALA C 33 -6.25 7.92 45.52
N TYR C 34 -5.25 7.22 44.99
CA TYR C 34 -4.91 5.88 45.46
C TYR C 34 -4.60 5.83 46.97
N ALA C 35 -3.83 6.80 47.45
CA ALA C 35 -3.49 6.89 48.86
C ALA C 35 -4.75 6.98 49.69
N SER C 36 -5.66 7.87 49.28
CA SER C 36 -6.90 8.09 50.00
C SER C 36 -7.78 6.86 49.97
N ILE C 37 -7.74 6.14 48.86
CA ILE C 37 -8.49 4.89 48.72
C ILE C 37 -7.84 3.81 49.58
N PHE C 38 -6.51 3.82 49.64
CA PHE C 38 -5.78 2.86 50.45
C PHE C 38 -6.15 2.94 51.93
N ARG C 39 -6.31 4.17 52.42
CA ARG C 39 -6.68 4.37 53.81
C ARG C 39 -8.13 3.96 54.04
N TYR C 40 -8.95 4.16 53.02
CA TYR C 40 -10.36 3.80 53.12
C TYR C 40 -10.53 2.30 53.23
N LEU C 41 -9.81 1.55 52.38
CA LEU C 41 -9.91 0.10 52.37
C LEU C 41 -9.27 -0.52 53.60
N MET C 42 -8.11 0.01 53.99
CA MET C 42 -7.45 -0.46 55.21
C MET C 42 -8.43 -0.39 56.37
N TRP C 43 -9.15 0.72 56.47
CA TRP C 43 -10.12 0.86 57.54
C TRP C 43 -11.32 -0.06 57.35
N HIS C 44 -12.05 0.15 56.25
CA HIS C 44 -13.35 -0.50 56.10
C HIS C 44 -13.28 -1.99 55.77
N LEU C 45 -12.11 -2.48 55.41
CA LEU C 45 -11.99 -3.89 55.07
C LEU C 45 -11.24 -4.71 56.12
N GLU C 46 -10.34 -4.06 56.84
CA GLU C 46 -9.45 -4.78 57.76
C GLU C 46 -9.28 -4.11 59.12
N GLY C 47 -10.04 -3.04 59.34
CA GLY C 47 -10.06 -2.36 60.63
C GLY C 47 -8.71 -1.80 61.04
N ARG C 48 -7.93 -1.36 60.06
CA ARG C 48 -6.62 -0.77 60.30
C ARG C 48 -6.66 0.72 60.00
N ALA C 49 -6.09 1.53 60.89
CA ALA C 49 -6.01 2.96 60.64
C ALA C 49 -4.59 3.31 60.19
N TYR C 50 -4.50 4.14 59.15
CA TYR C 50 -3.21 4.60 58.68
C TYR C 50 -3.28 6.10 58.41
N SER C 51 -2.17 6.78 58.65
CA SER C 51 -2.10 8.22 58.40
C SER C 51 -2.01 8.55 56.90
N PHE C 52 -2.22 9.81 56.57
CA PHE C 52 -2.10 10.26 55.20
C PHE C 52 -0.69 10.00 54.66
N MET C 53 0.31 10.27 55.49
CA MET C 53 1.70 10.12 55.06
C MET C 53 1.98 8.66 54.72
N ALA C 54 1.52 7.76 55.58
CA ALA C 54 1.67 6.33 55.34
C ALA C 54 1.04 5.96 53.99
N GLY C 55 -0.13 6.52 53.70
CA GLY C 55 -0.85 6.22 52.47
C GLY C 55 -0.10 6.65 51.23
N ILE C 56 0.48 7.85 51.29
CA ILE C 56 1.36 8.34 50.24
C ILE C 56 2.54 7.39 50.10
N TYR C 57 3.19 7.15 51.24
CA TYR C 57 4.35 6.27 51.34
C TYR C 57 4.04 4.87 50.80
N TRP C 58 2.84 4.38 51.05
CA TRP C 58 2.46 3.05 50.59
C TRP C 58 2.30 3.05 49.07
N THR C 59 1.60 4.06 48.58
CA THR C 59 1.32 4.16 47.15
C THR C 59 2.60 4.41 46.36
N ILE C 60 3.46 5.29 46.86
CA ILE C 60 4.73 5.52 46.23
C ILE C 60 5.50 4.20 46.18
N THR C 61 5.48 3.47 47.28
CA THR C 61 6.15 2.17 47.39
C THR C 61 5.69 1.16 46.34
N VAL C 62 4.40 1.22 46.01
CA VAL C 62 3.81 0.22 45.13
C VAL C 62 3.87 0.61 43.66
N MET C 63 3.43 1.82 43.32
CA MET C 63 3.51 2.32 41.95
C MET C 63 4.95 2.35 41.47
N THR C 64 5.86 2.59 42.41
CA THR C 64 7.25 2.67 42.06
C THR C 64 7.88 1.28 42.02
N THR C 65 7.12 0.26 42.46
CA THR C 65 7.54 -1.13 42.47
C THR C 65 8.56 -1.48 43.50
N LEU C 66 8.84 -0.57 44.40
CA LEU C 66 9.81 -0.77 45.47
C LEU C 66 9.39 -1.92 46.38
N GLY C 67 8.11 -1.96 46.75
CA GLY C 67 7.51 -3.03 47.52
C GLY C 67 8.07 -3.46 48.88
N PHE C 68 8.24 -2.54 49.82
CA PHE C 68 8.78 -2.91 51.14
C PHE C 68 8.14 -4.13 51.82
N GLY C 69 6.85 -4.31 51.64
CA GLY C 69 6.12 -5.40 52.26
C GLY C 69 5.75 -5.16 53.71
N ASP C 70 6.20 -4.04 54.28
CA ASP C 70 5.89 -3.69 55.66
C ASP C 70 4.40 -3.37 55.88
N ILE C 71 3.70 -3.06 54.79
CA ILE C 71 2.28 -2.77 54.84
C ILE C 71 1.59 -3.54 53.71
N THR C 72 0.81 -4.55 54.07
CA THR C 72 0.11 -5.34 53.06
C THR C 72 -1.33 -5.64 53.50
N PHE C 73 -2.19 -5.93 52.52
CA PHE C 73 -3.55 -6.36 52.81
C PHE C 73 -3.57 -7.86 53.09
N GLU C 74 -4.64 -8.33 53.72
CA GLU C 74 -4.78 -9.74 54.04
C GLU C 74 -6.03 -10.30 53.37
N SER C 75 -6.86 -9.39 52.87
CA SER C 75 -8.13 -9.77 52.27
C SER C 75 -8.07 -9.73 50.76
N ASP C 76 -8.93 -10.51 50.13
CA ASP C 76 -9.05 -10.56 48.68
C ASP C 76 -9.23 -9.18 48.08
N ALA C 77 -10.19 -8.42 48.60
CA ALA C 77 -10.47 -7.10 48.08
C ALA C 77 -9.25 -6.21 48.17
N GLY C 78 -8.49 -6.38 49.25
CA GLY C 78 -7.25 -5.65 49.42
C GLY C 78 -6.23 -6.08 48.38
N TYR C 79 -6.20 -7.37 48.08
CA TYR C 79 -5.30 -7.92 47.07
C TYR C 79 -5.66 -7.42 45.67
N LEU C 80 -6.96 -7.23 45.43
CA LEU C 80 -7.45 -6.70 44.16
C LEU C 80 -6.92 -5.29 43.99
N PHE C 81 -7.17 -4.45 44.98
CA PHE C 81 -6.71 -3.07 44.97
C PHE C 81 -5.20 -2.96 44.79
N ALA C 82 -4.44 -3.77 45.53
CA ALA C 82 -2.99 -3.69 45.45
C ALA C 82 -2.52 -4.08 44.06
N SER C 83 -3.12 -5.12 43.49
CA SER C 83 -2.83 -5.56 42.14
C SER C 83 -3.05 -4.41 41.14
N ILE C 84 -4.16 -3.69 41.32
CA ILE C 84 -4.49 -2.57 40.46
C ILE C 84 -3.43 -1.47 40.55
N VAL C 85 -3.12 -1.04 41.76
CA VAL C 85 -2.16 0.05 41.97
C VAL C 85 -0.79 -0.34 41.40
N THR C 86 -0.47 -1.63 41.45
CA THR C 86 0.76 -2.14 40.88
C THR C 86 0.78 -2.03 39.36
N VAL C 87 -0.29 -2.52 38.72
CA VAL C 87 -0.38 -2.49 37.27
C VAL C 87 -0.46 -1.05 36.78
N SER C 88 -1.21 -0.22 37.52
CA SER C 88 -1.23 1.22 37.26
C SER C 88 0.19 1.80 37.20
N GLY C 89 1.01 1.48 38.19
CA GLY C 89 2.36 2.00 38.24
C GLY C 89 3.21 1.55 37.06
N VAL C 90 3.04 0.31 36.64
CA VAL C 90 3.78 -0.21 35.50
C VAL C 90 3.34 0.50 34.22
N ILE C 91 2.04 0.71 34.09
CA ILE C 91 1.51 1.39 32.91
C ILE C 91 1.96 2.85 32.84
N PHE C 92 1.81 3.58 33.95
CA PHE C 92 2.02 5.03 33.93
C PHE C 92 3.44 5.51 34.23
N LEU C 93 4.31 4.60 34.67
CA LEU C 93 5.68 4.99 34.98
C LEU C 93 6.72 4.19 34.20
N ASP C 94 6.28 3.11 33.58
CA ASP C 94 7.19 2.25 32.84
C ASP C 94 6.78 2.07 31.37
N ILE C 95 5.59 2.52 31.03
CA ILE C 95 5.09 2.37 29.66
C ILE C 95 4.73 3.73 29.08
N ILE C 96 3.66 4.33 29.61
CA ILE C 96 3.19 5.63 29.14
C ILE C 96 4.29 6.69 29.20
N LEU C 97 5.01 6.74 30.30
CA LEU C 97 6.04 7.77 30.49
C LEU C 97 7.23 7.67 29.52
N PRO C 98 7.86 6.50 29.40
CA PRO C 98 8.96 6.44 28.43
C PRO C 98 8.49 6.57 26.99
N PHE C 99 7.45 5.82 26.62
CA PHE C 99 6.88 5.93 25.28
C PHE C 99 6.47 7.37 25.00
N GLY C 100 5.77 7.97 25.97
CA GLY C 100 5.36 9.35 25.87
C GLY C 100 6.53 10.23 25.50
N PHE C 101 7.59 10.17 26.29
CA PHE C 101 8.83 10.90 26.03
C PHE C 101 9.34 10.73 24.60
N VAL C 102 9.26 9.51 24.09
CA VAL C 102 9.74 9.22 22.74
C VAL C 102 8.99 10.03 21.68
N SER C 103 7.69 9.80 21.56
CA SER C 103 6.87 10.59 20.65
C SER C 103 6.75 12.05 21.08
N MET C 104 7.24 12.38 22.27
CA MET C 104 7.18 13.74 22.80
C MET C 104 8.25 14.62 22.20
N PHE C 105 9.52 14.25 22.37
CA PHE C 105 10.59 15.04 21.77
C PHE C 105 11.78 14.26 21.22
N LEU C 106 11.60 12.96 21.03
CA LEU C 106 12.60 12.18 20.30
C LEU C 106 12.24 12.19 18.82
N ALA C 107 11.06 11.68 18.50
CA ALA C 107 10.57 11.63 17.13
C ALA C 107 10.60 12.99 16.39
N PRO C 108 10.08 14.06 17.01
CA PRO C 108 10.18 15.33 16.27
C PRO C 108 11.61 15.84 16.17
N TRP C 109 12.42 15.62 17.20
CA TRP C 109 13.81 16.03 17.14
C TRP C 109 14.55 15.29 16.04
N ILE C 110 14.20 14.02 15.86
CA ILE C 110 14.81 13.23 14.78
C ILE C 110 14.41 13.77 13.42
N GLU C 111 13.10 13.87 13.18
CA GLU C 111 12.57 14.40 11.93
C GLU C 111 13.11 15.79 11.63
N ARG C 112 13.06 16.67 12.62
CA ARG C 112 13.55 18.04 12.44
C ARG C 112 15.05 18.09 12.17
N ARG C 113 15.78 17.04 12.54
CA ARG C 113 17.22 17.04 12.37
C ARG C 113 17.74 16.00 11.36
N LEU C 114 16.89 15.04 10.98
CA LEU C 114 17.27 14.06 9.96
C LEU C 114 16.98 14.57 8.56
N ARG C 115 15.70 14.55 8.18
CA ARG C 115 15.29 15.03 6.88
C ARG C 115 14.64 16.41 7.01
N TYR C 116 15.06 17.34 6.16
CA TYR C 116 14.67 18.74 6.26
C TYR C 116 13.17 18.98 6.06
N HIS C 117 12.59 19.77 6.96
CA HIS C 117 11.19 20.18 6.85
C HIS C 117 11.10 21.67 6.53
N PRO C 118 10.75 21.99 5.28
CA PRO C 118 10.74 23.39 4.81
C PRO C 118 9.63 24.19 5.47
N THR C 119 9.97 25.38 5.95
CA THR C 119 8.95 26.28 6.48
C THR C 119 8.14 26.81 5.29
N ILE C 120 6.84 26.61 5.37
CA ILE C 120 5.94 26.93 4.27
C ILE C 120 5.23 28.25 4.54
N GLU C 121 5.22 28.65 5.81
CA GLU C 121 4.32 29.70 6.27
C GLU C 121 4.91 30.47 7.46
N LEU C 122 4.46 31.70 7.65
CA LEU C 122 4.78 32.46 8.86
C LEU C 122 3.56 32.53 9.78
N PRO C 123 3.78 32.38 11.09
CA PRO C 123 2.72 32.49 12.12
C PRO C 123 1.91 33.78 11.99
N ASP C 124 0.62 33.70 12.29
CA ASP C 124 -0.33 34.82 12.19
C ASP C 124 0.21 36.13 12.75
N ASP C 125 0.74 36.06 13.96
CA ASP C 125 1.13 37.26 14.73
C ASP C 125 2.39 37.95 14.21
N THR C 126 3.04 37.36 13.21
CA THR C 126 4.27 37.92 12.66
C THR C 126 4.01 39.25 11.97
N ARG C 127 4.78 40.27 12.32
CA ARG C 127 4.66 41.58 11.70
C ARG C 127 5.88 42.46 11.97
N GLY C 128 6.16 43.37 11.04
CA GLY C 128 7.31 44.25 11.12
C GLY C 128 8.55 43.58 10.56
N HIS C 129 8.34 42.56 9.76
CA HIS C 129 9.43 41.79 9.18
C HIS C 129 9.75 42.26 7.76
N ILE C 130 10.96 41.97 7.31
CA ILE C 130 11.42 42.39 5.99
C ILE C 130 11.57 41.19 5.05
N LEU C 131 10.60 41.02 4.15
CA LEU C 131 10.64 39.93 3.18
C LEU C 131 11.73 40.14 2.12
N ILE C 132 12.50 39.10 1.86
CA ILE C 132 13.51 39.17 0.81
C ILE C 132 13.29 38.11 -0.25
N PHE C 133 13.00 38.56 -1.46
CA PHE C 133 12.75 37.68 -2.59
C PHE C 133 13.95 37.74 -3.54
N GLY C 134 14.72 36.66 -3.59
CA GLY C 134 15.91 36.63 -4.41
C GLY C 134 17.17 36.81 -3.58
N ILE C 135 17.74 35.70 -3.14
CA ILE C 135 18.92 35.75 -2.30
C ILE C 135 20.21 35.75 -3.13
N ASP C 136 21.04 36.76 -2.90
CA ASP C 136 22.28 36.92 -3.64
C ASP C 136 23.24 37.64 -2.69
N PRO C 137 24.55 37.58 -2.97
CA PRO C 137 25.57 38.18 -2.08
C PRO C 137 25.22 39.55 -1.52
N ILE C 138 24.59 40.39 -2.33
CA ILE C 138 24.15 41.71 -1.91
C ILE C 138 23.15 41.61 -0.77
N THR C 139 22.06 40.89 -1.02
CA THR C 139 21.00 40.74 -0.02
C THR C 139 21.49 39.95 1.20
N ARG C 140 22.38 39.00 0.97
CA ARG C 140 22.97 38.24 2.07
C ARG C 140 23.85 39.14 2.93
N THR C 141 24.48 40.12 2.29
CA THR C 141 25.31 41.10 3.00
C THR C 141 24.43 42.14 3.68
N LEU C 142 23.33 42.50 3.01
CA LEU C 142 22.33 43.41 3.55
C LEU C 142 21.87 42.93 4.92
N ILE C 143 21.56 41.63 4.98
CA ILE C 143 21.09 41.00 6.21
C ILE C 143 22.14 41.05 7.32
N ARG C 144 23.39 40.75 6.97
CA ARG C 144 24.47 40.75 7.96
C ARG C 144 24.69 42.14 8.57
N LYS C 145 24.53 43.18 7.76
CA LYS C 145 24.85 44.53 8.19
C LYS C 145 23.71 45.20 8.94
N LEU C 146 22.48 44.86 8.58
CA LEU C 146 21.30 45.48 9.16
C LEU C 146 20.78 44.71 10.37
N GLU C 147 21.20 43.46 10.54
CA GLU C 147 20.76 42.68 11.69
C GLU C 147 21.51 43.07 12.96
N SER C 148 22.43 44.02 12.80
CA SER C 148 23.16 44.60 13.94
C SER C 148 22.16 45.07 15.00
N ARG C 149 21.05 45.63 14.54
CA ARG C 149 19.86 45.75 15.35
C ARG C 149 18.84 44.78 14.76
N ASN C 150 18.04 44.16 15.62
CA ASN C 150 17.19 43.06 15.17
C ASN C 150 16.02 43.46 14.26
N HIS C 151 16.23 43.30 12.96
CA HIS C 151 15.15 43.27 12.00
C HIS C 151 14.95 41.81 11.64
N LEU C 152 13.71 41.35 11.59
CA LEU C 152 13.46 39.97 11.19
C LEU C 152 13.45 39.84 9.66
N PHE C 153 14.59 39.43 9.11
CA PHE C 153 14.71 39.19 7.67
C PHE C 153 14.24 37.80 7.31
N VAL C 154 13.23 37.69 6.45
CA VAL C 154 12.86 36.41 5.90
C VAL C 154 13.19 36.32 4.41
N VAL C 155 14.07 35.39 4.03
CA VAL C 155 14.32 35.17 2.62
C VAL C 155 13.45 34.05 2.06
N VAL C 156 12.97 34.24 0.84
CA VAL C 156 11.97 33.37 0.25
C VAL C 156 12.48 32.79 -1.05
N THR C 157 12.35 31.49 -1.25
CA THR C 157 12.76 30.85 -2.49
C THR C 157 11.84 29.72 -2.91
N ASP C 158 11.77 29.49 -4.23
CA ASP C 158 10.99 28.38 -4.78
C ASP C 158 11.90 27.22 -5.15
N ASN C 159 13.17 27.35 -4.76
CA ASN C 159 14.16 26.29 -4.98
C ASN C 159 14.40 25.50 -3.70
N TYR C 160 13.95 24.24 -3.69
CA TYR C 160 14.04 23.40 -2.49
C TYR C 160 15.46 23.22 -1.97
N ASP C 161 16.35 22.82 -2.87
CA ASP C 161 17.75 22.60 -2.50
C ASP C 161 18.39 23.85 -1.93
N GLN C 162 17.92 25.01 -2.35
CA GLN C 162 18.43 26.28 -1.84
C GLN C 162 17.94 26.54 -0.42
N ALA C 163 16.72 26.13 -0.13
CA ALA C 163 16.13 26.30 1.18
C ALA C 163 16.96 25.57 2.24
N LEU C 164 17.48 24.39 1.87
CA LEU C 164 18.33 23.61 2.75
C LEU C 164 19.55 24.40 3.18
N HIS C 165 20.36 24.80 2.21
CA HIS C 165 21.62 25.46 2.47
C HIS C 165 21.39 26.79 3.19
N LEU C 166 20.27 27.43 2.89
CA LEU C 166 19.94 28.68 3.55
C LEU C 166 19.62 28.48 5.03
N GLU C 167 19.00 27.37 5.38
CA GLU C 167 18.59 27.08 6.76
C GLU C 167 19.75 26.97 7.73
N GLU C 168 20.89 26.46 7.27
CA GLU C 168 22.02 26.21 8.16
C GLU C 168 22.78 27.49 8.54
N GLN C 169 23.00 28.39 7.58
CA GLN C 169 23.68 29.66 7.87
C GLN C 169 22.67 30.70 8.34
N GLU C 170 21.93 30.37 9.38
CA GLU C 170 20.72 31.11 9.76
C GLU C 170 20.95 32.36 10.59
N GLY C 171 20.89 33.51 9.91
CA GLY C 171 20.76 34.80 10.58
C GLY C 171 19.47 35.43 10.10
N PHE C 172 18.59 34.56 9.58
CA PHE C 172 17.37 34.97 8.90
C PHE C 172 16.48 33.74 8.68
N LYS C 173 15.17 33.89 8.82
CA LYS C 173 14.27 32.76 8.59
C LYS C 173 14.14 32.49 7.09
N VAL C 174 14.08 31.22 6.71
CA VAL C 174 13.91 30.84 5.31
C VAL C 174 12.60 30.11 5.01
N VAL C 175 11.84 30.64 4.06
CA VAL C 175 10.54 30.07 3.70
C VAL C 175 10.53 29.56 2.27
N TYR C 176 9.98 28.36 2.07
CA TYR C 176 9.99 27.70 0.78
C TYR C 176 8.62 27.80 0.10
N GLY C 177 8.58 28.48 -1.03
CA GLY C 177 7.34 28.66 -1.77
C GLY C 177 7.49 29.57 -2.98
N SER C 178 6.54 29.44 -3.91
CA SER C 178 6.51 30.24 -5.12
C SER C 178 6.29 31.72 -4.79
N PRO C 179 7.30 32.55 -5.05
CA PRO C 179 7.27 33.97 -4.63
C PRO C 179 6.15 34.74 -5.29
N THR C 180 5.48 34.14 -6.28
CA THR C 180 4.42 34.83 -6.98
C THR C 180 3.01 34.34 -6.65
N ASP C 181 2.89 33.25 -5.90
CA ASP C 181 1.58 32.80 -5.45
C ASP C 181 1.07 33.67 -4.31
N ALA C 182 -0.19 34.09 -4.41
CA ALA C 182 -0.79 34.98 -3.41
C ALA C 182 -0.99 34.27 -2.07
N HIS C 183 -1.37 33.00 -2.12
CA HIS C 183 -1.58 32.21 -0.92
C HIS C 183 -0.29 32.10 -0.12
N VAL C 184 0.83 32.06 -0.85
CA VAL C 184 2.14 32.06 -0.23
C VAL C 184 2.44 33.43 0.41
N LEU C 185 2.19 34.49 -0.35
CA LEU C 185 2.42 35.85 0.14
C LEU C 185 1.54 36.16 1.34
N ALA C 186 0.35 35.57 1.39
CA ALA C 186 -0.56 35.74 2.52
C ALA C 186 -0.02 35.02 3.75
N GLY C 187 0.51 33.81 3.52
CA GLY C 187 1.14 33.05 4.59
C GLY C 187 2.44 33.68 5.04
N LEU C 188 2.97 34.58 4.22
CA LEU C 188 4.15 35.34 4.60
C LEU C 188 3.75 36.62 5.31
N ARG C 189 2.44 36.82 5.43
CA ARG C 189 1.87 37.97 6.13
C ARG C 189 2.36 39.31 5.56
N VAL C 190 2.39 39.43 4.24
CA VAL C 190 2.95 40.61 3.58
C VAL C 190 2.27 41.90 4.02
N ALA C 191 1.00 41.80 4.36
CA ALA C 191 0.23 42.97 4.77
C ALA C 191 0.76 43.54 6.07
N ALA C 192 1.43 42.69 6.84
CA ALA C 192 1.94 43.08 8.15
C ALA C 192 3.46 43.29 8.11
N ALA C 193 4.04 43.10 6.94
CA ALA C 193 5.47 43.26 6.75
C ALA C 193 5.89 44.72 6.79
N ARG C 194 7.13 44.98 7.21
CA ARG C 194 7.64 46.33 7.25
C ARG C 194 7.99 46.77 5.85
N SER C 195 8.65 45.89 5.11
CA SER C 195 9.10 46.21 3.77
C SER C 195 9.43 44.95 2.98
N ILE C 196 9.35 45.04 1.67
CA ILE C 196 9.63 43.93 0.79
C ILE C 196 10.75 44.28 -0.17
N ILE C 197 11.75 43.42 -0.28
CA ILE C 197 12.81 43.61 -1.27
C ILE C 197 12.65 42.63 -2.43
N ALA C 198 12.40 43.19 -3.62
CA ALA C 198 12.21 42.39 -4.82
C ALA C 198 13.51 42.27 -5.61
N ASN C 199 14.16 41.12 -5.51
CA ASN C 199 15.44 40.91 -6.15
C ASN C 199 15.41 39.70 -7.09
N LEU C 200 14.28 39.49 -7.75
CA LEU C 200 14.15 38.46 -8.76
C LEU C 200 14.42 39.06 -10.14
N SER C 201 14.17 38.30 -11.20
CA SER C 201 14.27 38.84 -12.55
C SER C 201 13.26 39.98 -12.72
N ASP C 202 13.50 40.85 -13.70
CA ASP C 202 12.56 41.96 -13.91
C ASP C 202 11.12 41.50 -14.20
N PRO C 203 10.94 40.48 -15.06
CA PRO C 203 9.58 39.94 -15.21
C PRO C 203 9.01 39.31 -13.94
N ASP C 204 9.82 38.59 -13.17
CA ASP C 204 9.38 38.04 -11.90
C ASP C 204 9.07 39.14 -10.89
N ASN C 205 9.92 40.16 -10.83
CA ASN C 205 9.70 41.29 -9.95
C ASN C 205 8.36 41.95 -10.21
N ALA C 206 8.01 42.10 -11.48
CA ALA C 206 6.75 42.71 -11.88
C ALA C 206 5.57 41.88 -11.37
N ASN C 207 5.67 40.58 -11.57
CA ASN C 207 4.66 39.66 -11.10
C ASN C 207 4.52 39.77 -9.58
N LEU C 208 5.65 39.78 -8.90
CA LEU C 208 5.69 39.91 -7.46
C LEU C 208 4.95 41.16 -7.02
N CYS C 209 5.32 42.31 -7.59
CA CYS C 209 4.72 43.57 -7.22
C CYS C 209 3.20 43.56 -7.41
N LEU C 210 2.76 43.17 -8.59
CA LEU C 210 1.34 43.11 -8.90
C LEU C 210 0.56 42.19 -7.95
N THR C 211 1.20 41.09 -7.52
CA THR C 211 0.56 40.17 -6.60
C THR C 211 0.51 40.73 -5.19
N VAL C 212 1.63 41.31 -4.76
CA VAL C 212 1.69 41.98 -3.46
C VAL C 212 0.63 43.09 -3.37
N ARG C 213 0.56 43.91 -4.40
CA ARG C 213 -0.40 45.01 -4.44
C ARG C 213 -1.85 44.52 -4.47
N SER C 214 -2.07 43.29 -4.90
CA SER C 214 -3.40 42.71 -4.87
C SER C 214 -3.78 42.33 -3.43
N LEU C 215 -2.80 42.35 -2.53
CA LEU C 215 -3.01 41.92 -1.15
C LEU C 215 -2.84 43.06 -0.16
N CYS C 216 -1.92 43.98 -0.43
CA CYS C 216 -1.61 45.03 0.51
C CYS C 216 -0.86 46.20 -0.11
N GLN C 217 -0.56 47.19 0.73
CA GLN C 217 0.16 48.38 0.29
C GLN C 217 1.55 48.46 0.90
N THR C 218 2.07 47.32 1.35
CA THR C 218 3.40 47.25 1.91
C THR C 218 4.45 47.79 0.94
N PRO C 219 5.33 48.69 1.42
CA PRO C 219 6.38 49.32 0.60
C PRO C 219 7.35 48.31 -0.04
N ILE C 220 7.54 48.42 -1.35
CA ILE C 220 8.43 47.52 -2.06
C ILE C 220 9.66 48.26 -2.61
N ILE C 221 10.85 47.75 -2.30
CA ILE C 221 12.04 48.17 -3.02
C ILE C 221 12.39 47.08 -4.04
N ALA C 222 12.45 47.43 -5.32
CA ALA C 222 12.82 46.47 -6.35
C ALA C 222 14.15 46.83 -7.00
N VAL C 223 15.06 45.87 -7.03
CA VAL C 223 16.34 46.01 -7.71
C VAL C 223 16.14 45.60 -9.16
N VAL C 224 16.40 46.53 -10.08
CA VAL C 224 16.12 46.31 -11.49
C VAL C 224 17.38 46.04 -12.33
N LYS C 225 17.29 45.08 -13.25
CA LYS C 225 18.45 44.63 -14.02
C LYS C 225 18.68 45.55 -15.21
N GLU C 226 17.60 45.96 -15.85
CA GLU C 226 17.70 46.85 -16.98
C GLU C 226 16.95 48.13 -16.67
N PRO C 227 17.70 49.20 -16.38
CA PRO C 227 17.18 50.53 -16.00
C PRO C 227 15.99 51.01 -16.84
N VAL C 228 15.91 50.56 -18.08
CA VAL C 228 14.77 50.87 -18.94
C VAL C 228 13.49 50.28 -18.37
N HIS C 229 13.64 49.26 -17.54
CA HIS C 229 12.51 48.55 -16.96
C HIS C 229 12.01 49.22 -15.69
N GLY C 230 12.76 50.21 -15.21
CA GLY C 230 12.44 50.87 -13.96
C GLY C 230 11.03 51.42 -13.89
N GLU C 231 10.57 52.03 -14.99
CA GLU C 231 9.24 52.62 -15.05
C GLU C 231 8.16 51.55 -14.90
N LEU C 232 8.38 50.40 -15.52
CA LEU C 232 7.42 49.30 -15.50
C LEU C 232 7.24 48.74 -14.11
N LEU C 233 8.36 48.63 -13.38
CA LEU C 233 8.34 48.13 -12.01
C LEU C 233 7.65 49.12 -11.08
N ARG C 234 7.80 50.41 -11.35
CA ARG C 234 7.05 51.42 -10.62
C ARG C 234 5.56 51.32 -10.95
N LEU C 235 5.26 51.02 -12.20
CA LEU C 235 3.89 50.85 -12.64
C LEU C 235 3.31 49.63 -11.94
N ALA C 236 4.14 48.60 -11.81
CA ALA C 236 3.69 47.32 -11.28
C ALA C 236 3.41 47.39 -9.78
N GLY C 237 4.05 48.33 -9.08
CA GLY C 237 3.77 48.53 -7.67
C GLY C 237 4.93 49.00 -6.81
N ALA C 238 6.16 48.67 -7.18
CA ALA C 238 7.35 49.03 -6.41
C ALA C 238 7.43 50.52 -6.09
N ASN C 239 7.72 50.83 -4.83
CA ASN C 239 7.77 52.20 -4.36
C ASN C 239 9.09 52.84 -4.74
N GLN C 240 10.15 52.08 -4.58
CA GLN C 240 11.47 52.53 -5.01
C GLN C 240 12.14 51.51 -5.91
N VAL C 241 12.91 52.00 -6.87
CA VAL C 241 13.60 51.12 -7.79
C VAL C 241 15.08 51.42 -7.74
N VAL C 242 15.91 50.38 -7.64
CA VAL C 242 17.36 50.57 -7.62
C VAL C 242 18.05 49.87 -8.81
N PRO C 243 18.59 50.67 -9.73
CA PRO C 243 19.36 50.12 -10.86
C PRO C 243 20.77 49.77 -10.42
N LEU C 244 20.92 48.70 -9.64
CA LEU C 244 22.19 48.34 -9.01
C LEU C 244 23.36 48.22 -10.00
N THR C 245 23.20 47.34 -10.98
CA THR C 245 24.25 47.10 -11.97
C THR C 245 24.69 48.37 -12.70
N ARG C 246 23.77 49.31 -12.90
CA ARG C 246 24.14 50.58 -13.52
C ARG C 246 25.00 51.40 -12.55
N ILE C 247 24.55 51.49 -11.30
CA ILE C 247 25.27 52.22 -10.27
C ILE C 247 26.64 51.62 -10.08
N LEU C 248 26.71 50.30 -10.01
CA LEU C 248 27.98 49.60 -9.88
C LEU C 248 28.93 49.93 -11.04
N GLY C 249 28.39 50.01 -12.25
CA GLY C 249 29.20 50.34 -13.41
C GLY C 249 29.65 51.79 -13.40
N ARG C 250 28.81 52.66 -12.85
CA ARG C 250 29.16 54.06 -12.69
C ARG C 250 30.38 54.22 -11.78
N TYR C 251 30.37 53.50 -10.67
CA TYR C 251 31.43 53.62 -9.68
C TYR C 251 32.77 53.07 -10.15
N LEU C 252 32.72 52.16 -11.14
CA LEU C 252 33.93 51.64 -11.75
C LEU C 252 34.57 52.68 -12.65
N GLY C 253 33.76 53.40 -13.42
CA GLY C 253 34.26 54.35 -14.39
C GLY C 253 34.77 55.60 -13.71
N ILE C 254 34.14 55.96 -12.61
CA ILE C 254 34.52 57.15 -11.85
C ILE C 254 35.97 57.06 -11.35
N ARG C 255 36.38 55.84 -11.02
CA ARG C 255 37.72 55.61 -10.49
C ARG C 255 38.74 55.37 -11.62
N ALA C 256 38.24 55.17 -12.83
CA ALA C 256 39.07 54.67 -13.94
C ALA C 256 39.74 55.74 -14.82
N THR C 257 39.35 57.00 -14.68
CA THR C 257 40.02 58.08 -15.39
C THR C 257 41.33 58.40 -14.65
N THR C 258 42.32 58.92 -15.36
CA THR C 258 43.64 59.17 -14.76
C THR C 258 43.58 60.23 -13.66
N CYS C 259 42.89 61.33 -13.94
CA CYS C 259 42.62 62.33 -12.92
C CYS C 259 41.17 62.17 -12.48
N GLY C 260 40.89 62.49 -11.22
CA GLY C 260 39.52 62.50 -10.75
C GLY C 260 38.71 63.54 -11.50
N ALA C 261 37.42 63.29 -11.64
CA ALA C 261 36.55 64.18 -12.40
C ALA C 261 35.13 64.14 -11.86
N LEU C 262 34.49 65.30 -11.85
CA LEU C 262 33.15 65.43 -11.31
C LEU C 262 32.15 64.46 -11.92
N ALA C 263 31.44 63.74 -11.07
CA ALA C 263 30.34 62.89 -11.50
C ALA C 263 29.06 63.38 -10.86
N HIS C 264 28.13 63.82 -11.70
CA HIS C 264 26.88 64.42 -11.27
C HIS C 264 26.00 63.38 -10.57
N ILE C 265 25.37 63.78 -9.47
CA ILE C 265 24.48 62.89 -8.73
C ILE C 265 23.01 63.30 -8.86
N LEU C 266 22.73 64.57 -8.56
CA LEU C 266 21.35 65.04 -8.50
C LEU C 266 21.21 66.45 -9.07
N ASP C 267 20.12 66.67 -9.81
CA ASP C 267 19.82 67.96 -10.42
C ASP C 267 18.98 68.84 -9.50
N SER C 268 17.85 68.30 -9.03
CA SER C 268 16.94 69.02 -8.13
C SER C 268 16.41 70.35 -8.70
N PHE C 269 15.62 70.24 -9.77
CA PHE C 269 14.90 71.38 -10.35
C PHE C 269 15.79 72.53 -10.82
N GLY C 270 16.91 72.18 -11.46
CA GLY C 270 17.78 73.16 -12.09
C GLY C 270 18.55 74.07 -11.15
N ASN C 271 18.41 73.85 -9.84
CA ASN C 271 19.04 74.73 -8.86
C ASN C 271 20.24 74.09 -8.16
N LEU C 272 20.02 73.61 -6.94
CA LEU C 272 21.08 72.96 -6.19
C LEU C 272 21.46 71.62 -6.82
N GLN C 273 22.72 71.51 -7.23
CA GLN C 273 23.26 70.26 -7.78
C GLN C 273 24.02 69.50 -6.71
N ILE C 274 23.91 68.17 -6.75
CA ILE C 274 24.74 67.31 -5.92
C ILE C 274 25.68 66.53 -6.83
N ALA C 275 26.97 66.56 -6.50
CA ALA C 275 27.96 65.82 -7.29
C ALA C 275 29.02 65.19 -6.40
N GLU C 276 29.81 64.29 -6.99
CA GLU C 276 30.92 63.68 -6.26
C GLU C 276 32.22 63.63 -7.08
N LEU C 277 33.35 63.71 -6.37
CA LEU C 277 34.66 63.81 -7.02
C LEU C 277 35.70 62.91 -6.35
N PRO C 278 36.18 61.90 -7.07
CA PRO C 278 37.31 61.11 -6.59
C PRO C 278 38.59 61.94 -6.66
N VAL C 279 39.44 61.82 -5.66
CA VAL C 279 40.56 62.73 -5.46
C VAL C 279 41.82 62.35 -6.24
N HIS C 280 41.93 61.09 -6.65
CA HIS C 280 43.09 60.62 -7.41
C HIS C 280 43.33 61.52 -8.62
N GLY C 281 44.60 61.80 -8.89
CA GLY C 281 44.97 62.62 -10.04
C GLY C 281 44.79 64.12 -9.85
N THR C 282 43.82 64.49 -9.01
CA THR C 282 43.52 65.91 -8.74
C THR C 282 44.60 66.52 -7.86
N PRO C 283 44.75 67.86 -7.91
CA PRO C 283 45.70 68.56 -7.03
C PRO C 283 45.22 68.65 -5.58
N PHE C 284 44.23 67.86 -5.21
CA PHE C 284 43.73 67.82 -3.85
C PHE C 284 44.33 66.62 -3.13
N ALA C 285 44.92 65.73 -3.90
CA ALA C 285 45.52 64.51 -3.37
C ALA C 285 46.72 64.81 -2.48
N GLY C 286 46.60 64.49 -1.20
CA GLY C 286 47.67 64.66 -0.25
C GLY C 286 47.52 65.93 0.59
N LYS C 287 46.64 66.82 0.15
CA LYS C 287 46.41 68.07 0.86
C LYS C 287 45.26 67.88 1.84
N THR C 288 45.10 68.81 2.77
CA THR C 288 43.94 68.80 3.65
C THR C 288 42.80 69.58 3.00
N ILE C 289 41.56 69.22 3.32
CA ILE C 289 40.41 69.85 2.66
C ILE C 289 40.36 71.36 2.88
N GLY C 290 40.82 71.80 4.06
CA GLY C 290 40.92 73.22 4.33
C GLY C 290 42.04 73.85 3.55
N GLU C 291 43.10 73.08 3.32
CA GLU C 291 44.28 73.56 2.61
C GLU C 291 44.03 73.59 1.09
N SER C 292 43.18 72.68 0.62
CA SER C 292 42.80 72.67 -0.78
C SER C 292 41.81 73.80 -1.05
N GLY C 293 41.21 74.30 0.03
CA GLY C 293 40.38 75.50 0.01
C GLY C 293 39.22 75.48 -0.98
N ILE C 294 38.64 74.30 -1.18
CA ILE C 294 37.56 74.14 -2.15
C ILE C 294 36.37 75.06 -1.89
N ARG C 295 35.83 75.06 -0.67
CA ARG C 295 34.66 75.87 -0.37
C ARG C 295 34.93 77.37 -0.55
N GLN C 296 36.07 77.84 -0.04
CA GLN C 296 36.37 79.26 -0.09
C GLN C 296 36.67 79.75 -1.51
N ARG C 297 37.22 78.88 -2.35
CA ARG C 297 37.64 79.26 -3.70
C ARG C 297 36.56 79.00 -4.74
N THR C 298 35.47 78.39 -4.31
CA THR C 298 34.43 77.97 -5.24
C THR C 298 33.04 78.40 -4.80
N GLY C 299 32.71 78.15 -3.55
CA GLY C 299 31.38 78.40 -3.04
C GLY C 299 30.63 77.09 -2.86
N LEU C 300 31.22 76.01 -3.36
CA LEU C 300 30.64 74.69 -3.20
C LEU C 300 30.50 74.31 -1.74
N SER C 301 29.53 73.45 -1.45
CA SER C 301 29.39 72.88 -0.13
C SER C 301 29.88 71.44 -0.16
N ILE C 302 30.90 71.14 0.64
CA ILE C 302 31.36 69.78 0.81
C ILE C 302 30.55 69.16 1.95
N ILE C 303 29.62 68.27 1.61
CA ILE C 303 28.74 67.73 2.63
C ILE C 303 29.23 66.39 3.17
N GLY C 304 30.35 65.90 2.66
CA GLY C 304 30.88 64.64 3.14
C GLY C 304 32.13 64.12 2.48
N VAL C 305 32.87 63.28 3.21
CA VAL C 305 34.03 62.61 2.66
C VAL C 305 33.82 61.10 2.77
N TRP C 306 34.10 60.40 1.68
CA TRP C 306 33.99 58.95 1.65
C TRP C 306 35.39 58.37 1.49
N GLU C 307 35.81 57.58 2.46
CA GLU C 307 37.15 57.02 2.47
C GLU C 307 37.17 55.65 3.13
N ARG C 308 37.51 54.63 2.36
CA ARG C 308 37.59 53.27 2.87
C ARG C 308 36.30 52.80 3.53
N GLY C 309 35.16 53.14 2.92
CA GLY C 309 33.88 52.62 3.36
C GLY C 309 33.12 53.42 4.39
N SER C 310 33.62 54.60 4.75
CA SER C 310 33.00 55.39 5.80
C SER C 310 32.74 56.83 5.38
N LEU C 311 31.47 57.23 5.44
CA LEU C 311 31.08 58.58 5.08
C LEU C 311 31.20 59.51 6.28
N THR C 312 32.15 60.43 6.23
CA THR C 312 32.37 61.36 7.33
C THR C 312 32.20 62.81 6.93
N THR C 313 32.02 63.67 7.93
CA THR C 313 31.88 65.10 7.72
C THR C 313 33.26 65.74 7.64
N PRO C 314 33.43 66.70 6.72
CA PRO C 314 34.73 67.36 6.54
C PRO C 314 35.11 68.25 7.72
N GLN C 315 36.41 68.30 7.99
CA GLN C 315 36.99 69.23 8.94
C GLN C 315 38.10 69.95 8.19
N ARG C 316 38.61 71.05 8.74
CA ARG C 316 39.63 71.83 8.04
C ARG C 316 40.91 71.05 7.79
N GLU C 317 41.23 70.12 8.70
CA GLU C 317 42.52 69.45 8.71
C GLU C 317 42.46 67.94 8.48
N THR C 318 41.41 67.47 7.82
CA THR C 318 41.40 66.07 7.37
C THR C 318 42.13 65.98 6.04
N VAL C 319 42.97 64.96 5.91
CA VAL C 319 43.81 64.81 4.73
C VAL C 319 43.12 63.95 3.67
N LEU C 320 43.12 64.45 2.44
CA LEU C 320 42.54 63.71 1.32
C LEU C 320 43.60 62.86 0.62
N THR C 321 43.38 61.55 0.60
CA THR C 321 44.28 60.64 -0.10
C THR C 321 43.78 60.37 -1.51
N GLU C 322 44.52 59.53 -2.24
CA GLU C 322 44.15 59.18 -3.61
C GLU C 322 42.84 58.39 -3.68
N GLN C 323 42.45 57.79 -2.56
CA GLN C 323 41.25 56.96 -2.49
C GLN C 323 40.02 57.75 -2.08
N SER C 324 40.24 58.98 -1.61
CA SER C 324 39.15 59.80 -1.08
C SER C 324 38.15 60.19 -2.16
N LEU C 325 36.88 60.29 -1.78
CA LEU C 325 35.83 60.77 -2.67
C LEU C 325 35.01 61.87 -2.01
N LEU C 326 35.00 63.06 -2.61
CA LEU C 326 34.23 64.17 -2.07
C LEU C 326 32.78 64.10 -2.53
N VAL C 327 31.86 64.51 -1.67
CA VAL C 327 30.45 64.64 -2.04
C VAL C 327 30.07 66.10 -1.89
N LEU C 328 29.69 66.73 -3.00
CA LEU C 328 29.52 68.19 -3.06
C LEU C 328 28.10 68.64 -3.36
N ALA C 329 27.81 69.87 -2.97
CA ALA C 329 26.55 70.52 -3.29
C ALA C 329 26.83 71.96 -3.69
N GLY C 330 26.00 72.50 -4.58
CA GLY C 330 26.19 73.85 -5.07
C GLY C 330 25.58 74.02 -6.44
N THR C 331 25.84 75.16 -7.07
CA THR C 331 25.24 75.46 -8.36
C THR C 331 26.13 74.97 -9.50
N LYS C 332 25.59 75.02 -10.71
CA LYS C 332 26.31 74.53 -11.89
C LYS C 332 27.53 75.39 -12.18
N SER C 333 27.48 76.66 -11.77
CA SER C 333 28.60 77.56 -11.94
C SER C 333 29.74 77.18 -11.01
N GLN C 334 29.41 76.89 -9.76
CA GLN C 334 30.39 76.50 -8.77
C GLN C 334 31.05 75.16 -9.13
N LEU C 335 30.26 74.21 -9.62
CA LEU C 335 30.81 72.95 -10.07
C LEU C 335 31.81 73.15 -11.19
N ALA C 336 31.49 74.06 -12.12
CA ALA C 336 32.37 74.38 -13.24
C ALA C 336 33.67 75.01 -12.76
N ALA C 337 33.59 75.83 -11.71
CA ALA C 337 34.75 76.49 -11.14
C ALA C 337 35.70 75.47 -10.50
N LEU C 338 35.15 74.35 -10.06
CA LEU C 338 35.96 73.26 -9.52
C LEU C 338 36.65 72.52 -10.67
N GLU C 339 35.92 72.36 -11.76
CA GLU C 339 36.40 71.66 -12.95
C GLU C 339 37.66 72.32 -13.50
N TYR C 340 37.70 73.65 -13.39
CA TYR C 340 38.85 74.44 -13.81
C TYR C 340 40.01 74.32 -12.81
N LEU C 341 39.69 74.09 -11.54
CA LEU C 341 40.71 73.87 -10.51
C LEU C 341 41.43 72.54 -10.69
N ILE C 342 40.68 71.50 -11.06
CA ILE C 342 41.21 70.16 -11.24
C ILE C 342 42.35 70.14 -12.26
N GLY C 343 42.23 70.96 -13.29
CA GLY C 343 43.25 71.04 -14.32
C GLY C 343 42.86 70.23 -15.54
N GLU C 344 43.51 70.51 -16.66
CA GLU C 344 43.23 69.82 -17.92
C GLU C 344 43.49 68.32 -17.84
N ALA C 345 42.50 67.53 -18.23
CA ALA C 345 42.63 66.09 -18.28
C ALA C 345 43.56 65.70 -19.43
N PRO C 346 44.50 64.78 -19.15
CA PRO C 346 45.42 64.24 -20.16
C PRO C 346 44.69 63.79 -21.42
N GLU C 347 45.36 63.91 -22.57
CA GLU C 347 44.71 63.71 -23.86
C GLU C 347 44.58 62.24 -24.23
N ASP C 348 45.69 61.51 -24.16
CA ASP C 348 45.72 60.14 -24.66
C ASP C 348 45.13 59.13 -23.69
N GLU C 349 43.88 59.37 -23.28
CA GLU C 349 43.19 58.50 -22.34
C GLU C 349 42.54 57.34 -23.07
N LEU C 350 42.79 56.11 -22.63
CA LEU C 350 42.21 54.93 -23.26
C LEU C 350 41.94 53.87 -22.21
N ILE C 351 40.66 53.56 -21.97
CA ILE C 351 40.30 52.67 -20.86
C ILE C 351 39.72 51.31 -21.28
N PHE C 352 40.50 50.26 -21.06
CA PHE C 352 40.05 48.90 -21.29
C PHE C 352 39.08 48.43 -20.21
N ILE C 353 37.90 47.99 -20.65
CA ILE C 353 36.91 47.43 -19.75
C ILE C 353 36.81 45.93 -20.01
N ILE C 354 37.43 45.14 -19.13
CA ILE C 354 37.40 43.70 -19.29
C ILE C 354 36.15 43.12 -18.66
N GLY C 355 35.33 42.45 -19.47
CA GLY C 355 34.03 42.00 -19.04
C GLY C 355 32.95 42.94 -19.55
N HIS C 356 31.97 42.37 -20.24
CA HIS C 356 30.93 43.16 -20.85
C HIS C 356 29.55 42.64 -20.45
N GLY C 357 29.34 42.48 -19.14
CA GLY C 357 28.02 42.19 -18.61
C GLY C 357 27.25 43.49 -18.46
N ARG C 358 26.20 43.52 -17.65
CA ARG C 358 25.45 44.76 -17.46
C ARG C 358 26.27 45.81 -16.73
N ILE C 359 27.16 45.36 -15.85
CA ILE C 359 28.04 46.28 -15.12
C ILE C 359 29.15 46.86 -16.01
N GLY C 360 29.92 45.97 -16.64
CA GLY C 360 30.90 46.39 -17.61
C GLY C 360 30.30 47.28 -18.70
N CYS C 361 29.07 46.94 -19.11
CA CYS C 361 28.32 47.75 -20.04
C CYS C 361 27.98 49.09 -19.41
N ALA C 362 27.57 49.07 -18.16
CA ALA C 362 27.24 50.31 -17.47
C ALA C 362 28.46 51.21 -17.36
N ALA C 363 29.62 50.59 -17.09
CA ALA C 363 30.88 51.31 -16.99
C ALA C 363 31.23 51.96 -18.32
N ALA C 364 30.98 51.24 -19.41
CA ALA C 364 31.20 51.78 -20.75
C ALA C 364 30.20 52.89 -21.03
N ALA C 365 28.94 52.62 -20.70
CA ALA C 365 27.87 53.60 -20.86
C ALA C 365 28.23 54.92 -20.20
N PHE C 366 28.87 54.84 -19.03
CA PHE C 366 29.22 56.00 -18.24
C PHE C 366 30.38 56.78 -18.85
N LEU C 367 31.42 56.08 -19.27
CA LEU C 367 32.57 56.72 -19.88
C LEU C 367 32.18 57.34 -21.20
N ASP C 368 31.15 56.76 -21.83
CA ASP C 368 30.64 57.24 -23.11
C ASP C 368 30.08 58.65 -22.99
N ARG C 369 29.34 58.90 -21.92
CA ARG C 369 28.66 60.19 -21.74
C ARG C 369 29.65 61.34 -21.56
N LYS C 370 30.60 61.18 -20.66
CA LYS C 370 31.71 62.11 -20.53
C LYS C 370 32.82 61.64 -21.44
N PRO C 371 32.81 62.09 -22.70
CA PRO C 371 33.55 61.47 -23.81
C PRO C 371 34.97 61.00 -23.46
N VAL C 372 35.09 59.71 -23.18
CA VAL C 372 36.39 59.07 -22.96
C VAL C 372 36.43 57.74 -23.71
N PRO C 373 37.47 57.54 -24.53
CA PRO C 373 37.53 56.32 -25.34
C PRO C 373 37.83 55.07 -24.52
N PHE C 374 37.09 54.02 -24.79
CA PHE C 374 37.20 52.77 -24.05
C PHE C 374 37.12 51.57 -24.98
N ILE C 375 37.64 50.44 -24.53
CA ILE C 375 37.51 49.20 -25.28
C ILE C 375 36.90 48.10 -24.43
N LEU C 376 35.78 47.56 -24.90
CA LEU C 376 35.12 46.45 -24.23
C LEU C 376 35.69 45.12 -24.74
N ILE C 377 36.01 44.24 -23.80
CA ILE C 377 36.48 42.90 -24.15
C ILE C 377 35.62 41.86 -23.44
N ASP C 378 35.26 40.80 -24.15
CA ASP C 378 34.44 39.76 -23.55
C ASP C 378 34.51 38.44 -24.31
N ARG C 379 34.31 37.34 -23.58
CA ARG C 379 34.37 36.00 -24.15
C ARG C 379 33.21 35.70 -25.09
N GLN C 380 32.13 36.45 -24.96
CA GLN C 380 30.90 36.14 -25.69
C GLN C 380 30.12 37.38 -26.12
N GLU C 381 29.09 37.16 -26.94
CA GLU C 381 28.20 38.22 -27.37
C GLU C 381 27.14 38.49 -26.30
N SER C 382 26.87 39.77 -26.04
CA SER C 382 25.81 40.16 -25.12
C SER C 382 24.44 39.84 -25.71
N PRO C 383 23.56 39.23 -24.92
CA PRO C 383 22.21 38.93 -25.39
C PRO C 383 21.27 40.14 -25.25
N VAL C 384 21.70 41.16 -24.53
CA VAL C 384 20.78 42.25 -24.21
C VAL C 384 21.26 43.59 -24.73
N CYS C 385 22.51 43.65 -25.19
CA CYS C 385 23.07 44.92 -25.65
C CYS C 385 23.54 44.95 -27.11
N ASN C 386 22.98 45.88 -27.89
CA ASN C 386 23.29 46.04 -29.30
C ASN C 386 24.02 47.34 -29.63
N ASP C 387 24.35 48.12 -28.61
CA ASP C 387 24.86 49.47 -28.83
C ASP C 387 26.35 49.61 -28.60
N HIS C 388 27.01 48.54 -28.17
CA HIS C 388 28.44 48.62 -27.89
C HIS C 388 29.25 47.66 -28.75
N VAL C 389 30.36 48.15 -29.30
CA VAL C 389 31.24 47.31 -30.09
C VAL C 389 32.28 46.66 -29.18
N VAL C 390 32.38 45.34 -29.26
CA VAL C 390 33.21 44.55 -28.35
C VAL C 390 34.30 43.76 -29.07
N VAL C 391 35.46 43.63 -28.43
CA VAL C 391 36.51 42.75 -28.90
C VAL C 391 36.36 41.40 -28.20
N TYR C 392 36.07 40.37 -28.98
CA TYR C 392 35.78 39.05 -28.43
C TYR C 392 37.04 38.23 -28.15
N GLY C 393 37.09 37.65 -26.95
CA GLY C 393 38.24 36.87 -26.53
C GLY C 393 38.31 36.66 -25.03
N ASP C 394 39.15 35.72 -24.62
CA ASP C 394 39.34 35.44 -23.21
C ASP C 394 40.51 36.26 -22.71
N ALA C 395 40.22 37.28 -21.91
CA ALA C 395 41.24 38.18 -21.37
C ALA C 395 42.36 37.41 -20.66
N THR C 396 42.03 36.21 -20.21
CA THR C 396 42.96 35.37 -19.48
C THR C 396 43.93 34.63 -20.39
N VAL C 397 43.46 34.29 -21.59
CA VAL C 397 44.20 33.40 -22.49
C VAL C 397 45.10 34.11 -23.51
N GLY C 398 46.39 33.74 -23.51
CA GLY C 398 47.32 34.17 -24.54
C GLY C 398 47.52 35.66 -24.69
N GLN C 399 47.36 36.14 -25.91
CA GLN C 399 47.68 37.53 -26.23
C GLN C 399 46.45 38.39 -26.48
N THR C 400 45.27 37.92 -26.07
CA THR C 400 44.02 38.62 -26.34
C THR C 400 44.05 40.10 -25.92
N LEU C 401 44.75 40.39 -24.83
CA LEU C 401 44.87 41.77 -24.35
C LEU C 401 45.89 42.60 -25.14
N ARG C 402 47.09 42.06 -25.33
CA ARG C 402 48.12 42.78 -26.07
C ARG C 402 47.64 43.07 -27.49
N GLN C 403 46.93 42.11 -28.08
CA GLN C 403 46.45 42.23 -29.44
C GLN C 403 45.22 43.10 -29.56
N ALA C 404 44.77 43.65 -28.44
CA ALA C 404 43.66 44.59 -28.46
C ALA C 404 44.20 46.00 -28.19
N GLY C 405 45.51 46.09 -28.00
CA GLY C 405 46.18 47.36 -27.80
C GLY C 405 46.26 47.82 -26.36
N ILE C 406 46.30 46.85 -25.43
CA ILE C 406 46.35 47.15 -24.00
C ILE C 406 47.57 48.00 -23.64
N ASP C 407 48.59 47.97 -24.50
CA ASP C 407 49.83 48.69 -24.27
C ASP C 407 49.64 50.21 -24.20
N ARG C 408 48.65 50.71 -24.92
CA ARG C 408 48.42 52.15 -24.99
C ARG C 408 47.24 52.57 -24.14
N ALA C 409 46.85 51.73 -23.21
CA ALA C 409 45.73 52.03 -22.33
C ALA C 409 46.20 52.94 -21.19
N SER C 410 45.29 53.78 -20.72
CA SER C 410 45.59 54.65 -19.58
C SER C 410 44.98 54.06 -18.32
N GLY C 411 43.94 53.25 -18.50
CA GLY C 411 43.24 52.63 -17.39
C GLY C 411 42.60 51.30 -17.75
N ILE C 412 42.41 50.43 -16.76
CA ILE C 412 41.73 49.16 -16.96
C ILE C 412 40.65 48.94 -15.91
N ILE C 413 39.44 48.61 -16.35
CA ILE C 413 38.41 48.16 -15.42
C ILE C 413 38.24 46.63 -15.49
N VAL C 414 38.52 45.95 -14.39
CA VAL C 414 38.40 44.50 -14.34
C VAL C 414 37.03 44.12 -13.80
N THR C 415 36.13 43.73 -14.69
CA THR C 415 34.73 43.52 -14.32
C THR C 415 34.18 42.15 -14.71
N THR C 416 34.69 41.11 -14.05
CA THR C 416 34.20 39.76 -14.31
C THR C 416 33.41 39.25 -13.11
N ASN C 417 32.39 38.42 -13.37
CA ASN C 417 31.60 37.78 -12.33
C ASN C 417 32.44 36.92 -11.40
N ASP C 418 33.58 36.45 -11.91
CA ASP C 418 34.51 35.65 -11.13
C ASP C 418 35.68 36.52 -10.70
N ASP C 419 35.86 36.70 -9.40
CA ASP C 419 36.91 37.59 -8.92
C ASP C 419 38.23 36.89 -8.56
N SER C 420 38.29 35.57 -8.72
CA SER C 420 39.58 34.91 -8.77
C SER C 420 40.22 35.28 -10.10
N THR C 421 39.37 35.45 -11.11
CA THR C 421 39.77 35.93 -12.42
C THR C 421 40.13 37.41 -12.35
N ASN C 422 39.34 38.17 -11.60
CA ASN C 422 39.63 39.58 -11.41
C ASN C 422 40.95 39.84 -10.70
N ILE C 423 41.24 39.01 -9.71
CA ILE C 423 42.49 39.12 -8.98
C ILE C 423 43.63 38.78 -9.93
N PHE C 424 43.46 37.70 -10.67
CA PHE C 424 44.49 37.24 -11.59
C PHE C 424 44.81 38.28 -12.66
N LEU C 425 43.76 38.89 -13.22
CA LEU C 425 43.94 39.93 -14.24
C LEU C 425 44.60 41.15 -13.64
N THR C 426 44.18 41.52 -12.44
CA THR C 426 44.74 42.67 -11.76
C THR C 426 46.21 42.45 -11.48
N LEU C 427 46.57 41.26 -11.03
CA LEU C 427 47.96 40.91 -10.78
C LEU C 427 48.80 41.10 -12.04
N ALA C 428 48.35 40.50 -13.14
CA ALA C 428 49.08 40.52 -14.40
C ALA C 428 49.21 41.92 -14.98
N CYS C 429 48.11 42.68 -14.96
CA CYS C 429 48.11 44.00 -15.54
C CYS C 429 49.05 44.92 -14.80
N ARG C 430 49.01 44.85 -13.47
CA ARG C 430 49.90 45.66 -12.64
C ARG C 430 51.36 45.29 -12.89
N HIS C 431 51.62 44.01 -13.08
CA HIS C 431 52.99 43.55 -13.26
C HIS C 431 53.58 44.05 -14.57
N LEU C 432 52.76 43.99 -15.62
CA LEU C 432 53.21 44.32 -16.97
C LEU C 432 53.11 45.82 -17.25
N HIS C 433 52.21 46.50 -16.57
CA HIS C 433 52.02 47.94 -16.80
C HIS C 433 51.82 48.65 -15.48
N SER C 434 52.92 48.94 -14.81
CA SER C 434 52.84 49.47 -13.44
C SER C 434 52.34 50.92 -13.38
N HIS C 435 52.29 51.59 -14.53
CA HIS C 435 51.90 52.99 -14.56
C HIS C 435 50.39 53.19 -14.63
N ILE C 436 49.71 52.30 -15.34
CA ILE C 436 48.29 52.46 -15.64
C ILE C 436 47.41 52.37 -14.41
N ARG C 437 46.22 52.95 -14.52
CA ARG C 437 45.26 52.99 -13.43
C ARG C 437 44.37 51.76 -13.51
N ILE C 438 44.39 50.94 -12.46
CA ILE C 438 43.62 49.69 -12.46
C ILE C 438 42.45 49.75 -11.48
N VAL C 439 41.24 49.56 -12.00
CA VAL C 439 40.04 49.54 -11.16
C VAL C 439 39.41 48.17 -11.21
N ALA C 440 39.09 47.60 -10.06
CA ALA C 440 38.62 46.22 -10.02
C ALA C 440 37.22 46.06 -9.43
N ARG C 441 36.52 45.02 -9.87
CA ARG C 441 35.22 44.65 -9.31
C ARG C 441 35.34 43.49 -8.33
N ALA C 442 34.81 43.69 -7.12
CA ALA C 442 34.78 42.61 -6.14
C ALA C 442 33.35 42.11 -5.94
N ASN C 443 33.08 40.92 -6.46
CA ASN C 443 31.75 40.33 -6.35
C ASN C 443 31.45 39.95 -4.91
N GLY C 444 32.40 39.27 -4.28
CA GLY C 444 32.33 38.96 -2.87
C GLY C 444 33.27 39.86 -2.10
N GLU C 445 32.88 40.24 -0.89
CA GLU C 445 33.67 41.16 -0.08
C GLU C 445 34.91 40.50 0.51
N GLU C 446 34.96 39.17 0.44
CA GLU C 446 36.11 38.42 0.93
C GLU C 446 37.28 38.44 -0.04
N ASN C 447 37.08 39.05 -1.21
CA ASN C 447 38.16 39.18 -2.18
C ASN C 447 38.65 40.61 -2.34
N VAL C 448 38.02 41.54 -1.65
CA VAL C 448 38.38 42.96 -1.76
C VAL C 448 39.84 43.21 -1.39
N ASP C 449 40.29 42.63 -0.28
CA ASP C 449 41.66 42.85 0.15
C ASP C 449 42.71 42.23 -0.78
N GLN C 450 42.35 41.13 -1.43
CA GLN C 450 43.27 40.50 -2.37
C GLN C 450 43.38 41.31 -3.66
N LEU C 451 42.31 42.01 -4.01
CA LEU C 451 42.32 42.87 -5.19
C LEU C 451 43.24 44.07 -4.98
N TYR C 452 43.26 44.63 -3.77
CA TYR C 452 44.20 45.70 -3.45
C TYR C 452 45.62 45.13 -3.36
N ALA C 453 45.73 43.96 -2.75
CA ALA C 453 47.01 43.28 -2.65
C ALA C 453 47.63 43.04 -4.03
N ALA C 454 46.76 42.81 -5.02
CA ALA C 454 47.20 42.42 -6.35
C ALA C 454 47.67 43.63 -7.14
N GLY C 455 47.23 44.82 -6.72
CA GLY C 455 47.71 46.05 -7.31
C GLY C 455 46.65 47.01 -7.79
N ALA C 456 45.38 46.65 -7.62
CA ALA C 456 44.30 47.53 -8.05
C ALA C 456 44.37 48.85 -7.31
N ASP C 457 44.08 49.94 -8.01
CA ASP C 457 44.14 51.27 -7.39
C ASP C 457 42.91 51.52 -6.56
N PHE C 458 41.79 50.96 -7.01
CA PHE C 458 40.55 51.03 -6.26
C PHE C 458 39.72 49.77 -6.51
N VAL C 459 38.98 49.37 -5.49
CA VAL C 459 38.12 48.20 -5.57
C VAL C 459 36.66 48.58 -5.31
N VAL C 460 35.77 48.21 -6.22
CA VAL C 460 34.36 48.42 -6.02
C VAL C 460 33.70 47.11 -5.58
N SER C 461 33.31 47.04 -4.32
CA SER C 461 32.66 45.84 -3.81
C SER C 461 31.16 45.91 -4.01
N ASN C 462 30.67 45.10 -4.95
CA ASN C 462 29.26 45.04 -5.27
C ASN C 462 28.42 44.82 -4.03
N ALA C 463 28.81 43.82 -3.25
CA ALA C 463 28.11 43.44 -2.03
C ALA C 463 27.90 44.60 -1.05
N SER C 464 28.96 45.29 -0.67
CA SER C 464 28.81 46.39 0.29
C SER C 464 28.15 47.65 -0.28
N VAL C 465 28.40 47.94 -1.57
CA VAL C 465 27.69 49.04 -2.23
C VAL C 465 26.19 48.75 -2.21
N GLY C 466 25.83 47.57 -2.69
CA GLY C 466 24.44 47.16 -2.74
C GLY C 466 23.73 47.24 -1.40
N ALA C 467 24.34 46.66 -0.37
CA ALA C 467 23.78 46.70 0.97
C ALA C 467 23.65 48.13 1.50
N ASN C 468 24.72 48.92 1.35
CA ASN C 468 24.72 50.33 1.71
C ASN C 468 23.50 51.08 1.20
N ILE C 469 23.18 50.87 -0.07
CA ILE C 469 22.03 51.50 -0.71
C ILE C 469 20.71 50.94 -0.19
N LEU C 470 20.56 49.63 -0.31
CA LEU C 470 19.36 48.94 0.14
C LEU C 470 19.08 49.20 1.62
N GLY C 471 20.14 49.16 2.42
CA GLY C 471 20.04 49.41 3.84
C GLY C 471 19.62 50.84 4.11
N ASN C 472 20.23 51.79 3.41
CA ASN C 472 19.89 53.18 3.62
C ASN C 472 18.49 53.53 3.14
N LEU C 473 17.95 52.72 2.23
CA LEU C 473 16.60 52.91 1.77
C LEU C 473 15.62 52.33 2.78
N LEU C 474 16.04 51.28 3.47
CA LEU C 474 15.19 50.60 4.44
C LEU C 474 15.06 51.39 5.74
N GLU C 475 16.18 51.93 6.23
CA GLU C 475 16.18 52.66 7.49
C GLU C 475 15.68 54.08 7.32
N HIS C 476 15.91 54.67 6.16
CA HIS C 476 15.34 55.97 5.84
C HIS C 476 14.03 55.80 5.12
N LYS C 477 13.33 54.71 5.42
CA LYS C 477 12.06 54.39 4.76
C LYS C 477 11.09 55.56 4.78
N GLU C 478 10.80 56.06 5.97
CA GLU C 478 9.86 57.16 6.15
C GLU C 478 10.27 58.41 5.38
N SER C 479 11.57 58.56 5.15
CA SER C 479 12.09 59.77 4.51
C SER C 479 12.49 59.56 3.04
N ALA C 480 12.76 58.31 2.66
CA ALA C 480 13.24 58.01 1.31
C ALA C 480 12.16 58.11 0.22
N PHE C 481 11.09 57.32 0.36
CA PHE C 481 10.01 57.38 -0.62
C PHE C 481 9.34 58.75 -0.55
N LEU C 482 9.45 59.37 0.61
CA LEU C 482 8.96 60.72 0.83
C LEU C 482 9.87 61.72 0.11
N SER C 483 11.16 61.40 0.06
CA SER C 483 12.13 62.26 -0.62
C SER C 483 11.91 62.31 -2.13
N GLU C 484 11.39 61.23 -2.69
CA GLU C 484 11.10 61.21 -4.13
C GLU C 484 9.92 62.14 -4.45
N GLY C 485 10.20 63.17 -5.23
CA GLY C 485 9.22 64.20 -5.53
C GLY C 485 9.48 65.44 -4.69
N MET C 486 10.73 65.62 -4.30
CA MET C 486 11.13 66.73 -3.43
C MET C 486 12.42 67.42 -3.85
N ALA C 487 12.71 68.55 -3.20
CA ALA C 487 13.83 69.38 -3.59
C ALA C 487 14.84 69.54 -2.46
N VAL C 488 16.11 69.59 -2.84
CA VAL C 488 17.17 69.98 -1.93
C VAL C 488 17.63 71.37 -2.39
N PHE C 489 17.63 72.32 -1.47
CA PHE C 489 18.05 73.67 -1.83
C PHE C 489 18.86 74.35 -0.73
N ARG C 490 19.61 75.37 -1.12
CA ARG C 490 20.55 76.02 -0.21
C ARG C 490 20.26 77.51 -0.07
N ARG C 491 20.13 77.97 1.17
CA ARG C 491 19.77 79.36 1.46
C ARG C 491 20.68 79.95 2.53
N PRO C 492 20.96 81.25 2.43
CA PRO C 492 21.66 81.98 3.50
C PRO C 492 20.71 82.24 4.68
N LEU C 493 21.25 82.17 5.90
CA LEU C 493 20.47 82.32 7.12
C LEU C 493 19.79 83.69 7.18
N PRO C 494 18.46 83.69 7.35
CA PRO C 494 17.70 84.92 7.61
C PRO C 494 18.06 85.50 8.98
N PRO C 495 18.66 86.70 9.00
CA PRO C 495 19.19 87.38 10.21
C PRO C 495 18.27 87.34 11.43
N ALA C 496 16.95 87.35 11.21
CA ALA C 496 15.99 87.29 12.32
C ALA C 496 15.96 85.91 12.97
N MET C 497 16.50 84.90 12.28
CA MET C 497 16.59 83.55 12.82
C MET C 497 17.84 83.38 13.68
N ALA C 498 18.82 84.26 13.46
CA ALA C 498 20.12 84.15 14.14
C ALA C 498 20.00 84.35 15.66
N GLY C 499 20.46 83.35 16.41
CA GLY C 499 20.41 83.39 17.86
C GLY C 499 19.28 82.57 18.43
N LYS C 500 18.43 82.04 17.55
CA LYS C 500 17.27 81.28 17.98
C LYS C 500 17.45 79.79 17.76
N THR C 501 16.67 79.01 18.50
CA THR C 501 16.67 77.55 18.37
C THR C 501 15.81 77.18 17.16
N ILE C 502 16.18 76.10 16.48
CA ILE C 502 15.45 75.64 15.30
C ILE C 502 13.96 75.44 15.58
N ALA C 503 13.66 74.93 16.77
CA ALA C 503 12.27 74.73 17.19
C ALA C 503 11.58 76.05 17.52
N GLU C 504 12.36 77.09 17.82
CA GLU C 504 11.82 78.39 18.16
C GLU C 504 11.29 79.13 16.94
N THR C 505 12.09 79.13 15.87
CA THR C 505 11.74 79.85 14.66
C THR C 505 10.60 79.20 13.89
N ARG C 506 10.22 78.00 14.33
CA ARG C 506 9.13 77.23 13.71
C ARG C 506 9.30 77.14 12.20
N LEU C 507 10.51 76.80 11.77
CA LEU C 507 10.86 76.73 10.36
C LEU C 507 9.98 75.74 9.60
N ARG C 508 9.79 74.56 10.18
CA ARG C 508 8.96 73.53 9.54
C ARG C 508 7.45 73.81 9.55
N PRO C 509 6.89 74.32 10.66
CA PRO C 509 5.47 74.69 10.58
C PRO C 509 5.18 75.76 9.52
N LEU C 510 5.98 76.83 9.50
CA LEU C 510 5.73 77.96 8.60
C LEU C 510 5.90 77.61 7.12
N THR C 511 7.01 76.97 6.79
CA THR C 511 7.35 76.73 5.39
C THR C 511 7.14 75.28 4.94
N GLY C 512 7.16 74.35 5.88
CA GLY C 512 7.02 72.94 5.56
C GLY C 512 8.37 72.29 5.32
N CYS C 513 9.39 73.14 5.14
CA CYS C 513 10.73 72.68 4.84
C CYS C 513 11.43 72.13 6.08
N SER C 514 12.63 71.61 5.89
CA SER C 514 13.38 70.98 6.96
C SER C 514 14.88 71.23 6.77
N ILE C 515 15.55 71.64 7.85
CA ILE C 515 16.99 71.86 7.82
C ILE C 515 17.76 70.54 7.82
N VAL C 516 18.76 70.44 6.95
CA VAL C 516 19.46 69.18 6.71
C VAL C 516 20.96 69.34 6.96
N ALA C 517 21.49 70.52 6.66
CA ALA C 517 22.90 70.80 6.88
C ALA C 517 23.13 72.29 7.19
N ILE C 518 24.05 72.58 8.10
CA ILE C 518 24.41 73.97 8.38
C ILE C 518 25.92 74.17 8.25
N GLU C 519 26.32 75.32 7.72
CA GLU C 519 27.73 75.70 7.73
C GLU C 519 27.94 77.16 8.09
N ALA C 520 28.95 77.41 8.94
CA ALA C 520 29.28 78.73 9.43
C ALA C 520 30.17 79.47 8.43
N PRO C 521 30.26 80.82 8.54
CA PRO C 521 31.02 81.67 7.62
C PRO C 521 32.38 81.15 7.13
N ASP C 522 33.45 81.40 7.89
CA ASP C 522 34.80 81.09 7.41
C ASP C 522 35.23 79.65 7.68
N ARG C 523 34.30 78.71 7.54
CA ARG C 523 34.53 77.34 7.97
C ARG C 523 34.61 76.32 6.85
N ALA C 524 35.27 75.21 7.13
CA ALA C 524 35.40 74.11 6.19
C ALA C 524 34.75 72.85 6.75
N ASP C 525 34.02 73.02 7.85
CA ASP C 525 33.26 71.92 8.43
C ASP C 525 31.75 72.20 8.37
N ILE C 526 30.96 71.14 8.42
CA ILE C 526 29.53 71.26 8.22
C ILE C 526 28.80 70.52 9.35
N LEU C 527 27.54 70.89 9.60
CA LEU C 527 26.71 70.22 10.60
C LEU C 527 25.53 69.51 9.93
N ILE C 528 25.55 68.18 9.97
CA ILE C 528 24.55 67.37 9.28
C ILE C 528 23.47 66.88 10.22
N SER C 529 22.21 66.98 9.79
CA SER C 529 21.06 66.57 10.60
C SER C 529 21.02 67.28 11.95
N PRO C 530 20.92 68.62 11.94
CA PRO C 530 20.97 69.38 13.20
C PRO C 530 19.75 69.09 14.07
N PRO C 531 19.98 68.84 15.37
CA PRO C 531 18.89 68.60 16.32
C PRO C 531 18.08 69.86 16.56
N PRO C 532 16.78 69.71 16.90
CA PRO C 532 15.82 70.81 17.04
C PRO C 532 16.25 71.96 17.95
N GLU C 533 17.11 71.72 18.92
CA GLU C 533 17.51 72.78 19.85
C GLU C 533 18.84 73.42 19.47
N THR C 534 19.20 73.30 18.19
CA THR C 534 20.41 73.91 17.66
C THR C 534 20.29 75.43 17.63
N ILE C 535 21.34 76.12 18.04
CA ILE C 535 21.41 77.57 17.94
C ILE C 535 21.95 77.97 16.57
N LEU C 536 21.27 78.88 15.89
CA LEU C 536 21.67 79.31 14.55
C LEU C 536 22.53 80.58 14.61
N ALA C 537 23.71 80.53 14.01
CA ALA C 537 24.66 81.63 14.08
C ALA C 537 24.48 82.65 12.97
N GLU C 538 25.33 83.67 12.98
CA GLU C 538 25.27 84.74 11.99
C GLU C 538 26.12 84.41 10.77
N GLY C 539 25.49 84.44 9.59
CA GLY C 539 26.18 84.14 8.36
C GLY C 539 26.09 82.68 7.96
N ALA C 540 25.32 81.93 8.75
CA ALA C 540 25.18 80.49 8.52
C ALA C 540 24.54 80.20 7.17
N ARG C 541 25.06 79.19 6.49
CA ARG C 541 24.48 78.76 5.22
C ARG C 541 23.66 77.50 5.44
N LEU C 542 22.39 77.55 5.05
CA LEU C 542 21.47 76.45 5.30
C LEU C 542 21.21 75.59 4.07
N ILE C 543 21.14 74.28 4.28
CA ILE C 543 20.69 73.38 3.22
C ILE C 543 19.39 72.73 3.68
N LEU C 544 18.34 72.87 2.89
CA LEU C 544 17.01 72.46 3.31
C LEU C 544 16.40 71.39 2.41
N ILE C 545 15.35 70.74 2.92
CA ILE C 545 14.60 69.78 2.13
C ILE C 545 13.09 70.01 2.29
N GLY C 546 12.40 70.06 1.17
CA GLY C 546 10.96 70.20 1.16
C GLY C 546 10.44 69.94 -0.23
N THR C 547 9.12 70.06 -0.40
CA THR C 547 8.50 69.92 -1.71
C THR C 547 8.97 71.05 -2.63
N SER C 548 8.94 70.82 -3.93
CA SER C 548 9.27 71.86 -4.88
C SER C 548 8.32 73.05 -4.71
N GLU C 549 7.12 72.78 -4.21
CA GLU C 549 6.14 73.83 -3.94
C GLU C 549 6.39 74.50 -2.59
N GLN C 550 7.20 73.88 -1.75
CA GLN C 550 7.53 74.43 -0.45
C GLN C 550 8.75 75.33 -0.54
N GLU C 551 9.62 75.05 -1.52
CA GLU C 551 10.80 75.87 -1.75
C GLU C 551 10.42 77.21 -2.36
N LYS C 552 9.52 77.18 -3.32
CA LYS C 552 9.04 78.40 -3.97
C LYS C 552 8.42 79.36 -2.96
N THR C 553 7.70 78.81 -1.99
CA THR C 553 7.06 79.62 -0.97
C THR C 553 7.98 79.91 0.21
N PHE C 554 9.17 79.30 0.21
CA PHE C 554 10.07 79.42 1.36
C PHE C 554 10.54 80.85 1.65
N ASP C 555 11.16 81.50 0.66
CA ASP C 555 11.73 82.82 0.85
C ASP C 555 10.70 83.87 1.26
N GLN C 556 9.50 83.76 0.68
CA GLN C 556 8.48 84.78 0.83
C GLN C 556 7.44 84.45 1.88
N THR C 557 7.57 83.28 2.51
CA THR C 557 6.77 82.97 3.70
C THR C 557 7.59 83.38 4.90
N ILE C 558 8.91 83.39 4.74
CA ILE C 558 9.82 83.85 5.78
C ILE C 558 9.71 85.36 5.90
N ALA C 559 9.26 86.01 4.82
CA ALA C 559 9.11 87.47 4.79
C ALA C 559 7.83 87.92 5.49
N ALA C 560 6.89 87.00 5.66
CA ALA C 560 5.66 87.28 6.39
C ALA C 560 5.81 86.87 7.84
N ARG C 561 6.70 85.91 8.09
CA ARG C 561 7.00 85.44 9.44
C ARG C 561 8.30 84.64 9.45
N GLN D 15 34.59 14.73 26.31
CA GLN D 15 33.70 15.62 27.06
C GLN D 15 32.57 14.82 27.69
N ASN D 16 32.12 13.80 26.97
CA ASN D 16 31.02 12.95 27.43
C ASN D 16 31.38 12.16 28.70
N LEU D 17 32.65 11.78 28.80
CA LEU D 17 33.14 11.01 29.94
C LEU D 17 33.10 11.84 31.22
N LYS D 18 33.45 13.12 31.11
CA LYS D 18 33.47 14.01 32.26
C LYS D 18 32.08 14.22 32.84
N VAL D 19 31.13 14.59 31.99
CA VAL D 19 29.74 14.76 32.40
C VAL D 19 29.16 13.46 32.99
N LEU D 20 29.63 12.34 32.46
CA LEU D 20 29.25 11.04 33.00
C LEU D 20 29.82 10.82 34.40
N LEU D 21 31.13 10.93 34.53
CA LEU D 21 31.79 10.69 35.82
C LEU D 21 31.48 11.78 36.84
N LEU D 22 31.09 12.96 36.36
CA LEU D 22 30.63 14.03 37.23
C LEU D 22 29.22 13.69 37.73
N TYR D 23 28.51 12.87 36.96
CA TYR D 23 27.20 12.41 37.36
C TYR D 23 27.31 11.21 38.29
N CYS D 24 28.29 10.34 38.02
CA CYS D 24 28.59 9.24 38.92
C CYS D 24 29.00 9.77 40.28
N ALA D 25 29.91 10.75 40.29
CA ALA D 25 30.36 11.39 41.53
C ALA D 25 29.18 11.98 42.30
N PHE D 26 28.22 12.55 41.57
CA PHE D 26 27.03 13.10 42.19
C PHE D 26 26.25 12.02 42.94
N LEU D 27 26.03 10.90 42.27
CA LEU D 27 25.31 9.77 42.86
C LEU D 27 25.98 9.27 44.13
N LEU D 28 27.30 9.26 44.13
CA LEU D 28 28.05 8.81 45.30
C LEU D 28 27.86 9.79 46.46
N VAL D 29 27.84 11.07 46.18
CA VAL D 29 27.53 12.08 47.19
C VAL D 29 26.10 11.85 47.68
N MET D 30 25.19 11.62 46.73
CA MET D 30 23.80 11.39 47.06
C MET D 30 23.63 10.18 47.99
N LEU D 31 24.22 9.04 47.62
CA LEU D 31 24.18 7.83 48.42
C LEU D 31 24.71 8.07 49.85
N LEU D 32 25.88 8.69 49.95
CA LEU D 32 26.49 8.96 51.25
C LEU D 32 25.62 9.87 52.10
N ALA D 33 25.11 10.94 51.49
CA ALA D 33 24.25 11.88 52.19
C ALA D 33 23.01 11.16 52.73
N TYR D 34 22.35 10.42 51.85
CA TYR D 34 21.16 9.66 52.24
C TYR D 34 21.44 8.65 53.36
N ALA D 35 22.54 7.92 53.25
CA ALA D 35 22.91 6.92 54.26
C ALA D 35 23.12 7.56 55.62
N SER D 36 23.71 8.76 55.62
CA SER D 36 23.98 9.47 56.86
C SER D 36 22.68 9.97 57.48
N ILE D 37 21.79 10.48 56.63
CA ILE D 37 20.51 11.01 57.09
C ILE D 37 19.63 9.87 57.57
N PHE D 38 19.79 8.70 56.97
CA PHE D 38 19.06 7.51 57.39
C PHE D 38 19.43 7.09 58.82
N ARG D 39 20.72 7.02 59.11
CA ARG D 39 21.16 6.68 60.47
C ARG D 39 20.74 7.76 61.45
N TYR D 40 20.85 9.02 61.04
CA TYR D 40 20.48 10.12 61.90
C TYR D 40 19.00 10.06 62.26
N LEU D 41 18.17 9.76 61.26
CA LEU D 41 16.73 9.70 61.49
C LEU D 41 16.34 8.45 62.28
N MET D 42 16.96 7.32 61.97
CA MET D 42 16.68 6.09 62.68
C MET D 42 16.97 6.27 64.17
N TRP D 43 18.03 7.02 64.47
CA TRP D 43 18.36 7.29 65.85
C TRP D 43 17.42 8.31 66.49
N HIS D 44 17.31 9.50 65.88
CA HIS D 44 16.57 10.57 66.53
C HIS D 44 15.05 10.44 66.46
N LEU D 45 14.56 9.69 65.48
CA LEU D 45 13.12 9.51 65.34
C LEU D 45 12.59 8.27 66.04
N GLU D 46 13.40 7.21 66.07
CA GLU D 46 12.92 5.92 66.56
C GLU D 46 13.87 5.23 67.53
N GLY D 47 15.04 5.83 67.76
CA GLY D 47 15.98 5.31 68.74
C GLY D 47 16.58 3.99 68.34
N ARG D 48 16.77 3.78 67.05
CA ARG D 48 17.39 2.56 66.57
C ARG D 48 18.76 2.90 66.01
N ALA D 49 19.80 2.26 66.55
CA ALA D 49 21.15 2.53 66.11
C ALA D 49 21.51 1.65 64.93
N TYR D 50 21.98 2.27 63.84
CA TYR D 50 22.37 1.52 62.65
C TYR D 50 23.82 1.80 62.28
N SER D 51 24.51 0.76 61.83
CA SER D 51 25.89 0.89 61.39
C SER D 51 25.97 1.62 60.06
N PHE D 52 27.17 2.09 59.72
CA PHE D 52 27.40 2.83 58.49
C PHE D 52 27.05 1.99 57.27
N MET D 53 27.48 0.73 57.28
CA MET D 53 27.18 -0.16 56.16
C MET D 53 25.70 -0.45 56.04
N ALA D 54 25.00 -0.45 57.17
CA ALA D 54 23.55 -0.64 57.15
C ALA D 54 22.90 0.49 56.33
N GLY D 55 23.37 1.71 56.56
CA GLY D 55 22.84 2.87 55.88
C GLY D 55 23.02 2.83 54.38
N ILE D 56 24.24 2.50 53.95
CA ILE D 56 24.56 2.37 52.53
C ILE D 56 23.67 1.30 51.91
N TYR D 57 23.65 0.13 52.56
CA TYR D 57 22.84 -1.01 52.17
C TYR D 57 21.35 -0.68 52.03
N TRP D 58 20.80 0.03 53.00
CA TRP D 58 19.41 0.45 52.94
C TRP D 58 19.16 1.37 51.76
N THR D 59 20.03 2.36 51.58
CA THR D 59 19.88 3.35 50.53
C THR D 59 19.95 2.72 49.13
N ILE D 60 20.96 1.89 48.93
CA ILE D 60 21.06 1.13 47.69
C ILE D 60 19.79 0.31 47.49
N THR D 61 19.29 -0.30 48.56
CA THR D 61 18.09 -1.13 48.52
C THR D 61 16.82 -0.37 48.08
N VAL D 62 16.75 0.92 48.42
CA VAL D 62 15.58 1.73 48.10
C VAL D 62 15.70 2.40 46.74
N MET D 63 16.80 3.15 46.55
CA MET D 63 17.05 3.86 45.30
C MET D 63 16.99 2.91 44.11
N THR D 64 17.35 1.66 44.39
CA THR D 64 17.39 0.66 43.36
C THR D 64 16.06 -0.05 43.16
N THR D 65 15.13 0.13 44.11
CA THR D 65 13.78 -0.44 44.05
C THR D 65 13.66 -1.89 44.45
N LEU D 66 14.72 -2.45 44.95
CA LEU D 66 14.71 -3.83 45.45
C LEU D 66 13.71 -3.91 46.62
N GLY D 67 13.97 -3.16 47.68
CA GLY D 67 13.05 -3.09 48.82
C GLY D 67 12.82 -4.37 49.60
N PHE D 68 13.85 -4.93 50.22
CA PHE D 68 13.68 -6.13 51.04
C PHE D 68 12.62 -5.98 52.14
N GLY D 69 12.43 -4.77 52.61
CA GLY D 69 11.51 -4.50 53.69
C GLY D 69 12.05 -4.91 55.05
N ASP D 70 13.28 -5.42 55.09
CA ASP D 70 13.87 -5.88 56.34
C ASP D 70 14.25 -4.73 57.26
N ILE D 71 14.38 -3.54 56.70
CA ILE D 71 14.66 -2.34 57.49
C ILE D 71 13.69 -1.25 57.04
N THR D 72 12.73 -0.92 57.90
CA THR D 72 11.77 0.11 57.56
C THR D 72 11.53 1.05 58.74
N PHE D 73 11.08 2.27 58.45
CA PHE D 73 10.66 3.19 59.49
C PHE D 73 9.26 2.81 59.94
N GLU D 74 8.85 3.32 61.10
CA GLU D 74 7.48 3.12 61.58
C GLU D 74 6.78 4.47 61.74
N SER D 75 7.56 5.53 61.81
CA SER D 75 7.02 6.87 61.99
C SER D 75 6.63 7.53 60.68
N ASP D 76 5.89 8.63 60.79
CA ASP D 76 5.50 9.42 59.62
C ASP D 76 6.67 10.13 58.98
N ALA D 77 7.48 10.78 59.81
CA ALA D 77 8.66 11.48 59.30
C ALA D 77 9.59 10.50 58.60
N GLY D 78 9.68 9.30 59.16
CA GLY D 78 10.45 8.25 58.53
C GLY D 78 9.89 7.83 57.18
N TYR D 79 8.56 7.77 57.06
CA TYR D 79 7.91 7.43 55.80
C TYR D 79 8.14 8.49 54.75
N LEU D 80 8.23 9.75 55.18
CA LEU D 80 8.49 10.86 54.29
C LEU D 80 9.89 10.71 53.70
N PHE D 81 10.85 10.36 54.54
CA PHE D 81 12.22 10.21 54.09
C PHE D 81 12.37 9.03 53.13
N ALA D 82 11.74 7.91 53.47
CA ALA D 82 11.79 6.73 52.61
C ALA D 82 11.16 7.02 51.25
N SER D 83 10.08 7.80 51.25
CA SER D 83 9.40 8.15 50.00
C SER D 83 10.27 9.06 49.14
N ILE D 84 10.94 10.01 49.78
CA ILE D 84 11.84 10.92 49.08
C ILE D 84 13.02 10.18 48.47
N VAL D 85 13.63 9.29 49.24
CA VAL D 85 14.74 8.48 48.73
C VAL D 85 14.26 7.60 47.59
N THR D 86 13.02 7.13 47.67
CA THR D 86 12.48 6.25 46.64
C THR D 86 12.29 7.00 45.34
N VAL D 87 11.63 8.15 45.41
CA VAL D 87 11.48 9.00 44.23
C VAL D 87 12.84 9.43 43.68
N SER D 88 13.72 9.89 44.56
CA SER D 88 15.10 10.20 44.19
C SER D 88 15.78 9.06 43.43
N GLY D 89 15.48 7.83 43.84
CA GLY D 89 15.97 6.66 43.15
C GLY D 89 15.46 6.62 41.73
N VAL D 90 14.15 6.80 41.58
CA VAL D 90 13.53 6.77 40.27
C VAL D 90 13.99 7.89 39.35
N ILE D 91 13.96 9.13 39.83
CA ILE D 91 14.44 10.26 39.05
C ILE D 91 15.89 10.08 38.58
N PHE D 92 16.81 9.87 39.51
CA PHE D 92 18.24 9.89 39.18
C PHE D 92 18.77 8.60 38.54
N LEU D 93 18.01 7.51 38.62
CA LEU D 93 18.50 6.24 38.07
C LEU D 93 17.63 5.68 36.96
N ASP D 94 16.38 6.13 36.90
CA ASP D 94 15.44 5.60 35.91
C ASP D 94 14.99 6.67 34.91
N ILE D 95 15.39 7.92 35.14
CA ILE D 95 15.07 9.00 34.21
C ILE D 95 16.35 9.70 33.76
N ILE D 96 17.00 10.40 34.68
CA ILE D 96 18.20 11.14 34.37
C ILE D 96 19.30 10.26 33.77
N LEU D 97 19.48 9.06 34.30
CA LEU D 97 20.53 8.18 33.80
C LEU D 97 20.27 7.65 32.37
N PRO D 98 19.05 7.13 32.10
CA PRO D 98 18.80 6.74 30.69
C PRO D 98 18.69 7.93 29.75
N PHE D 99 17.86 8.91 30.08
CA PHE D 99 17.68 10.10 29.24
C PHE D 99 19.00 10.81 28.94
N GLY D 100 19.85 10.93 29.96
CA GLY D 100 21.15 11.56 29.78
C GLY D 100 22.02 10.80 28.81
N PHE D 101 21.86 9.47 28.79
CA PHE D 101 22.61 8.62 27.87
C PHE D 101 22.22 8.91 26.42
N VAL D 102 20.92 9.13 26.20
CA VAL D 102 20.42 9.44 24.87
C VAL D 102 20.99 10.77 24.35
N SER D 103 20.96 11.79 25.19
CA SER D 103 21.53 13.09 24.84
C SER D 103 23.02 12.99 24.58
N MET D 104 23.69 12.13 25.35
CA MET D 104 25.14 12.04 25.33
C MET D 104 25.66 11.19 24.19
N PHE D 105 24.94 10.13 23.84
CA PHE D 105 25.46 9.15 22.89
C PHE D 105 24.68 9.07 21.58
N LEU D 106 23.38 8.84 21.67
CA LEU D 106 22.57 8.67 20.46
C LEU D 106 22.46 9.94 19.61
N ALA D 107 22.20 11.07 20.26
CA ALA D 107 22.08 12.35 19.55
C ALA D 107 23.34 12.71 18.73
N PRO D 108 24.55 12.53 19.30
CA PRO D 108 25.70 12.68 18.42
C PRO D 108 25.69 11.65 17.30
N TRP D 109 25.65 10.37 17.67
CA TRP D 109 25.65 9.27 16.70
C TRP D 109 24.68 9.48 15.53
N ILE D 110 23.50 10.00 15.86
CA ILE D 110 22.48 10.30 14.85
C ILE D 110 22.97 11.36 13.87
N GLU D 111 23.55 12.43 14.38
CA GLU D 111 23.99 13.53 13.54
C GLU D 111 25.27 13.21 12.78
N ARG D 112 26.11 12.37 13.35
CA ARG D 112 27.41 12.08 12.74
C ARG D 112 27.41 10.81 11.88
N ARG D 113 26.27 10.15 11.75
CA ARG D 113 26.22 8.90 10.97
C ARG D 113 24.97 8.71 10.11
N LEU D 114 23.92 9.48 10.38
CA LEU D 114 22.67 9.29 9.66
C LEU D 114 22.37 10.49 8.78
N ARG D 115 23.23 11.50 8.89
CA ARG D 115 23.19 12.66 8.02
C ARG D 115 24.54 13.36 8.07
N TYR D 116 25.37 13.09 7.06
CA TYR D 116 26.74 13.59 7.02
C TYR D 116 26.86 15.09 7.29
N HIS D 117 27.43 15.44 8.43
CA HIS D 117 27.80 16.83 8.68
C HIS D 117 29.31 16.98 8.50
N PRO D 118 29.73 17.98 7.72
CA PRO D 118 31.10 18.16 7.28
C PRO D 118 31.92 19.01 8.25
N THR D 119 33.23 18.82 8.22
CA THR D 119 34.13 19.57 9.08
C THR D 119 34.46 20.93 8.49
N ILE D 120 34.11 21.98 9.22
CA ILE D 120 34.30 23.33 8.71
C ILE D 120 35.50 24.05 9.34
N GLU D 121 36.18 23.38 10.26
CA GLU D 121 37.26 23.99 11.03
C GLU D 121 38.21 22.93 11.59
N LEU D 122 39.44 23.35 11.88
CA LEU D 122 40.41 22.49 12.57
C LEU D 122 40.59 22.97 14.02
N PRO D 123 40.94 22.05 14.93
CA PRO D 123 41.13 22.44 16.33
C PRO D 123 42.24 23.47 16.50
N ASP D 124 42.11 24.33 17.50
CA ASP D 124 43.05 25.43 17.76
C ASP D 124 44.51 24.97 17.75
N ASP D 125 44.76 23.85 18.41
CA ASP D 125 46.11 23.36 18.63
C ASP D 125 46.79 22.70 17.44
N THR D 126 46.08 22.54 16.31
CA THR D 126 46.63 21.86 15.14
C THR D 126 47.91 22.54 14.65
N ARG D 127 48.90 21.75 14.27
CA ARG D 127 50.20 22.29 13.90
C ARG D 127 51.02 21.29 13.08
N GLY D 128 51.79 21.81 12.13
CA GLY D 128 52.68 20.98 11.33
C GLY D 128 51.96 20.12 10.31
N HIS D 129 50.74 20.52 10.02
CA HIS D 129 49.90 19.81 9.06
C HIS D 129 50.06 20.38 7.65
N ILE D 130 49.89 19.53 6.65
CA ILE D 130 50.02 19.94 5.25
C ILE D 130 48.65 20.19 4.62
N LEU D 131 48.39 21.44 4.26
CA LEU D 131 47.14 21.82 3.60
C LEU D 131 47.16 21.50 2.11
N ILE D 132 46.19 20.73 1.65
CA ILE D 132 46.08 20.44 0.22
C ILE D 132 44.87 21.12 -0.41
N PHE D 133 45.11 22.00 -1.37
CA PHE D 133 44.03 22.65 -2.10
C PHE D 133 43.96 22.15 -3.54
N GLY D 134 42.86 21.49 -3.88
CA GLY D 134 42.70 20.89 -5.19
C GLY D 134 43.11 19.43 -5.21
N ILE D 135 42.25 18.55 -4.75
CA ILE D 135 42.54 17.11 -4.76
C ILE D 135 42.42 16.56 -6.18
N ASP D 136 43.38 15.72 -6.57
CA ASP D 136 43.40 15.06 -7.87
C ASP D 136 44.44 13.94 -7.81
N PRO D 137 44.51 13.09 -8.86
CA PRO D 137 45.45 11.96 -8.86
C PRO D 137 46.87 12.24 -8.38
N ILE D 138 47.44 13.39 -8.76
CA ILE D 138 48.79 13.76 -8.32
C ILE D 138 48.84 13.86 -6.81
N THR D 139 47.94 14.67 -6.25
CA THR D 139 47.91 14.90 -4.81
C THR D 139 47.45 13.66 -4.03
N ARG D 140 46.52 12.90 -4.59
CA ARG D 140 46.12 11.63 -3.97
C ARG D 140 47.30 10.67 -3.84
N THR D 141 48.13 10.62 -4.88
CA THR D 141 49.31 9.76 -4.85
C THR D 141 50.30 10.27 -3.83
N LEU D 142 50.43 11.60 -3.77
CA LEU D 142 51.25 12.29 -2.77
C LEU D 142 50.89 11.86 -1.35
N ILE D 143 49.59 11.94 -1.04
CA ILE D 143 49.09 11.57 0.28
C ILE D 143 49.45 10.13 0.64
N ARG D 144 49.16 9.19 -0.26
CA ARG D 144 49.52 7.80 -0.02
C ARG D 144 51.02 7.66 0.12
N LYS D 145 51.75 8.42 -0.69
CA LYS D 145 53.22 8.35 -0.74
C LYS D 145 53.86 8.72 0.60
N LEU D 146 53.26 9.65 1.33
CA LEU D 146 53.81 10.11 2.59
C LEU D 146 52.99 9.62 3.78
N GLU D 147 52.47 8.41 3.67
CA GLU D 147 51.68 7.82 4.73
C GLU D 147 52.58 7.30 5.84
N SER D 148 53.76 6.84 5.45
CA SER D 148 54.73 6.26 6.39
C SER D 148 55.22 7.27 7.41
N ARG D 149 55.68 8.42 6.93
CA ARG D 149 56.20 9.47 7.80
C ARG D 149 55.10 10.15 8.60
N ASN D 150 53.86 9.72 8.37
CA ASN D 150 52.70 10.14 9.15
C ASN D 150 52.56 11.65 9.30
N HIS D 151 52.48 12.35 8.17
CA HIS D 151 52.15 13.77 8.18
C HIS D 151 50.66 13.91 8.35
N LEU D 152 50.21 15.08 8.78
CA LEU D 152 48.78 15.35 8.81
C LEU D 152 48.33 16.10 7.54
N PHE D 153 47.96 15.33 6.51
CA PHE D 153 47.40 15.91 5.30
C PHE D 153 45.95 16.29 5.51
N VAL D 154 45.62 17.52 5.14
CA VAL D 154 44.25 18.00 5.20
C VAL D 154 43.84 18.55 3.85
N VAL D 155 42.95 17.85 3.15
CA VAL D 155 42.47 18.38 1.88
C VAL D 155 41.27 19.30 2.12
N VAL D 156 41.23 20.39 1.37
CA VAL D 156 40.13 21.34 1.48
C VAL D 156 39.38 21.42 0.16
N THR D 157 38.05 21.38 0.23
CA THR D 157 37.22 21.48 -0.95
C THR D 157 36.00 22.38 -0.75
N ASP D 158 35.64 23.13 -1.78
CA ASP D 158 34.40 23.90 -1.73
C ASP D 158 33.24 23.10 -2.30
N ASN D 159 33.45 21.80 -2.46
CA ASN D 159 32.45 20.93 -3.05
C ASN D 159 31.91 19.89 -2.07
N TYR D 160 30.64 20.05 -1.72
CA TYR D 160 29.98 19.19 -0.73
C TYR D 160 30.01 17.72 -1.12
N ASP D 161 29.56 17.43 -2.34
CA ASP D 161 29.48 16.04 -2.81
C ASP D 161 30.85 15.37 -2.86
N GLN D 162 31.89 16.19 -2.97
CA GLN D 162 33.25 15.67 -2.98
C GLN D 162 33.77 15.47 -1.57
N ALA D 163 33.39 16.36 -0.66
CA ALA D 163 33.76 16.23 0.74
C ALA D 163 33.25 14.90 1.26
N LEU D 164 32.00 14.61 0.95
CA LEU D 164 31.34 13.38 1.38
C LEU D 164 32.06 12.14 0.88
N HIS D 165 32.41 12.12 -0.40
CA HIS D 165 33.11 10.98 -0.98
C HIS D 165 34.52 10.85 -0.42
N LEU D 166 35.13 11.98 -0.11
CA LEU D 166 36.51 11.98 0.36
C LEU D 166 36.64 11.57 1.82
N GLU D 167 35.52 11.55 2.52
CA GLU D 167 35.53 11.17 3.94
C GLU D 167 35.52 9.66 4.10
N GLU D 168 34.56 9.00 3.44
CA GLU D 168 34.35 7.55 3.57
C GLU D 168 35.60 6.71 3.31
N GLN D 169 36.46 7.18 2.42
CA GLN D 169 37.74 6.53 2.15
C GLN D 169 38.85 7.53 2.40
N GLU D 170 39.85 7.16 3.20
CA GLU D 170 40.83 8.15 3.61
C GLU D 170 42.23 7.67 4.01
N GLY D 171 43.16 8.62 3.94
CA GLY D 171 44.51 8.51 4.48
C GLY D 171 44.86 9.93 4.88
N PHE D 172 43.82 10.75 4.93
CA PHE D 172 43.91 12.20 5.14
C PHE D 172 42.67 12.71 5.88
N LYS D 173 42.50 14.02 5.94
CA LYS D 173 41.37 14.63 6.63
C LYS D 173 40.73 15.67 5.72
N VAL D 174 39.40 15.73 5.70
CA VAL D 174 38.69 16.62 4.79
C VAL D 174 37.97 17.78 5.48
N VAL D 175 38.22 18.99 5.00
CA VAL D 175 37.54 20.18 5.48
C VAL D 175 36.74 20.84 4.37
N TYR D 176 35.46 21.07 4.62
CA TYR D 176 34.58 21.69 3.65
C TYR D 176 34.52 23.21 3.83
N GLY D 177 34.93 23.94 2.79
CA GLY D 177 34.90 25.39 2.80
C GLY D 177 35.50 25.99 1.55
N SER D 178 35.23 27.27 1.33
CA SER D 178 35.83 28.01 0.23
C SER D 178 37.31 28.23 0.54
N PRO D 179 38.20 27.73 -0.32
CA PRO D 179 39.63 27.85 -0.08
C PRO D 179 40.08 29.31 -0.06
N THR D 180 39.26 30.22 -0.57
CA THR D 180 39.69 31.60 -0.73
C THR D 180 38.89 32.57 0.13
N ASP D 181 38.75 32.22 1.41
CA ASP D 181 38.25 33.14 2.42
C ASP D 181 39.27 33.12 3.54
N ALA D 182 39.60 34.29 4.07
CA ALA D 182 40.59 34.39 5.13
C ALA D 182 40.11 33.69 6.40
N HIS D 183 38.81 33.78 6.65
CA HIS D 183 38.19 33.17 7.82
C HIS D 183 38.32 31.65 7.78
N VAL D 184 38.08 31.07 6.61
CA VAL D 184 38.19 29.63 6.43
C VAL D 184 39.64 29.18 6.60
N LEU D 185 40.56 29.99 6.10
CA LEU D 185 41.97 29.68 6.25
C LEU D 185 42.41 29.79 7.72
N ALA D 186 41.83 30.76 8.44
CA ALA D 186 42.12 30.91 9.86
C ALA D 186 41.66 29.68 10.63
N GLY D 187 40.50 29.15 10.26
CA GLY D 187 39.99 27.93 10.86
C GLY D 187 40.84 26.72 10.53
N LEU D 188 41.57 26.79 9.42
CA LEU D 188 42.43 25.70 8.99
C LEU D 188 43.80 25.81 9.67
N ARG D 189 43.99 26.90 10.42
CA ARG D 189 45.23 27.17 11.15
C ARG D 189 46.43 27.20 10.22
N VAL D 190 46.38 28.03 9.18
CA VAL D 190 47.47 28.13 8.21
C VAL D 190 48.78 28.59 8.83
N ALA D 191 48.69 29.47 9.82
CA ALA D 191 49.86 30.01 10.47
C ALA D 191 50.72 28.93 11.10
N ALA D 192 50.08 27.83 11.50
CA ALA D 192 50.75 26.73 12.17
C ALA D 192 51.01 25.55 11.25
N ALA D 193 50.68 25.72 9.97
CA ALA D 193 50.84 24.64 8.99
C ALA D 193 52.29 24.49 8.56
N ARG D 194 52.64 23.28 8.12
CA ARG D 194 53.99 22.98 7.67
C ARG D 194 54.23 23.60 6.31
N SER D 195 53.24 23.47 5.43
CA SER D 195 53.37 23.87 4.06
C SER D 195 51.99 23.80 3.42
N ILE D 196 51.85 24.48 2.27
CA ILE D 196 50.59 24.50 1.54
C ILE D 196 50.82 24.12 0.08
N ILE D 197 50.00 23.22 -0.44
CA ILE D 197 50.03 22.90 -1.85
C ILE D 197 48.84 23.50 -2.60
N ALA D 198 49.11 24.52 -3.41
CA ALA D 198 48.09 25.19 -4.22
C ALA D 198 47.96 24.54 -5.58
N ASN D 199 46.97 23.66 -5.70
CA ASN D 199 46.77 22.89 -6.90
C ASN D 199 45.38 23.20 -7.47
N LEU D 200 45.01 24.47 -7.41
CA LEU D 200 43.77 24.95 -8.03
C LEU D 200 44.09 25.48 -9.43
N SER D 201 43.12 26.11 -10.06
CA SER D 201 43.37 26.81 -11.31
C SER D 201 44.33 27.97 -11.07
N ASP D 202 45.02 28.43 -12.11
CA ASP D 202 45.93 29.55 -11.97
C ASP D 202 45.33 30.83 -11.34
N PRO D 203 44.13 31.25 -11.78
CA PRO D 203 43.50 32.39 -11.11
C PRO D 203 43.15 32.11 -9.64
N ASP D 204 42.67 30.92 -9.35
CA ASP D 204 42.32 30.55 -7.98
C ASP D 204 43.56 30.48 -7.11
N ASN D 205 44.58 29.79 -7.60
CA ASN D 205 45.84 29.72 -6.88
C ASN D 205 46.36 31.11 -6.52
N ALA D 206 46.20 32.06 -7.43
CA ALA D 206 46.63 33.43 -7.20
C ALA D 206 45.88 34.03 -6.03
N ASN D 207 44.57 33.85 -6.05
CA ASN D 207 43.70 34.31 -4.97
C ASN D 207 44.11 33.68 -3.64
N LEU D 208 44.19 32.36 -3.63
CA LEU D 208 44.62 31.60 -2.46
C LEU D 208 45.95 32.09 -1.92
N CYS D 209 46.91 32.33 -2.81
CA CYS D 209 48.23 32.78 -2.38
C CYS D 209 48.19 34.13 -1.65
N LEU D 210 47.54 35.10 -2.27
CA LEU D 210 47.47 36.45 -1.70
C LEU D 210 46.71 36.44 -0.38
N THR D 211 45.70 35.58 -0.28
CA THR D 211 44.91 35.46 0.94
C THR D 211 45.71 34.85 2.10
N VAL D 212 46.39 33.74 1.82
CA VAL D 212 47.26 33.12 2.80
C VAL D 212 48.29 34.14 3.28
N ARG D 213 48.89 34.86 2.35
CA ARG D 213 49.94 35.83 2.67
C ARG D 213 49.45 37.01 3.51
N SER D 214 48.14 37.26 3.50
CA SER D 214 47.57 38.29 4.35
C SER D 214 47.58 37.83 5.82
N LEU D 215 47.64 36.52 5.99
CA LEU D 215 47.61 35.92 7.31
C LEU D 215 49.01 35.53 7.78
N CYS D 216 49.71 34.77 6.96
CA CYS D 216 50.93 34.14 7.40
C CYS D 216 52.00 34.06 6.31
N GLN D 217 53.11 33.41 6.67
CA GLN D 217 54.27 33.31 5.80
C GLN D 217 54.55 31.85 5.50
N THR D 218 53.54 31.02 5.70
CA THR D 218 53.62 29.58 5.43
C THR D 218 54.04 29.31 4.00
N PRO D 219 55.07 28.47 3.84
CA PRO D 219 55.54 28.08 2.51
C PRO D 219 54.42 27.54 1.64
N ILE D 220 54.29 28.09 0.43
CA ILE D 220 53.30 27.66 -0.54
C ILE D 220 53.99 27.02 -1.73
N ILE D 221 53.54 25.82 -2.10
CA ILE D 221 53.97 25.18 -3.33
C ILE D 221 52.79 25.16 -4.30
N ALA D 222 52.86 25.96 -5.35
CA ALA D 222 51.78 26.05 -6.33
C ALA D 222 52.06 25.21 -7.57
N VAL D 223 51.09 24.40 -7.96
CA VAL D 223 51.16 23.74 -9.26
C VAL D 223 50.57 24.65 -10.32
N VAL D 224 51.37 25.03 -11.31
CA VAL D 224 50.95 25.98 -12.33
C VAL D 224 50.57 25.28 -13.64
N LYS D 225 49.54 25.78 -14.31
CA LYS D 225 49.04 25.13 -15.52
C LYS D 225 49.72 25.69 -16.77
N GLU D 226 49.73 27.02 -16.86
CA GLU D 226 50.44 27.70 -17.94
C GLU D 226 51.71 28.33 -17.41
N PRO D 227 52.87 27.70 -17.69
CA PRO D 227 54.20 28.09 -17.22
C PRO D 227 54.47 29.59 -17.28
N VAL D 228 53.79 30.29 -18.18
CA VAL D 228 53.92 31.74 -18.31
C VAL D 228 53.36 32.45 -17.09
N HIS D 229 52.57 31.73 -16.29
CA HIS D 229 51.94 32.29 -15.11
C HIS D 229 52.79 32.10 -13.86
N GLY D 230 53.92 31.42 -14.01
CA GLY D 230 54.82 31.16 -12.91
C GLY D 230 55.26 32.39 -12.16
N GLU D 231 55.67 33.43 -12.90
CA GLU D 231 56.12 34.68 -12.29
C GLU D 231 54.99 35.35 -11.49
N LEU D 232 53.77 35.25 -12.02
CA LEU D 232 52.62 35.85 -11.36
C LEU D 232 52.37 35.19 -10.01
N LEU D 233 52.46 33.87 -9.98
CA LEU D 233 52.20 33.13 -8.75
C LEU D 233 53.27 33.38 -7.68
N ARG D 234 54.51 33.58 -8.11
CA ARG D 234 55.58 33.97 -7.21
C ARG D 234 55.27 35.36 -6.66
N LEU D 235 54.77 36.22 -7.54
CA LEU D 235 54.41 37.58 -7.16
C LEU D 235 53.33 37.57 -6.09
N ALA D 236 52.40 36.62 -6.22
CA ALA D 236 51.28 36.53 -5.30
C ALA D 236 51.65 35.89 -3.95
N GLY D 237 52.82 35.29 -3.85
CA GLY D 237 53.30 34.78 -2.58
C GLY D 237 53.83 33.36 -2.51
N ALA D 238 53.66 32.58 -3.57
CA ALA D 238 54.14 31.19 -3.59
C ALA D 238 55.67 31.13 -3.50
N ASN D 239 56.16 30.20 -2.68
CA ASN D 239 57.60 30.01 -2.50
C ASN D 239 58.19 29.24 -3.66
N GLN D 240 57.42 28.28 -4.17
CA GLN D 240 57.85 27.46 -5.27
C GLN D 240 56.70 27.27 -6.27
N VAL D 241 57.05 27.18 -7.55
CA VAL D 241 56.06 26.99 -8.59
C VAL D 241 56.40 25.74 -9.40
N VAL D 242 55.42 24.88 -9.64
CA VAL D 242 55.68 23.63 -10.35
C VAL D 242 54.83 23.53 -11.61
N PRO D 243 55.46 23.69 -12.78
CA PRO D 243 54.78 23.57 -14.07
C PRO D 243 54.73 22.11 -14.54
N LEU D 244 53.82 21.34 -13.96
CA LEU D 244 53.72 19.90 -14.24
C LEU D 244 53.38 19.53 -15.68
N THR D 245 52.42 20.23 -16.29
CA THR D 245 52.04 19.92 -17.66
C THR D 245 53.23 20.13 -18.59
N ARG D 246 53.98 21.20 -18.37
CA ARG D 246 55.16 21.43 -19.18
C ARG D 246 56.14 20.28 -18.96
N ILE D 247 56.40 19.97 -17.70
CA ILE D 247 57.32 18.88 -17.37
C ILE D 247 56.87 17.55 -17.98
N LEU D 248 55.63 17.17 -17.71
CA LEU D 248 55.10 15.92 -18.24
C LEU D 248 55.13 15.85 -19.77
N GLY D 249 54.76 16.95 -20.42
CA GLY D 249 54.87 17.02 -21.87
C GLY D 249 56.29 16.87 -22.35
N ARG D 250 57.22 17.50 -21.64
CA ARG D 250 58.64 17.39 -21.95
C ARG D 250 59.11 15.94 -21.82
N TYR D 251 58.53 15.21 -20.86
CA TYR D 251 58.93 13.82 -20.64
C TYR D 251 58.54 12.91 -21.79
N LEU D 252 57.32 13.09 -22.30
CA LEU D 252 56.87 12.35 -23.46
C LEU D 252 57.76 12.64 -24.67
N GLY D 253 58.14 13.91 -24.83
CA GLY D 253 58.99 14.32 -25.93
C GLY D 253 60.37 13.72 -25.84
N ILE D 254 60.97 13.79 -24.65
CA ILE D 254 62.27 13.18 -24.42
C ILE D 254 62.26 11.69 -24.75
N ARG D 255 61.24 10.98 -24.28
CA ARG D 255 61.11 9.55 -24.56
C ARG D 255 60.83 9.22 -26.02
N ALA D 256 60.13 10.10 -26.71
CA ALA D 256 59.71 9.83 -28.08
C ALA D 256 60.85 9.85 -29.08
N THR D 257 61.93 10.54 -28.73
CA THR D 257 63.03 10.75 -29.67
C THR D 257 64.30 10.02 -29.28
N THR D 258 64.53 9.91 -27.98
CA THR D 258 65.78 9.42 -27.40
C THR D 258 66.33 8.11 -28.02
N ASP D 348 64.02 10.31 -42.43
CA ASP D 348 62.57 10.47 -42.39
C ASP D 348 61.96 10.17 -41.01
N GLU D 349 61.90 11.19 -40.16
CA GLU D 349 61.35 11.07 -38.81
C GLU D 349 60.02 11.80 -38.69
N LEU D 350 59.02 11.13 -38.13
CA LEU D 350 57.67 11.71 -38.02
C LEU D 350 56.95 11.21 -36.77
N ILE D 351 56.75 12.10 -35.80
CA ILE D 351 56.09 11.72 -34.55
C ILE D 351 54.63 12.14 -34.50
N PHE D 352 53.75 11.17 -34.25
CA PHE D 352 52.33 11.43 -34.07
C PHE D 352 52.04 11.74 -32.62
N ILE D 353 51.50 12.92 -32.35
CA ILE D 353 51.09 13.23 -30.98
C ILE D 353 49.57 13.23 -30.82
N ILE D 354 49.04 12.16 -30.23
CA ILE D 354 47.61 12.05 -30.03
C ILE D 354 47.17 12.77 -28.77
N GLY D 355 46.28 13.75 -28.93
CA GLY D 355 45.86 14.58 -27.82
C GLY D 355 46.61 15.90 -27.77
N HIS D 356 45.88 17.00 -27.92
CA HIS D 356 46.50 18.32 -27.94
C HIS D 356 45.94 19.22 -26.82
N GLY D 357 45.99 18.72 -25.59
CA GLY D 357 45.77 19.55 -24.42
C GLY D 357 47.11 20.13 -23.99
N ARG D 358 47.16 20.71 -22.79
CA ARG D 358 48.38 21.35 -22.30
C ARG D 358 49.63 20.44 -22.30
N ILE D 359 49.46 19.17 -21.95
CA ILE D 359 50.58 18.23 -21.94
C ILE D 359 51.02 17.86 -23.36
N GLY D 360 50.07 17.43 -24.19
CA GLY D 360 50.37 17.09 -25.56
C GLY D 360 50.96 18.27 -26.30
N CYS D 361 50.48 19.46 -25.96
CA CYS D 361 51.00 20.71 -26.50
C CYS D 361 52.44 20.90 -26.05
N ALA D 362 52.69 20.64 -24.77
CA ALA D 362 54.04 20.71 -24.22
C ALA D 362 55.00 19.76 -24.96
N ALA D 363 54.57 18.52 -25.16
CA ALA D 363 55.30 17.56 -25.96
C ALA D 363 55.60 18.13 -27.34
N ALA D 364 54.59 18.71 -27.97
CA ALA D 364 54.76 19.28 -29.30
C ALA D 364 55.73 20.46 -29.24
N ALA D 365 55.63 21.23 -28.16
CA ALA D 365 56.51 22.38 -27.97
C ALA D 365 57.96 21.92 -27.78
N PHE D 366 58.14 20.79 -27.13
CA PHE D 366 59.47 20.23 -26.91
C PHE D 366 60.09 19.79 -28.23
N LEU D 367 59.28 19.18 -29.08
CA LEU D 367 59.77 18.67 -30.36
C LEU D 367 60.08 19.81 -31.34
N ASP D 368 59.79 21.05 -30.95
CA ASP D 368 60.11 22.20 -31.78
C ASP D 368 61.53 22.69 -31.55
N ARG D 369 61.91 22.88 -30.29
CA ARG D 369 63.25 23.31 -29.94
C ARG D 369 64.32 22.47 -30.62
N LYS D 370 64.31 21.16 -30.35
CA LYS D 370 65.12 20.23 -31.13
C LYS D 370 64.30 19.76 -32.32
N PRO D 371 64.67 20.22 -33.52
CA PRO D 371 63.90 20.04 -34.76
C PRO D 371 63.53 18.59 -35.11
N VAL D 372 62.33 18.20 -34.73
CA VAL D 372 61.71 16.94 -35.16
C VAL D 372 60.29 17.26 -35.61
N PRO D 373 59.90 16.78 -36.80
CA PRO D 373 58.54 17.06 -37.26
C PRO D 373 57.49 16.15 -36.64
N PHE D 374 56.28 16.70 -36.46
CA PHE D 374 55.22 15.98 -35.76
C PHE D 374 53.84 16.30 -36.30
N ILE D 375 52.87 15.46 -35.95
CA ILE D 375 51.46 15.70 -36.26
C ILE D 375 50.64 15.64 -34.98
N LEU D 376 49.86 16.69 -34.73
CA LEU D 376 48.95 16.71 -33.59
C LEU D 376 47.55 16.32 -34.00
N ILE D 377 46.92 15.43 -33.22
CA ILE D 377 45.52 15.09 -33.43
C ILE D 377 44.69 15.36 -32.17
N ASP D 378 43.47 15.85 -32.36
CA ASP D 378 42.62 16.17 -31.23
C ASP D 378 41.17 16.36 -31.67
N ARG D 379 40.25 16.04 -30.76
CA ARG D 379 38.81 16.14 -31.02
C ARG D 379 38.39 17.57 -31.36
N GLN D 380 38.77 18.51 -30.49
CA GLN D 380 38.40 19.91 -30.67
C GLN D 380 39.61 20.81 -30.63
N GLU D 381 39.43 22.07 -30.98
CA GLU D 381 40.55 23.00 -31.03
C GLU D 381 40.92 23.51 -29.64
N SER D 382 42.21 23.77 -29.45
CA SER D 382 42.70 24.27 -28.17
C SER D 382 42.17 25.67 -27.90
N PRO D 383 41.66 25.89 -26.69
CA PRO D 383 41.19 27.21 -26.28
C PRO D 383 42.35 28.13 -25.91
N VAL D 384 43.56 27.59 -25.79
CA VAL D 384 44.69 28.35 -25.27
C VAL D 384 45.89 28.43 -26.23
N CYS D 385 45.97 27.55 -27.21
CA CYS D 385 47.07 27.58 -28.15
C CYS D 385 46.69 27.98 -29.57
N ASN D 386 47.45 28.91 -30.13
CA ASN D 386 47.28 29.33 -31.52
C ASN D 386 48.52 29.01 -32.35
N ASP D 387 49.52 28.42 -31.71
CA ASP D 387 50.84 28.26 -32.32
C ASP D 387 51.04 26.94 -33.06
N HIS D 388 50.24 25.94 -32.73
CA HIS D 388 50.38 24.61 -33.34
C HIS D 388 49.27 24.33 -34.36
N VAL D 389 49.63 23.65 -35.44
CA VAL D 389 48.64 23.20 -36.40
C VAL D 389 48.14 21.81 -36.01
N VAL D 390 46.83 21.67 -35.89
CA VAL D 390 46.23 20.43 -35.39
C VAL D 390 45.34 19.76 -36.41
N VAL D 391 45.46 18.45 -36.54
CA VAL D 391 44.51 17.66 -37.31
C VAL D 391 43.33 17.28 -36.43
N TYR D 392 42.17 17.88 -36.70
CA TYR D 392 40.98 17.61 -35.92
C TYR D 392 40.35 16.26 -36.26
N GLY D 393 40.01 15.50 -35.22
CA GLY D 393 39.38 14.20 -35.37
C GLY D 393 39.41 13.44 -34.07
N ASP D 394 38.63 12.37 -33.99
CA ASP D 394 38.67 11.48 -32.83
C ASP D 394 39.58 10.31 -33.18
N ALA D 395 40.69 10.19 -32.45
CA ALA D 395 41.69 9.16 -32.72
C ALA D 395 41.12 7.75 -32.60
N THR D 396 39.96 7.65 -31.97
CA THR D 396 39.29 6.38 -31.75
C THR D 396 38.45 5.95 -32.95
N VAL D 397 37.69 6.88 -33.52
CA VAL D 397 36.73 6.57 -34.58
C VAL D 397 37.36 6.32 -35.95
N GLY D 398 36.94 5.23 -36.59
CA GLY D 398 37.25 4.97 -37.99
C GLY D 398 38.69 5.03 -38.44
N GLN D 399 38.89 5.53 -39.65
CA GLN D 399 40.21 5.60 -40.27
C GLN D 399 41.02 6.81 -39.83
N THR D 400 40.43 7.63 -38.96
CA THR D 400 40.98 8.94 -38.56
C THR D 400 42.50 9.02 -38.44
N LEU D 401 43.11 7.99 -37.87
CA LEU D 401 44.56 8.00 -37.70
C LEU D 401 45.29 7.70 -39.00
N ARG D 402 44.88 6.63 -39.69
CA ARG D 402 45.48 6.25 -40.96
C ARG D 402 45.17 7.26 -42.07
N GLN D 403 44.05 7.95 -41.92
CA GLN D 403 43.61 8.98 -42.85
C GLN D 403 44.38 10.28 -42.59
N ALA D 404 45.35 10.20 -41.67
CA ALA D 404 46.18 11.35 -41.29
C ALA D 404 47.65 10.99 -41.44
N GLY D 405 47.91 9.84 -42.05
CA GLY D 405 49.26 9.38 -42.32
C GLY D 405 49.95 8.74 -41.13
N ILE D 406 49.22 7.91 -40.40
CA ILE D 406 49.75 7.25 -39.21
C ILE D 406 50.81 6.22 -39.60
N ASP D 407 50.76 5.78 -40.86
CA ASP D 407 51.65 4.73 -41.35
C ASP D 407 53.03 5.28 -41.69
N ARG D 408 53.12 6.59 -41.80
CA ARG D 408 54.38 7.24 -42.18
C ARG D 408 55.09 7.76 -40.95
N ALA D 409 54.66 7.30 -39.78
CA ALA D 409 55.20 7.79 -38.51
C ALA D 409 56.37 6.95 -38.05
N SER D 410 57.29 7.59 -37.34
CA SER D 410 58.42 6.87 -36.73
C SER D 410 58.25 6.77 -35.21
N GLY D 411 57.14 7.28 -34.71
CA GLY D 411 56.88 7.30 -33.28
C GLY D 411 55.53 7.87 -32.93
N ILE D 412 54.92 7.35 -31.87
CA ILE D 412 53.61 7.80 -31.42
C ILE D 412 53.65 8.22 -29.94
N ILE D 413 53.06 9.39 -29.65
CA ILE D 413 52.85 9.81 -28.27
C ILE D 413 51.36 9.80 -27.96
N VAL D 414 50.94 8.94 -27.04
CA VAL D 414 49.53 8.90 -26.62
C VAL D 414 49.28 9.74 -25.37
N THR D 415 48.69 10.92 -25.54
CA THR D 415 48.43 11.86 -24.44
C THR D 415 46.98 12.30 -24.34
N THR D 416 46.06 11.35 -24.35
CA THR D 416 44.67 11.68 -24.11
C THR D 416 44.47 11.66 -22.59
N ASN D 417 43.59 12.51 -22.08
CA ASN D 417 43.34 12.58 -20.64
C ASN D 417 42.57 11.39 -20.08
N ASP D 418 42.12 10.52 -20.97
CA ASP D 418 41.45 9.29 -20.59
C ASP D 418 42.38 8.10 -20.76
N ASP D 419 42.59 7.32 -19.69
CA ASP D 419 43.50 6.18 -19.73
C ASP D 419 43.03 5.01 -20.59
N SER D 420 41.74 4.70 -20.53
CA SER D 420 41.21 3.65 -21.38
C SER D 420 41.42 3.95 -22.85
N THR D 421 41.27 5.22 -23.21
CA THR D 421 41.48 5.63 -24.59
C THR D 421 42.96 5.51 -24.93
N ASN D 422 43.82 5.92 -24.01
CA ASN D 422 45.25 5.71 -24.17
C ASN D 422 45.61 4.24 -24.38
N ILE D 423 45.18 3.39 -23.45
CA ILE D 423 45.36 1.95 -23.56
C ILE D 423 44.85 1.42 -24.91
N PHE D 424 43.64 1.82 -25.28
CA PHE D 424 42.98 1.35 -26.49
C PHE D 424 43.72 1.76 -27.76
N LEU D 425 44.16 3.01 -27.82
CA LEU D 425 44.94 3.49 -28.96
C LEU D 425 46.29 2.79 -29.00
N THR D 426 46.94 2.65 -27.85
CA THR D 426 48.19 1.91 -27.77
C THR D 426 48.00 0.48 -28.24
N LEU D 427 46.97 -0.18 -27.74
CA LEU D 427 46.60 -1.51 -28.20
C LEU D 427 46.57 -1.57 -29.73
N ALA D 428 45.82 -0.64 -30.32
CA ALA D 428 45.65 -0.59 -31.78
C ALA D 428 46.95 -0.27 -32.52
N CYS D 429 47.68 0.74 -32.05
CA CYS D 429 48.88 1.18 -32.74
C CYS D 429 49.91 0.07 -32.82
N ARG D 430 50.13 -0.60 -31.71
CA ARG D 430 51.08 -1.70 -31.64
C ARG D 430 50.59 -2.89 -32.47
N HIS D 431 49.28 -3.01 -32.61
CA HIS D 431 48.72 -4.10 -33.39
C HIS D 431 49.06 -3.90 -34.85
N LEU D 432 48.91 -2.67 -35.33
CA LEU D 432 49.18 -2.33 -36.72
C LEU D 432 50.66 -2.33 -37.03
N HIS D 433 51.45 -1.69 -36.18
CA HIS D 433 52.89 -1.64 -36.37
C HIS D 433 53.59 -2.25 -35.16
N SER D 434 54.18 -3.42 -35.36
CA SER D 434 54.73 -4.22 -34.27
C SER D 434 55.91 -3.58 -33.55
N HIS D 435 56.54 -2.58 -34.16
CA HIS D 435 57.79 -2.06 -33.62
C HIS D 435 57.88 -0.56 -33.41
N ILE D 436 56.96 0.20 -33.96
CA ILE D 436 57.01 1.67 -33.83
C ILE D 436 57.09 2.11 -32.36
N ARG D 437 57.93 3.11 -32.08
CA ARG D 437 58.09 3.60 -30.72
C ARG D 437 56.80 4.24 -30.21
N ILE D 438 56.23 3.65 -29.18
CA ILE D 438 55.02 4.20 -28.56
C ILE D 438 55.32 4.70 -27.15
N VAL D 439 55.26 6.01 -26.96
CA VAL D 439 55.30 6.59 -25.62
C VAL D 439 53.88 6.95 -25.18
N ALA D 440 53.41 6.35 -24.09
CA ALA D 440 52.05 6.59 -23.64
C ALA D 440 52.03 7.38 -22.34
N ARG D 441 50.92 8.08 -22.12
CA ARG D 441 50.72 8.87 -20.90
C ARG D 441 49.70 8.17 -20.02
N ALA D 442 50.00 8.07 -18.74
CA ALA D 442 49.08 7.43 -17.79
C ALA D 442 48.59 8.43 -16.76
N ASN D 443 47.28 8.64 -16.74
CA ASN D 443 46.70 9.66 -15.87
C ASN D 443 46.63 9.23 -14.41
N GLY D 444 46.57 7.92 -14.19
CA GLY D 444 46.58 7.36 -12.86
C GLY D 444 47.43 6.12 -12.82
N GLU D 445 48.05 5.86 -11.68
CA GLU D 445 49.02 4.77 -11.60
C GLU D 445 48.39 3.39 -11.75
N GLU D 446 47.07 3.31 -11.63
CA GLU D 446 46.40 2.02 -11.76
C GLU D 446 46.36 1.53 -13.19
N ASN D 447 46.60 2.42 -14.16
CA ASN D 447 46.61 2.03 -15.57
C ASN D 447 47.98 1.87 -16.21
N VAL D 448 49.03 2.20 -15.46
CA VAL D 448 50.40 2.12 -15.98
C VAL D 448 50.73 0.76 -16.57
N ASP D 449 50.48 -0.30 -15.82
CA ASP D 449 50.82 -1.65 -16.24
C ASP D 449 50.11 -2.12 -17.50
N GLN D 450 48.87 -1.69 -17.66
CA GLN D 450 48.08 -2.08 -18.81
C GLN D 450 48.51 -1.34 -20.07
N LEU D 451 49.09 -0.16 -19.91
CA LEU D 451 49.68 0.55 -21.05
C LEU D 451 50.87 -0.21 -21.59
N TYR D 452 51.75 -0.66 -20.69
CA TYR D 452 52.85 -1.53 -21.07
C TYR D 452 52.33 -2.80 -21.72
N ALA D 453 51.36 -3.44 -21.07
CA ALA D 453 50.77 -4.66 -21.57
C ALA D 453 50.11 -4.45 -22.93
N ALA D 454 49.76 -3.21 -23.22
CA ALA D 454 49.14 -2.87 -24.50
C ALA D 454 50.17 -2.78 -25.60
N GLY D 455 51.41 -2.46 -25.21
CA GLY D 455 52.51 -2.43 -26.15
C GLY D 455 53.33 -1.16 -26.08
N ALA D 456 53.10 -0.34 -25.07
CA ALA D 456 53.85 0.89 -24.91
C ALA D 456 55.33 0.61 -24.62
N ASP D 457 56.22 1.37 -25.26
CA ASP D 457 57.64 1.21 -25.06
C ASP D 457 58.10 1.94 -23.79
N PHE D 458 57.44 3.05 -23.50
CA PHE D 458 57.61 3.72 -22.22
C PHE D 458 56.30 4.36 -21.77
N VAL D 459 56.06 4.32 -20.46
CA VAL D 459 54.86 4.95 -19.91
C VAL D 459 55.26 6.10 -18.99
N VAL D 460 54.69 7.27 -19.22
CA VAL D 460 54.87 8.36 -18.27
C VAL D 460 53.65 8.49 -17.36
N SER D 461 53.87 8.21 -16.08
CA SER D 461 52.81 8.20 -15.07
C SER D 461 52.71 9.55 -14.37
N ASN D 462 51.75 10.37 -14.80
CA ASN D 462 51.57 11.72 -14.25
C ASN D 462 51.57 11.74 -12.72
N ALA D 463 50.74 10.88 -12.14
CA ALA D 463 50.56 10.82 -10.69
C ALA D 463 51.89 10.59 -9.97
N SER D 464 52.65 9.63 -10.48
CA SER D 464 53.92 9.26 -9.86
C SER D 464 54.95 10.38 -10.01
N VAL D 465 55.00 10.99 -11.19
CA VAL D 465 55.94 12.05 -11.47
C VAL D 465 55.62 13.31 -10.67
N GLY D 466 54.34 13.64 -10.59
CA GLY D 466 53.91 14.81 -9.86
C GLY D 466 54.13 14.68 -8.36
N ALA D 467 53.71 13.55 -7.81
CA ALA D 467 53.86 13.30 -6.39
C ALA D 467 55.32 13.32 -5.99
N ASN D 468 56.16 12.71 -6.81
CA ASN D 468 57.60 12.67 -6.58
C ASN D 468 58.22 14.06 -6.48
N ILE D 469 57.80 14.95 -7.39
CA ILE D 469 58.31 16.32 -7.37
C ILE D 469 57.85 17.03 -6.10
N LEU D 470 56.54 17.07 -5.89
CA LEU D 470 55.94 17.69 -4.72
C LEU D 470 56.48 17.05 -3.46
N GLY D 471 56.65 15.73 -3.51
CA GLY D 471 57.24 15.00 -2.40
C GLY D 471 58.62 15.54 -2.09
N ASN D 472 59.49 15.52 -3.09
CA ASN D 472 60.86 16.02 -2.92
C ASN D 472 60.89 17.49 -2.57
N LEU D 473 59.80 18.20 -2.85
CA LEU D 473 59.73 19.61 -2.51
C LEU D 473 59.28 19.84 -1.07
N LEU D 474 58.48 18.92 -0.55
CA LEU D 474 58.01 19.03 0.82
C LEU D 474 59.10 18.67 1.83
N GLU D 475 59.77 17.53 1.61
CA GLU D 475 60.77 17.05 2.56
C GLU D 475 62.10 17.79 2.48
N HIS D 476 62.53 18.15 1.28
CA HIS D 476 63.74 18.96 1.12
C HIS D 476 63.49 20.42 1.47
N LYS D 477 62.26 20.71 1.89
CA LYS D 477 61.91 22.03 2.40
C LYS D 477 62.27 22.14 3.87
N GLU D 478 62.14 21.02 4.59
CA GLU D 478 62.39 21.01 6.03
C GLU D 478 63.24 19.83 6.50
N SER D 479 64.04 19.28 5.60
CA SER D 479 64.97 18.20 5.95
C SER D 479 66.15 18.17 4.98
#